data_7R78
#
_entry.id   7R78
#
_cell.length_a   1.00
_cell.length_b   1.00
_cell.length_c   1.00
_cell.angle_alpha   90.00
_cell.angle_beta   90.00
_cell.angle_gamma   90.00
#
_symmetry.space_group_name_H-M   'P 1'
#
loop_
_entity.id
_entity.type
_entity.pdbx_description
1 polymer 'DNA repair protein Rad8'
2 polymer "DNA (5'-D(P*CP*AP*GP*(5CM)P*GP*CP*AP*T)-3')"
3 polymer "DNA (5'-D(*TP*GP*CP*GP*CP*TP*GP*AP*CP*A)-3')"
4 non-polymer S-ADENOSYL-L-HOMOCYSTEINE
5 non-polymer 'ZINC ION'
6 non-polymer 'PHOSPHOAMINOPHOSPHONIC ACID-ADENYLATE ESTER'
7 non-polymer 'MAGNESIUM ION'
#
loop_
_entity_poly.entity_id
_entity_poly.type
_entity_poly.pdbx_seq_one_letter_code
_entity_poly.pdbx_strand_id
1 'polypeptide(L)'
;MSYYHHHHHHDYDIPTTENLYFQGAMGSGDDWYEIDYIADSRVIRRKGRQILQYLIHWAGYAVHERTWEDEDGIGGEDCA
LVQEFYRKNPGKPRLSPSSVRKEVKLARMVEVVITTRRIDGKSRAASSTDQPSPHRLGITSPQANNIGGEDPNPSLTRRP
VRSTVSEIAKRPTSKKVHPNKKCKASSDDESDFVFEEGEWDEDEDDDNDVDFRSSEDDEDDEQERSAEEPESDEEIIKPA
KKTKSSLPKAKLRPKPANLGGFVTGVRPLNQGLDIKAAVRNMSDDLPPISDIEAMFDHLVSRIPDIVELVRQLNGRKLRV
ATMCSGTESPLLALNMIAKAIKAQHGLTLAFEHVFSCEIEPFKQAYIERNFTPPILFRDVTELGKKRAHTAYGSMVDVPG
DVDILIAGTSCVDYSNLNNVQQDIDANGESGRTFRGMLQWVKKHQPPIVILENVCNAPWDKVVEYFGQIDYDAQYTRLDT
KEFYIPHTRTRVYLFATPSSSESDDLPEKWAQTVKDLRRPWSSPFEAFLLHTDDPNIHRARLELASARAQTDGTSRKTTD
WNRCESRHQRARQDEALGLLRPLTSWQEAGVCKGLDWTWNDWLLAQTERVVDLLEISTLRMAKDGIDSGFKACIWNVSQN
VDRQTGSSKTALAPCLTPNMIPWVTIRGGPVTGREALALQGIPVRELLLTSENEDQLADLAGNAMTTTVVGSAMIAALKV
ACHKITEGANPEKEAALILEKEAVDDEQVANRIIGEDYLEHHDLDLAKVTKSNLSEILDLACRSSRHCQCEGQSGTAPNI
LECQECSYRACKSCGGRPEHVYAPCANQRVEPAEFEKRFKGLLPMRVRIAGLTDQCLNAVRKAAEKSNKGSVNDNDWQLW
STALLEGIHDAEFRFRYLKRQSTWTAVYEARRAMLSLVLRNQIPEWRLTIKAPASEPNNSQLRALLLHPVARLQIDIAGQ
DVLCGPWELCIPSMKTIDIEITGKGELLPSWQASLGLQGPFANTTRWSEVEISLQAEDENTLDRKLSGTYQLLPRCGQAM
SSLHKKRPDLSDDGLPQLYFFLDPTRCGESREDRYVFSTSTERLDYGTERPVIARLDSHWREGNEKQRKVKLDVSGAWVK
CPEAHLTAIGGDDIAVVANDAAANEIHRDRATFAIPSSASAISASLTTEGCSHAMALLSCRVPLDPTHSESMWRRGAWAE
IDLSHQGNTTFANLAWITERLPPLDGLKNWAHIADDVSEHVCERCAPRPPKIHWIKREGKANKKGNKTKSTIIAFEDKLE
AGQYEHALKHRPSPFVVQLRLDQDIGSFRIGLNIVSLAHRALSRLPPTTSEHKISLSWRLTPGHVTESPQPRRVFILPSN
KQDPENSQPEAFKLPLRKEQLRSLWWMLEQEKATGKTHTFVEEEISESLLPAVGWRAEGKAERPVMVRGGVIADQVGYGK
TVISIALVAQTLSLPAPEPATPGLIDLKATLIVVPGHLSKQWPNEIARFTGSMFKVIVIQGMKDLQEKTIAELGKADIIV
MASEIFESDVYWSRLEYLSAQPREWLHDTQGGRFFCDRLDAAMESLVSQTKILKEKGSEAAMRAMEDKKKSLVDNVGSKK
EVHTAVNFGKRMKGQAYRDKHDSDSKAKPITKEELERWEASEDEDDDENSKTYIPIPKFHSFTGSESIFSASVKKDYKLL
PNPVLHMFRFRRVIADEFTYLQKKSLAAVLRLSSSYRWILSGTPPVSDFAAIRSIATFMGIHLGVEDDGEGDVQYQKARA
KDQTQAEKFHAFREVHSRAWHNRRDELAQEFLNVFVRQNIAEIEDIPTVEHIHTFKLPASEGAVYLELEHHLQALEMQAR
KETKFKNVSQGDRNARLEEALSDSKTAEEALLKRCCHFTLDLSDKTQDAKSAQEACDHITSARARQLLACQEDLSRSVNQ
AIALHGWIKKKGGFSKNDDERQPFAEWIAFSSNISKHQGDIEAARILLKVIEKCGVKDGNIPPSPSDKQSPSIASGAKMD
DVKWQLREQTHLLRKLVKELVARVRSLRFFEVVRKIQKGKSDAQIVLESSECGHKPSTNPDIEMAILSCCGHVACHKCMR
KAAASQRCVKSGECQAAVRPTNIVKVSSLGVEGELSSGRYGAKLEHLVNLIHSIPKNERVLVFLQWEDLAGKVSEALSAG
RIPHVTLSGSAKSRANTLDRFQSTNADSARVLLLKMNDASAAGSNLTTANHAVFLGPLFTNSLFNYRAVETQAIGRVRRY
GQQKKVHIHRLLALDTIDMTIFNARRTELKEKTDWEEIPQEEYKGRGSSISMTNEKRTPTLTVKSNPFKRSSSWALASSF
RSKKRSMEARDAEGVSDDDENSELSDII
;
A
2 'polydeoxyribonucleotide'
;(DT)(DG)(DT)(DA)(DT)(DG)(DG)(DT)(DC)(DT)(DT)(DA)(DG)(DG)(DC)(DA)(DA)(DT)(DT)(DC)
(DT)(DA)(DG)(DT)(DG)(DT)(DC)(DA)(DG)(5CM)(DG)(DC)(DA)(DT)(DG)(DG)
;
D
3 'polydeoxyribonucleotide'
;(DC)(DC)(DA)(DT)(DG)(DC)(DG)(DC)(DT)(DG)(DA)(DC)(DA)(DC)(DT)(DA)(DG)(DA)(DA)(DT)
(DT)(DG)(DC)(DC)(DT)(DA)(DA)(DG)(DA)(DC)(DC)(DA)(DT)(DA)(DC)(DA)
;
E
#
# COMPACT_ATOMS: atom_id res chain seq x y z
N ASP A 284 -30.58 24.17 -3.39
CA ASP A 284 -31.95 24.49 -3.07
C ASP A 284 -32.07 25.83 -2.37
N ASP A 285 -32.12 26.91 -3.16
CA ASP A 285 -32.39 28.27 -2.70
C ASP A 285 -31.49 28.70 -1.53
N LEU A 286 -30.37 28.02 -1.34
CA LEU A 286 -29.42 28.30 -0.29
C LEU A 286 -28.02 28.38 -0.88
N PRO A 287 -27.12 29.16 -0.28
CA PRO A 287 -25.76 29.22 -0.79
C PRO A 287 -25.05 27.90 -0.58
N PRO A 288 -24.15 27.51 -1.47
CA PRO A 288 -23.39 26.28 -1.26
C PRO A 288 -22.33 26.49 -0.20
N ILE A 289 -22.49 25.82 0.94
CA ILE A 289 -21.54 25.94 2.04
C ILE A 289 -20.82 24.60 2.17
N SER A 290 -19.51 24.67 2.26
CA SER A 290 -18.67 23.48 2.32
C SER A 290 -17.57 23.56 3.36
N ASP A 291 -17.22 24.76 3.81
CA ASP A 291 -16.14 24.91 4.78
C ASP A 291 -16.67 24.94 6.20
N ILE A 292 -16.23 23.98 7.01
CA ILE A 292 -16.75 23.82 8.37
C ILE A 292 -16.67 25.13 9.15
N GLU A 293 -15.57 25.86 9.01
CA GLU A 293 -15.47 27.14 9.68
C GLU A 293 -16.59 28.08 9.26
N ALA A 294 -16.94 28.08 7.98
CA ALA A 294 -17.98 28.98 7.50
C ALA A 294 -19.34 28.59 8.04
N MET A 295 -19.63 27.29 8.10
CA MET A 295 -20.94 26.92 8.63
C MET A 295 -21.02 27.21 10.12
N PHE A 296 -19.91 27.11 10.86
CA PHE A 296 -20.00 27.46 12.27
C PHE A 296 -20.16 28.95 12.49
N ASP A 297 -19.42 29.78 11.73
CA ASP A 297 -19.61 31.22 11.98
C ASP A 297 -20.99 31.66 11.49
N HIS A 298 -21.55 30.98 10.49
CA HIS A 298 -22.94 31.18 10.15
C HIS A 298 -23.85 30.85 11.32
N LEU A 299 -23.66 29.67 11.92
CA LEU A 299 -24.48 29.25 13.05
C LEU A 299 -24.47 30.30 14.15
N VAL A 300 -23.29 30.76 14.54
CA VAL A 300 -23.25 31.77 15.59
C VAL A 300 -23.76 33.11 15.09
N SER A 301 -23.69 33.38 13.79
CA SER A 301 -24.20 34.63 13.26
C SER A 301 -25.71 34.67 13.22
N ARG A 302 -26.38 33.54 13.35
CA ARG A 302 -27.84 33.57 13.31
C ARG A 302 -28.46 33.85 14.68
N ILE A 303 -27.70 33.70 15.76
CA ILE A 303 -28.24 34.01 17.09
C ILE A 303 -27.30 34.95 17.84
N PRO A 304 -27.81 36.07 18.34
CA PRO A 304 -26.98 36.99 19.15
C PRO A 304 -27.11 36.82 20.66
N ASP A 305 -27.95 35.91 21.13
CA ASP A 305 -28.21 35.73 22.55
C ASP A 305 -27.16 34.88 23.25
N ILE A 306 -25.99 34.69 22.66
CA ILE A 306 -24.92 33.94 23.29
C ILE A 306 -23.80 34.83 23.80
N VAL A 307 -23.60 36.00 23.21
CA VAL A 307 -22.59 36.92 23.74
C VAL A 307 -22.93 37.31 25.17
N GLU A 308 -24.21 37.28 25.53
CA GLU A 308 -24.59 37.58 26.91
C GLU A 308 -24.22 36.47 27.86
N LEU A 309 -23.53 35.43 27.39
CA LEU A 309 -22.98 34.46 28.32
C LEU A 309 -21.67 34.95 28.91
N VAL A 310 -20.75 35.41 28.06
CA VAL A 310 -19.42 35.81 28.51
C VAL A 310 -19.49 36.92 29.54
N ARG A 311 -20.63 37.59 29.68
CA ARG A 311 -20.80 38.55 30.76
C ARG A 311 -21.28 37.84 32.02
N GLN A 312 -22.01 36.74 31.88
CA GLN A 312 -22.42 35.97 33.05
C GLN A 312 -21.26 35.20 33.64
N LEU A 313 -20.39 34.65 32.78
CA LEU A 313 -19.19 33.98 33.28
C LEU A 313 -18.25 34.96 33.96
N ASN A 314 -18.24 36.22 33.51
CA ASN A 314 -17.49 37.27 34.18
C ASN A 314 -15.99 36.97 34.20
N GLY A 315 -15.53 36.19 33.24
CA GLY A 315 -14.11 35.95 33.10
C GLY A 315 -13.60 34.61 33.55
N ARG A 316 -14.45 33.75 34.10
CA ARG A 316 -14.04 32.39 34.43
C ARG A 316 -14.35 31.47 33.26
N LYS A 317 -13.45 30.53 33.00
CA LYS A 317 -13.61 29.64 31.86
C LYS A 317 -14.60 28.53 32.20
N LEU A 318 -15.44 28.19 31.22
CA LEU A 318 -16.38 27.08 31.39
C LEU A 318 -15.66 25.81 31.81
N ARG A 319 -16.32 25.00 32.60
CA ARG A 319 -15.79 23.73 33.09
C ARG A 319 -16.67 22.61 32.54
N VAL A 320 -16.19 21.94 31.49
CA VAL A 320 -16.96 20.99 30.72
C VAL A 320 -16.40 19.59 30.93
N ALA A 321 -17.28 18.60 30.94
CA ALA A 321 -16.88 17.20 31.10
C ALA A 321 -17.69 16.35 30.14
N THR A 322 -17.12 15.22 29.74
CA THR A 322 -17.72 14.35 28.73
C THR A 322 -17.50 12.90 29.14
N MET A 323 -18.60 12.17 29.36
CA MET A 323 -18.45 10.81 29.88
C MET A 323 -17.89 9.88 28.81
N CYS A 324 -18.65 9.63 27.76
CA CYS A 324 -18.22 8.76 26.67
C CYS A 324 -18.05 9.64 25.45
N SER A 325 -16.82 9.71 24.94
CA SER A 325 -16.51 10.63 23.85
C SER A 325 -15.38 10.05 23.02
N GLY A 326 -15.71 9.56 21.83
CA GLY A 326 -14.69 9.04 20.95
C GLY A 326 -13.83 10.11 20.34
N THR A 327 -14.40 10.91 19.44
CA THR A 327 -13.64 11.97 18.80
C THR A 327 -13.72 13.28 19.56
N GLU A 328 -14.36 13.27 20.73
CA GLU A 328 -14.54 14.47 21.53
C GLU A 328 -15.12 15.60 20.69
N SER A 329 -16.08 15.25 19.83
CA SER A 329 -16.78 16.24 19.02
C SER A 329 -17.27 17.45 19.80
N PRO A 330 -17.76 17.33 21.04
CA PRO A 330 -18.11 18.53 21.78
C PRO A 330 -16.97 19.51 21.94
N LEU A 331 -15.75 19.04 22.17
CA LEU A 331 -14.64 19.97 22.31
C LEU A 331 -14.35 20.72 21.02
N LEU A 332 -14.38 20.02 19.89
CA LEU A 332 -14.18 20.70 18.62
C LEU A 332 -15.27 21.72 18.37
N ALA A 333 -16.52 21.37 18.71
CA ALA A 333 -17.61 22.32 18.52
C ALA A 333 -17.40 23.57 19.36
N LEU A 334 -17.04 23.40 20.63
CA LEU A 334 -16.82 24.56 21.48
C LEU A 334 -15.65 25.40 20.98
N ASN A 335 -14.57 24.77 20.51
CA ASN A 335 -13.44 25.55 20.03
C ASN A 335 -13.81 26.35 18.80
N MET A 336 -14.61 25.78 17.90
CA MET A 336 -15.01 26.56 16.73
C MET A 336 -15.99 27.66 17.09
N ILE A 337 -16.85 27.42 18.08
CA ILE A 337 -17.75 28.49 18.51
C ILE A 337 -16.96 29.63 19.13
N ALA A 338 -15.93 29.31 19.91
CA ALA A 338 -15.10 30.35 20.50
C ALA A 338 -14.38 31.12 19.41
N LYS A 339 -13.85 30.44 18.39
CA LYS A 339 -13.20 31.15 17.30
C LYS A 339 -14.17 32.08 16.60
N ALA A 340 -15.39 31.62 16.36
CA ALA A 340 -16.37 32.48 15.69
C ALA A 340 -16.74 33.67 16.57
N ILE A 341 -16.83 33.45 17.89
CA ILE A 341 -17.09 34.55 18.81
C ILE A 341 -16.01 35.62 18.67
N LYS A 342 -14.75 35.21 18.84
CA LYS A 342 -13.64 36.15 18.75
C LYS A 342 -13.59 36.83 17.39
N ALA A 343 -14.01 36.14 16.33
CA ALA A 343 -13.94 36.72 15.01
C ALA A 343 -15.05 37.73 14.76
N GLN A 344 -16.22 37.54 15.38
CA GLN A 344 -17.36 38.40 15.10
C GLN A 344 -17.57 39.48 16.16
N HIS A 345 -17.80 39.09 17.41
CA HIS A 345 -18.19 40.04 18.44
C HIS A 345 -17.00 40.64 19.16
N GLY A 346 -15.79 40.27 18.79
CA GLY A 346 -14.61 40.74 19.49
C GLY A 346 -14.39 40.11 20.85
N LEU A 347 -15.40 39.47 21.43
CA LEU A 347 -15.30 38.93 22.77
C LEU A 347 -14.36 37.72 22.78
N THR A 348 -14.25 37.12 23.96
CA THR A 348 -13.34 35.98 24.15
C THR A 348 -13.86 35.16 25.31
N LEU A 349 -14.25 33.91 25.02
CA LEU A 349 -14.58 32.95 26.07
C LEU A 349 -13.72 31.71 25.88
N ALA A 350 -13.10 31.27 26.95
CA ALA A 350 -12.22 30.11 26.91
C ALA A 350 -12.97 28.91 27.46
N PHE A 351 -12.26 27.79 27.61
CA PHE A 351 -12.85 26.59 28.16
C PHE A 351 -11.85 25.88 29.06
N GLU A 352 -12.38 25.12 30.01
CA GLU A 352 -11.57 24.34 30.93
C GLU A 352 -12.13 22.92 30.94
N HIS A 353 -11.51 22.05 30.17
CA HIS A 353 -11.87 20.63 30.16
C HIS A 353 -11.46 20.03 31.48
N VAL A 354 -12.42 19.56 32.27
CA VAL A 354 -12.07 19.04 33.58
C VAL A 354 -11.66 17.57 33.49
N PHE A 355 -12.44 16.74 32.80
CA PHE A 355 -12.05 15.35 32.63
C PHE A 355 -12.92 14.70 31.56
N SER A 356 -12.53 13.49 31.18
CA SER A 356 -13.30 12.63 30.28
C SER A 356 -12.74 11.23 30.42
N CYS A 357 -13.45 10.27 29.83
CA CYS A 357 -13.07 8.86 30.03
C CYS A 357 -13.44 8.00 28.85
N GLU A 358 -12.53 7.08 28.49
CA GLU A 358 -12.72 6.17 27.36
C GLU A 358 -11.85 4.93 27.59
N ILE A 359 -12.50 3.78 27.84
CA ILE A 359 -11.76 2.56 28.12
C ILE A 359 -11.15 1.93 26.89
N GLU A 360 -11.30 2.55 25.72
CA GLU A 360 -10.66 2.05 24.52
C GLU A 360 -9.14 2.04 24.70
N PRO A 361 -8.43 1.25 23.91
CA PRO A 361 -6.96 1.31 24.01
C PRO A 361 -6.37 2.49 23.26
N PHE A 362 -6.97 2.89 22.14
CA PHE A 362 -6.37 3.90 21.28
C PHE A 362 -7.17 5.19 21.19
N LYS A 363 -8.48 5.17 21.44
CA LYS A 363 -9.20 6.42 21.49
C LYS A 363 -8.68 7.30 22.61
N GLN A 364 -8.27 6.71 23.72
CA GLN A 364 -7.68 7.51 24.79
C GLN A 364 -6.30 8.00 24.42
N ALA A 365 -5.56 7.23 23.60
CA ALA A 365 -4.30 7.74 23.08
C ALA A 365 -4.53 8.95 22.20
N TYR A 366 -5.53 8.89 21.33
CA TYR A 366 -5.87 10.00 20.46
C TYR A 366 -6.28 11.23 21.28
N ILE A 367 -7.12 11.03 22.28
CA ILE A 367 -7.50 12.13 23.16
C ILE A 367 -6.25 12.76 23.77
N GLU A 368 -5.45 11.96 24.46
CA GLU A 368 -4.30 12.50 25.17
C GLU A 368 -3.27 13.10 24.23
N ARG A 369 -3.31 12.78 22.94
CA ARG A 369 -2.40 13.43 22.01
C ARG A 369 -2.96 14.72 21.44
N ASN A 370 -4.27 14.88 21.40
CA ASN A 370 -4.86 16.09 20.84
C ASN A 370 -5.23 17.13 21.90
N PHE A 371 -6.02 16.74 22.90
CA PHE A 371 -6.57 17.70 23.85
C PHE A 371 -5.82 17.74 25.17
N THR A 372 -5.30 16.60 25.62
CA THR A 372 -4.58 16.45 26.88
C THR A 372 -5.37 17.01 28.04
N PRO A 373 -6.49 16.39 28.42
CA PRO A 373 -7.21 16.84 29.61
C PRO A 373 -6.39 16.52 30.84
N PRO A 374 -6.64 17.20 31.96
CA PRO A 374 -5.87 16.89 33.17
C PRO A 374 -6.05 15.46 33.63
N ILE A 375 -7.30 15.00 33.76
CA ILE A 375 -7.61 13.66 34.23
C ILE A 375 -8.35 12.91 33.14
N LEU A 376 -8.10 11.61 33.02
CA LEU A 376 -8.72 10.78 32.00
C LEU A 376 -9.03 9.41 32.61
N PHE A 377 -10.24 9.24 33.11
CA PHE A 377 -10.61 7.97 33.68
C PHE A 377 -10.79 6.92 32.59
N ARG A 378 -10.95 5.67 33.00
CA ARG A 378 -11.38 4.61 32.09
C ARG A 378 -12.53 3.85 32.73
N ASP A 379 -13.72 4.44 32.69
CA ASP A 379 -15.01 3.79 32.91
C ASP A 379 -16.06 4.87 32.87
N VAL A 380 -17.33 4.45 32.95
CA VAL A 380 -18.39 5.42 33.17
C VAL A 380 -19.34 4.88 34.24
N THR A 381 -18.98 3.76 34.84
CA THR A 381 -19.68 3.28 36.02
C THR A 381 -18.85 3.31 37.28
N GLU A 382 -17.54 3.47 37.17
CA GLU A 382 -16.73 3.57 38.39
C GLU A 382 -16.82 4.95 39.00
N LEU A 383 -17.17 5.96 38.22
CA LEU A 383 -17.15 7.32 38.76
C LEU A 383 -18.18 7.50 39.87
N GLY A 384 -19.16 6.60 39.97
CA GLY A 384 -20.07 6.65 41.10
C GLY A 384 -19.38 6.51 42.43
N LYS A 385 -18.14 6.03 42.44
CA LYS A 385 -17.38 5.83 43.65
C LYS A 385 -16.61 7.09 44.03
N LYS A 386 -15.88 7.02 45.14
CA LYS A 386 -15.09 8.13 45.61
C LYS A 386 -13.68 8.10 45.04
N ARG A 387 -13.22 6.93 44.61
CA ARG A 387 -11.87 6.76 44.10
C ARG A 387 -12.00 6.00 42.78
N ALA A 388 -12.19 6.74 41.69
CA ALA A 388 -12.41 6.17 40.38
C ALA A 388 -11.07 5.94 39.68
N HIS A 389 -11.10 5.05 38.69
CA HIS A 389 -9.87 4.62 38.07
C HIS A 389 -9.46 5.60 36.98
N THR A 390 -8.18 5.61 36.65
CA THR A 390 -7.64 6.50 35.64
C THR A 390 -7.07 5.66 34.50
N ALA A 391 -7.13 6.21 33.28
CA ALA A 391 -6.61 5.50 32.11
C ALA A 391 -5.19 5.03 32.31
N TYR A 392 -4.45 5.65 33.22
CA TYR A 392 -3.11 5.18 33.55
C TYR A 392 -3.08 4.28 34.78
N GLY A 393 -4.16 4.27 35.56
CA GLY A 393 -4.26 3.40 36.71
C GLY A 393 -4.04 4.05 38.06
N SER A 394 -3.93 5.37 38.11
CA SER A 394 -3.60 6.05 39.36
C SER A 394 -4.69 5.94 40.41
N MET A 395 -5.92 5.63 40.01
CA MET A 395 -7.06 5.54 40.92
C MET A 395 -7.24 6.85 41.70
N VAL A 396 -7.43 7.93 40.94
CA VAL A 396 -7.56 9.28 41.49
C VAL A 396 -9.00 9.50 41.93
N ASP A 397 -9.27 10.60 42.63
CA ASP A 397 -10.62 10.94 43.02
C ASP A 397 -11.27 11.88 42.01
N VAL A 398 -12.61 11.86 41.99
CA VAL A 398 -13.38 12.50 40.93
C VAL A 398 -13.70 13.94 41.27
N PRO A 399 -13.41 14.89 40.39
CA PRO A 399 -13.78 16.29 40.62
C PRO A 399 -15.16 16.61 40.07
N GLY A 400 -15.91 17.37 40.86
CA GLY A 400 -17.29 17.64 40.53
C GLY A 400 -17.65 19.12 40.44
N ASP A 401 -16.76 19.91 39.87
CA ASP A 401 -17.01 21.34 39.67
C ASP A 401 -17.37 21.66 38.23
N VAL A 402 -18.15 20.80 37.58
CA VAL A 402 -18.43 20.95 36.16
C VAL A 402 -19.49 22.03 35.95
N ASP A 403 -19.61 22.48 34.70
CA ASP A 403 -20.63 23.44 34.30
C ASP A 403 -21.58 22.89 33.24
N ILE A 404 -21.15 21.92 32.44
CA ILE A 404 -22.02 21.24 31.49
C ILE A 404 -21.47 19.84 31.27
N LEU A 405 -22.30 18.84 31.48
CA LEU A 405 -21.94 17.45 31.28
C LEU A 405 -22.65 16.94 30.04
N ILE A 406 -21.89 16.58 29.02
CA ILE A 406 -22.47 16.15 27.75
C ILE A 406 -21.95 14.75 27.44
N ALA A 407 -22.87 13.80 27.38
CA ALA A 407 -22.50 12.39 27.26
C ALA A 407 -23.55 11.65 26.47
N GLY A 408 -23.11 10.62 25.77
CA GLY A 408 -24.02 9.78 25.02
C GLY A 408 -23.84 8.31 25.32
N THR A 409 -24.86 7.68 25.88
CA THR A 409 -24.84 6.25 26.16
C THR A 409 -24.53 5.47 24.89
N SER A 410 -23.94 4.28 25.04
CA SER A 410 -23.52 3.50 23.90
C SER A 410 -24.73 2.87 23.20
N CYS A 411 -24.47 2.29 22.03
CA CYS A 411 -25.53 1.86 21.12
C CYS A 411 -25.44 0.38 20.75
N VAL A 412 -24.40 -0.34 21.18
CA VAL A 412 -24.22 -1.74 20.83
C VAL A 412 -25.36 -2.62 21.33
N ASP A 413 -26.24 -2.09 22.18
CA ASP A 413 -27.36 -2.86 22.68
C ASP A 413 -28.69 -2.13 22.61
N TYR A 414 -28.72 -0.83 22.32
CA TYR A 414 -29.97 -0.08 22.26
C TYR A 414 -30.64 -0.28 20.90
N SER A 415 -30.91 -1.55 20.61
CA SER A 415 -31.71 -2.04 19.50
C SER A 415 -31.01 -1.93 18.15
N ASN A 416 -29.94 -1.13 18.08
CA ASN A 416 -28.87 -1.27 17.10
C ASN A 416 -29.31 -1.93 15.79
N LEU A 417 -30.24 -1.31 15.07
CA LEU A 417 -30.99 -2.00 14.02
C LEU A 417 -30.13 -2.79 13.04
N ASN A 418 -28.81 -2.57 13.04
CA ASN A 418 -27.93 -3.52 12.39
C ASN A 418 -27.91 -4.84 13.15
N ASN A 419 -27.89 -4.76 14.47
CA ASN A 419 -27.75 -5.94 15.32
C ASN A 419 -29.05 -6.72 15.39
N VAL A 420 -28.95 -8.05 15.45
CA VAL A 420 -30.12 -8.91 15.48
C VAL A 420 -30.47 -9.30 16.92
N GLN A 421 -29.47 -9.33 17.79
CA GLN A 421 -29.71 -9.54 19.22
C GLN A 421 -29.88 -8.20 19.91
N GLN A 422 -30.61 -8.18 21.03
CA GLN A 422 -30.87 -6.96 21.77
C GLN A 422 -30.97 -7.25 23.26
N ASP A 423 -30.37 -6.37 24.06
CA ASP A 423 -30.44 -6.49 25.52
C ASP A 423 -31.65 -5.72 26.04
N ILE A 424 -32.25 -6.22 27.12
CA ILE A 424 -33.58 -5.80 27.54
C ILE A 424 -33.58 -5.34 28.99
N ASP A 425 -34.21 -4.18 29.23
CA ASP A 425 -34.70 -3.77 30.56
C ASP A 425 -33.59 -3.68 31.60
N ALA A 426 -32.65 -2.75 31.37
CA ALA A 426 -31.67 -2.35 32.37
C ALA A 426 -30.73 -3.49 32.76
N ASN A 427 -30.89 -4.65 32.13
CA ASN A 427 -30.00 -5.78 32.33
C ASN A 427 -29.03 -5.79 31.15
N GLY A 428 -27.92 -5.09 31.28
CA GLY A 428 -27.08 -4.78 30.13
C GLY A 428 -26.60 -3.35 30.16
N GLU A 429 -27.00 -2.54 29.17
CA GLU A 429 -26.50 -1.17 29.09
C GLU A 429 -27.04 -0.32 30.24
N SER A 430 -28.36 -0.20 30.34
CA SER A 430 -28.98 0.70 31.32
C SER A 430 -28.67 0.31 32.76
N GLY A 431 -28.01 -0.82 32.98
CA GLY A 431 -27.55 -1.18 34.30
C GLY A 431 -26.05 -1.00 34.43
N ARG A 432 -25.36 -0.92 33.30
CA ARG A 432 -23.91 -0.77 33.29
C ARG A 432 -23.49 0.69 33.22
N THR A 433 -23.86 1.37 32.14
CA THR A 433 -23.38 2.73 31.86
C THR A 433 -24.34 3.80 32.38
N PHE A 434 -25.64 3.61 32.20
CA PHE A 434 -26.59 4.62 32.61
C PHE A 434 -26.69 4.72 34.12
N ARG A 435 -26.72 3.57 34.81
CA ARG A 435 -26.76 3.58 36.26
C ARG A 435 -25.42 4.04 36.85
N GLY A 436 -24.34 3.93 36.07
CA GLY A 436 -23.09 4.53 36.49
C GLY A 436 -23.11 6.04 36.38
N MET A 437 -23.71 6.56 35.30
CA MET A 437 -23.78 8.00 35.12
C MET A 437 -24.73 8.66 36.11
N LEU A 438 -25.85 7.99 36.41
CA LEU A 438 -26.86 8.61 37.25
C LEU A 438 -26.33 8.93 38.64
N GLN A 439 -25.54 8.03 39.21
CA GLN A 439 -25.08 8.26 40.58
C GLN A 439 -24.19 9.49 40.65
N TRP A 440 -23.31 9.66 39.66
CA TRP A 440 -22.47 10.85 39.64
C TRP A 440 -23.30 12.11 39.42
N VAL A 441 -24.22 12.09 38.45
CA VAL A 441 -24.96 13.31 38.16
C VAL A 441 -25.82 13.71 39.36
N LYS A 442 -26.29 12.74 40.14
CA LYS A 442 -27.02 13.09 41.35
C LYS A 442 -26.09 13.56 42.46
N LYS A 443 -24.91 12.95 42.57
CA LYS A 443 -23.99 13.29 43.65
C LYS A 443 -23.28 14.62 43.45
N HIS A 444 -23.29 15.17 42.23
CA HIS A 444 -22.56 16.41 42.00
C HIS A 444 -23.39 17.52 41.35
N GLN A 445 -24.61 17.25 40.90
CA GLN A 445 -25.56 18.26 40.45
C GLN A 445 -24.96 19.26 39.47
N PRO A 446 -24.70 18.86 38.23
CA PRO A 446 -24.28 19.82 37.22
C PRO A 446 -25.49 20.54 36.63
N PRO A 447 -25.35 21.81 36.28
CA PRO A 447 -26.53 22.61 35.94
C PRO A 447 -27.13 22.27 34.57
N ILE A 448 -26.40 21.57 33.70
CA ILE A 448 -26.89 21.20 32.39
C ILE A 448 -26.32 19.84 32.03
N VAL A 449 -27.16 18.92 31.54
CA VAL A 449 -26.70 17.63 31.06
C VAL A 449 -27.44 17.32 29.76
N ILE A 450 -26.70 16.98 28.71
CA ILE A 450 -27.25 16.75 27.39
C ILE A 450 -26.87 15.35 26.94
N LEU A 451 -27.86 14.53 26.64
CA LEU A 451 -27.66 13.14 26.27
C LEU A 451 -27.87 12.97 24.77
N GLU A 452 -27.49 11.79 24.28
CA GLU A 452 -27.61 11.46 22.87
C GLU A 452 -27.56 9.96 22.71
N ASN A 453 -28.43 9.43 21.85
CA ASN A 453 -28.45 7.99 21.59
C ASN A 453 -29.31 7.75 20.35
N VAL A 454 -29.42 6.48 19.96
CA VAL A 454 -30.09 6.09 18.73
C VAL A 454 -31.58 6.36 18.86
N CYS A 455 -32.31 6.32 17.75
CA CYS A 455 -33.72 6.70 17.75
C CYS A 455 -34.57 5.70 18.53
N ASN A 456 -34.56 4.43 18.13
CA ASN A 456 -35.40 3.42 18.75
C ASN A 456 -34.87 3.06 20.12
N ALA A 457 -35.18 3.87 21.12
CA ALA A 457 -34.60 3.76 22.45
C ALA A 457 -35.71 3.79 23.49
N PRO A 458 -35.42 3.41 24.72
CA PRO A 458 -36.44 3.41 25.77
C PRO A 458 -36.67 4.78 26.38
N TRP A 459 -36.33 5.84 25.64
CA TRP A 459 -36.22 7.21 26.13
C TRP A 459 -37.21 7.59 27.23
N ASP A 460 -38.48 7.23 27.06
CA ASP A 460 -39.47 7.61 28.07
C ASP A 460 -39.06 7.15 29.45
N LYS A 461 -38.52 5.93 29.56
CA LYS A 461 -38.01 5.47 30.83
C LYS A 461 -36.85 6.34 31.30
N VAL A 462 -36.05 6.86 30.37
CA VAL A 462 -34.97 7.77 30.75
C VAL A 462 -35.54 9.05 31.35
N VAL A 463 -36.61 9.56 30.75
CA VAL A 463 -37.25 10.75 31.31
C VAL A 463 -37.79 10.44 32.70
N GLU A 464 -38.35 9.24 32.89
CA GLU A 464 -38.82 8.86 34.21
C GLU A 464 -37.67 8.84 35.21
N TYR A 465 -36.53 8.29 34.81
CA TYR A 465 -35.38 8.23 35.70
C TYR A 465 -34.92 9.62 36.10
N PHE A 466 -34.82 10.53 35.14
CA PHE A 466 -34.32 11.87 35.45
C PHE A 466 -35.32 12.66 36.28
N GLY A 467 -36.55 12.81 35.79
CA GLY A 467 -37.57 13.50 36.57
C GLY A 467 -37.88 12.86 37.90
N GLN A 468 -37.49 11.60 38.10
CA GLN A 468 -37.76 10.91 39.36
C GLN A 468 -37.06 11.58 40.53
N ILE A 469 -35.92 12.23 40.28
CA ILE A 469 -35.17 12.82 41.39
C ILE A 469 -35.31 14.33 41.38
N ASP A 470 -34.79 14.98 40.34
CA ASP A 470 -34.73 16.43 40.32
C ASP A 470 -35.24 17.05 39.03
N TYR A 471 -34.97 16.41 37.89
CA TYR A 471 -34.96 17.10 36.61
C TYR A 471 -36.34 17.04 35.95
N ASP A 472 -36.43 17.51 34.72
CA ASP A 472 -37.67 17.56 33.95
C ASP A 472 -37.56 16.92 32.57
N ALA A 473 -36.41 17.08 31.89
CA ALA A 473 -35.96 16.12 30.87
C ALA A 473 -36.95 15.95 29.73
N GLN A 474 -37.06 16.99 28.91
CA GLN A 474 -37.66 16.81 27.60
C GLN A 474 -36.62 16.27 26.63
N TYR A 475 -37.08 15.50 25.65
CA TYR A 475 -36.19 14.85 24.71
C TYR A 475 -36.74 14.95 23.30
N THR A 476 -35.87 15.26 22.34
CA THR A 476 -36.28 15.45 20.95
C THR A 476 -35.25 14.81 20.03
N ARG A 477 -35.73 14.39 18.87
CA ARG A 477 -34.91 13.75 17.85
C ARG A 477 -34.64 14.71 16.71
N LEU A 478 -33.48 14.55 16.07
CA LEU A 478 -33.10 15.43 14.99
C LEU A 478 -31.99 14.80 14.18
N ASP A 479 -32.09 14.90 12.85
CA ASP A 479 -31.16 14.31 11.91
C ASP A 479 -29.93 15.18 11.75
N THR A 480 -28.97 14.69 10.97
CA THR A 480 -27.82 15.50 10.62
C THR A 480 -28.04 16.28 9.33
N LYS A 481 -28.79 15.72 8.39
CA LYS A 481 -28.99 16.37 7.10
C LYS A 481 -29.76 17.66 7.22
N GLU A 482 -30.18 18.05 8.41
CA GLU A 482 -30.82 19.34 8.64
C GLU A 482 -29.84 20.39 9.13
N PHE A 483 -28.58 20.03 9.37
CA PHE A 483 -27.58 20.98 9.87
C PHE A 483 -26.39 20.96 8.91
N TYR A 484 -26.52 21.68 7.81
CA TYR A 484 -25.44 22.05 6.90
C TYR A 484 -24.78 20.86 6.21
N ILE A 485 -25.14 19.62 6.54
CA ILE A 485 -24.33 18.46 6.18
C ILE A 485 -25.19 17.42 5.47
N PRO A 486 -24.70 16.79 4.40
CA PRO A 486 -25.53 15.85 3.64
C PRO A 486 -25.61 14.44 4.22
N HIS A 487 -25.37 14.25 5.50
CA HIS A 487 -25.01 12.93 6.01
C HIS A 487 -26.19 12.00 6.33
N THR A 488 -27.38 12.51 6.62
CA THR A 488 -28.59 11.70 6.76
C THR A 488 -28.65 10.88 8.05
N ARG A 489 -27.58 10.82 8.83
CA ARG A 489 -27.64 10.03 10.05
C ARG A 489 -28.58 10.66 11.06
N THR A 490 -29.30 9.82 11.80
CA THR A 490 -30.31 10.28 12.74
C THR A 490 -30.02 9.80 14.15
N ARG A 491 -30.27 10.67 15.12
CA ARG A 491 -30.06 10.36 16.53
C ARG A 491 -31.10 11.13 17.33
N VAL A 492 -31.06 10.96 18.65
CA VAL A 492 -31.95 11.66 19.57
C VAL A 492 -31.12 12.30 20.66
N TYR A 493 -31.63 13.40 21.23
CA TYR A 493 -30.92 14.11 22.28
C TYR A 493 -31.86 14.31 23.47
N LEU A 494 -31.25 14.64 24.62
CA LEU A 494 -31.99 14.81 25.85
C LEU A 494 -31.33 15.90 26.67
N PHE A 495 -32.13 16.59 27.47
CA PHE A 495 -31.64 17.71 28.27
C PHE A 495 -32.44 17.79 29.56
N ALA A 496 -31.76 17.98 30.68
CA ALA A 496 -32.44 17.95 31.98
C ALA A 496 -31.67 18.78 32.98
N THR A 497 -32.22 19.90 33.36
CA THR A 497 -31.61 20.72 34.38
C THR A 497 -32.06 20.29 35.76
N PRO A 498 -31.18 20.38 36.78
CA PRO A 498 -31.59 20.06 38.16
C PRO A 498 -32.86 20.78 38.60
N SER A 499 -33.49 20.27 39.64
CA SER A 499 -34.82 20.72 40.05
C SER A 499 -34.89 22.25 40.14
N SER A 500 -36.03 22.78 39.73
CA SER A 500 -36.33 24.20 39.82
C SER A 500 -37.50 24.39 40.78
N SER A 501 -37.51 25.53 41.45
CA SER A 501 -38.52 25.79 42.46
C SER A 501 -39.90 25.90 41.82
N GLU A 502 -40.08 26.88 40.93
CA GLU A 502 -41.37 27.11 40.29
C GLU A 502 -41.59 26.29 39.03
N SER A 503 -40.60 25.50 38.60
CA SER A 503 -40.69 24.63 37.42
C SER A 503 -41.05 25.43 36.17
N ASP A 504 -40.11 26.30 35.79
CA ASP A 504 -40.28 27.17 34.63
C ASP A 504 -40.29 26.43 33.30
N ASP A 505 -40.12 25.10 33.30
CA ASP A 505 -40.14 24.30 32.08
C ASP A 505 -39.07 24.76 31.10
N LEU A 506 -37.82 24.63 31.52
CA LEU A 506 -36.70 24.94 30.63
C LEU A 506 -36.59 23.98 29.46
N PRO A 507 -36.59 22.65 29.65
CA PRO A 507 -36.37 21.75 28.51
C PRO A 507 -37.24 22.00 27.30
N GLU A 508 -38.47 22.50 27.47
CA GLU A 508 -39.28 22.84 26.31
C GLU A 508 -38.68 24.02 25.56
N LYS A 509 -38.25 25.04 26.29
CA LYS A 509 -37.61 26.17 25.64
C LYS A 509 -36.32 25.75 24.96
N TRP A 510 -35.61 24.79 25.56
CA TRP A 510 -34.41 24.26 24.92
C TRP A 510 -34.75 23.58 23.60
N ALA A 511 -35.77 22.71 23.61
CA ALA A 511 -36.15 22.00 22.40
C ALA A 511 -36.56 22.98 21.31
N GLN A 512 -37.33 23.99 21.67
CA GLN A 512 -37.76 24.96 20.68
C GLN A 512 -36.57 25.74 20.13
N THR A 513 -35.64 26.13 21.00
CA THR A 513 -34.48 26.87 20.53
C THR A 513 -33.63 26.04 19.58
N VAL A 514 -33.45 24.76 19.88
CA VAL A 514 -32.66 23.90 18.99
C VAL A 514 -33.37 23.77 17.65
N LYS A 515 -34.61 23.26 17.66
CA LYS A 515 -35.32 23.07 16.40
C LYS A 515 -35.57 24.37 15.65
N ASP A 516 -35.35 25.53 16.27
CA ASP A 516 -35.46 26.78 15.56
C ASP A 516 -34.36 26.91 14.51
N LEU A 517 -33.11 26.70 14.92
CA LEU A 517 -31.98 26.98 14.05
C LEU A 517 -31.60 25.73 13.27
N ARG A 518 -31.79 25.79 11.95
CA ARG A 518 -31.53 24.65 11.08
C ARG A 518 -31.27 25.15 9.67
N ARG A 519 -30.51 24.36 8.91
CA ARG A 519 -30.29 24.68 7.52
C ARG A 519 -29.93 23.42 6.73
N PRO A 520 -30.72 23.08 5.71
CA PRO A 520 -30.68 21.75 5.07
C PRO A 520 -29.71 21.50 3.92
N TRP A 521 -28.44 21.28 4.24
CA TRP A 521 -27.49 20.60 3.34
C TRP A 521 -27.51 21.20 1.92
N SER A 522 -27.00 22.40 1.79
CA SER A 522 -27.00 22.99 0.46
C SER A 522 -25.77 22.61 -0.36
N SER A 523 -25.41 21.33 -0.41
CA SER A 523 -24.25 20.91 -1.18
C SER A 523 -24.15 19.39 -1.27
N PRO A 524 -23.68 18.85 -2.40
CA PRO A 524 -23.50 17.40 -2.51
C PRO A 524 -22.31 16.97 -1.68
N PHE A 525 -22.19 15.65 -1.48
CA PHE A 525 -21.10 15.16 -0.67
C PHE A 525 -19.75 15.29 -1.35
N GLU A 526 -19.73 15.36 -2.68
CA GLU A 526 -18.46 15.47 -3.39
C GLU A 526 -17.68 16.70 -2.98
N ALA A 527 -18.37 17.78 -2.61
CA ALA A 527 -17.66 18.95 -2.11
C ALA A 527 -16.88 18.64 -0.85
N PHE A 528 -17.27 17.59 -0.12
CA PHE A 528 -16.64 17.22 1.13
C PHE A 528 -15.55 16.17 0.98
N LEU A 529 -15.33 15.66 -0.23
CA LEU A 529 -14.31 14.64 -0.45
C LEU A 529 -13.01 15.26 -0.93
N LEU A 530 -11.90 14.60 -0.59
CA LEU A 530 -10.58 15.02 -1.00
C LEU A 530 -10.40 14.84 -2.50
N HIS A 531 -9.54 15.68 -3.08
CA HIS A 531 -9.20 15.50 -4.48
C HIS A 531 -8.29 14.29 -4.63
N THR A 532 -8.33 13.66 -5.80
CA THR A 532 -7.63 12.39 -5.96
C THR A 532 -6.13 12.56 -6.13
N ASP A 533 -5.61 13.77 -5.96
CA ASP A 533 -4.19 14.00 -6.24
C ASP A 533 -3.32 14.08 -4.99
N ASP A 534 -3.84 14.65 -3.90
CA ASP A 534 -3.02 14.96 -2.74
C ASP A 534 -2.41 13.68 -2.15
N PRO A 535 -1.30 13.80 -1.41
CA PRO A 535 -0.64 12.61 -0.88
C PRO A 535 -1.47 11.85 0.14
N ASN A 536 -2.57 12.41 0.64
CA ASN A 536 -3.42 11.66 1.55
C ASN A 536 -4.10 10.51 0.81
N ILE A 537 -4.58 10.76 -0.40
CA ILE A 537 -5.27 9.72 -1.15
C ILE A 537 -4.29 8.63 -1.56
N HIS A 538 -3.09 9.00 -1.99
CA HIS A 538 -2.07 8.00 -2.29
C HIS A 538 -1.73 7.18 -1.06
N ARG A 539 -1.50 7.86 0.07
CA ARG A 539 -1.11 7.19 1.30
C ARG A 539 -2.22 6.29 1.81
N ALA A 540 -3.47 6.58 1.45
CA ALA A 540 -4.56 5.69 1.85
C ALA A 540 -4.74 4.54 0.89
N ARG A 541 -4.48 4.75 -0.40
CA ARG A 541 -4.63 3.66 -1.36
C ARG A 541 -3.54 2.62 -1.19
N LEU A 542 -2.32 3.06 -0.87
CA LEU A 542 -1.23 2.10 -0.68
C LEU A 542 -1.50 1.16 0.49
N GLU A 543 -2.28 1.61 1.47
CA GLU A 543 -2.56 0.77 2.64
C GLU A 543 -3.84 -0.02 2.45
N LEU A 544 -4.88 0.62 1.89
CA LEU A 544 -6.17 -0.04 1.69
C LEU A 544 -6.15 -1.00 0.51
N ALA A 545 -5.11 -0.95 -0.32
CA ALA A 545 -5.07 -1.77 -1.51
C ALA A 545 -4.59 -3.18 -1.20
N SER A 546 -3.72 -3.33 -0.21
CA SER A 546 -3.20 -4.64 0.18
C SER A 546 -3.56 -4.87 1.64
N ALA A 547 -4.78 -5.34 1.88
CA ALA A 547 -5.24 -5.68 3.21
C ALA A 547 -5.24 -7.17 3.46
N ARG A 548 -5.83 -7.94 2.56
CA ARG A 548 -5.71 -9.39 2.56
C ARG A 548 -4.57 -9.71 1.61
N ALA A 549 -3.35 -9.76 2.16
CA ALA A 549 -2.13 -9.92 1.38
C ALA A 549 -2.16 -11.16 0.49
N GLY A 553 2.65 -12.32 0.37
CA GLY A 553 3.38 -13.31 -0.41
C GLY A 553 2.46 -14.34 -1.04
N THR A 554 1.59 -14.91 -0.22
CA THR A 554 0.58 -15.86 -0.67
C THR A 554 -0.78 -15.29 -0.33
N SER A 555 -1.63 -15.11 -1.34
CA SER A 555 -2.93 -14.52 -1.10
C SER A 555 -3.85 -15.52 -0.42
N ARG A 556 -4.67 -15.04 0.52
CA ARG A 556 -5.36 -15.91 1.46
C ARG A 556 -6.41 -16.77 0.77
N LYS A 557 -7.01 -17.66 1.55
CA LYS A 557 -7.84 -18.73 1.02
C LYS A 557 -9.16 -18.19 0.47
N THR A 558 -9.66 -18.87 -0.55
CA THR A 558 -10.96 -18.54 -1.14
C THR A 558 -12.07 -18.73 -0.10
N THR A 559 -12.70 -17.63 0.30
CA THR A 559 -13.66 -17.70 1.38
C THR A 559 -14.98 -18.34 0.91
N ASP A 560 -15.96 -18.36 1.80
CA ASP A 560 -17.23 -19.04 1.58
C ASP A 560 -18.39 -18.07 1.79
N TRP A 561 -19.32 -18.03 0.82
CA TRP A 561 -20.49 -17.20 1.00
C TRP A 561 -21.76 -17.87 0.47
N ASN A 562 -21.74 -19.19 0.33
CA ASN A 562 -22.80 -19.92 -0.38
C ASN A 562 -24.20 -19.49 0.05
N ARG A 563 -24.40 -19.28 1.36
CA ARG A 563 -25.74 -18.95 1.83
C ARG A 563 -26.22 -17.61 1.29
N CYS A 564 -25.30 -16.69 1.01
CA CYS A 564 -25.67 -15.45 0.35
C CYS A 564 -25.62 -15.55 -1.16
N GLU A 565 -24.79 -16.45 -1.69
CA GLU A 565 -24.82 -16.73 -3.11
C GLU A 565 -26.21 -17.14 -3.54
N SER A 566 -26.95 -17.83 -2.66
CA SER A 566 -28.33 -18.19 -2.99
C SER A 566 -29.19 -16.94 -3.18
N ARG A 567 -29.06 -15.96 -2.28
CA ARG A 567 -29.84 -14.74 -2.43
C ARG A 567 -29.46 -14.00 -3.70
N HIS A 568 -28.17 -14.03 -4.05
CA HIS A 568 -27.75 -13.37 -5.29
C HIS A 568 -28.39 -14.02 -6.50
N GLN A 569 -28.35 -15.35 -6.58
CA GLN A 569 -28.96 -16.04 -7.71
C GLN A 569 -30.46 -15.78 -7.77
N ARG A 570 -31.13 -15.84 -6.62
CA ARG A 570 -32.57 -15.62 -6.59
C ARG A 570 -32.92 -14.21 -7.04
N ALA A 571 -32.09 -13.23 -6.67
CA ALA A 571 -32.37 -11.85 -7.09
C ALA A 571 -32.13 -11.67 -8.58
N ARG A 572 -31.05 -12.23 -9.10
CA ARG A 572 -30.82 -12.15 -10.54
C ARG A 572 -31.93 -12.82 -11.31
N GLN A 573 -32.57 -13.84 -10.73
CA GLN A 573 -33.67 -14.49 -11.44
C GLN A 573 -34.97 -13.69 -11.35
N ASP A 574 -35.32 -13.23 -10.14
CA ASP A 574 -36.57 -12.52 -9.97
C ASP A 574 -36.57 -11.19 -10.72
N GLU A 575 -35.46 -10.47 -10.69
CA GLU A 575 -35.40 -9.15 -11.30
C GLU A 575 -35.16 -9.19 -12.79
N ALA A 576 -35.14 -10.37 -13.40
CA ALA A 576 -34.98 -10.52 -14.85
C ALA A 576 -33.62 -10.04 -15.32
N LEU A 577 -32.68 -9.85 -14.41
CA LEU A 577 -31.32 -9.48 -14.77
C LEU A 577 -30.63 -10.65 -15.44
N GLY A 578 -29.48 -10.38 -16.03
CA GLY A 578 -28.70 -11.43 -16.66
C GLY A 578 -27.43 -11.73 -15.88
N LEU A 579 -27.00 -12.99 -15.94
CA LEU A 579 -25.88 -13.44 -15.14
C LEU A 579 -24.56 -13.03 -15.79
N LEU A 580 -24.34 -11.71 -15.84
CA LEU A 580 -23.06 -11.15 -16.26
C LEU A 580 -22.41 -10.45 -15.09
N ARG A 581 -21.23 -9.86 -15.35
CA ARG A 581 -20.48 -9.12 -14.35
C ARG A 581 -19.83 -7.92 -15.03
N PRO A 582 -20.61 -6.88 -15.28
CA PRO A 582 -20.11 -5.77 -16.09
C PRO A 582 -18.98 -4.97 -15.47
N LEU A 583 -19.20 -4.46 -14.25
CA LEU A 583 -18.24 -3.52 -13.68
C LEU A 583 -16.89 -4.17 -13.45
N THR A 584 -16.88 -5.42 -13.01
CA THR A 584 -15.65 -6.15 -12.71
C THR A 584 -15.82 -7.57 -13.21
N SER A 585 -15.08 -7.94 -14.25
CA SER A 585 -15.26 -9.26 -14.86
C SER A 585 -14.52 -10.28 -14.01
N TRP A 586 -15.04 -10.55 -12.81
CA TRP A 586 -14.35 -11.39 -11.85
C TRP A 586 -14.63 -12.85 -12.12
N GLN A 587 -13.59 -13.69 -11.99
CA GLN A 587 -13.74 -15.13 -12.01
C GLN A 587 -13.66 -15.70 -10.59
N GLU A 588 -12.55 -15.45 -9.92
CA GLU A 588 -12.30 -15.84 -8.55
C GLU A 588 -12.31 -14.58 -7.69
N ALA A 589 -11.92 -14.73 -6.43
CA ALA A 589 -11.91 -13.60 -5.51
C ALA A 589 -10.93 -12.53 -5.95
N GLY A 590 -9.64 -12.88 -6.05
CA GLY A 590 -8.60 -11.88 -6.22
C GLY A 590 -8.21 -11.57 -7.64
N VAL A 591 -8.73 -12.30 -8.62
CA VAL A 591 -8.45 -12.03 -10.02
C VAL A 591 -9.69 -11.39 -10.65
N CYS A 592 -9.64 -10.09 -10.86
CA CYS A 592 -10.73 -9.35 -11.46
C CYS A 592 -10.13 -8.15 -12.19
N LYS A 593 -10.93 -7.55 -13.07
CA LYS A 593 -10.47 -6.43 -13.89
C LYS A 593 -11.57 -5.37 -13.96
N GLY A 594 -11.53 -4.42 -13.05
CA GLY A 594 -12.40 -3.29 -13.14
C GLY A 594 -12.02 -2.39 -14.30
N LEU A 595 -12.85 -1.37 -14.51
CA LEU A 595 -12.64 -0.49 -15.65
C LEU A 595 -11.37 0.33 -15.45
N ASP A 596 -11.07 1.18 -16.43
CA ASP A 596 -9.81 1.92 -16.34
C ASP A 596 -9.94 3.20 -15.54
N TRP A 597 -11.12 3.53 -15.04
CA TRP A 597 -11.27 4.63 -14.10
C TRP A 597 -11.52 4.16 -12.68
N THR A 598 -11.69 2.86 -12.47
CA THR A 598 -11.98 2.33 -11.14
C THR A 598 -10.70 2.12 -10.35
N TRP A 599 -10.84 2.18 -9.03
CA TRP A 599 -9.71 1.91 -8.14
C TRP A 599 -9.44 0.42 -8.21
N ASN A 600 -8.70 0.02 -9.23
CA ASN A 600 -8.55 -1.41 -9.50
C ASN A 600 -7.81 -2.12 -8.38
N ASP A 601 -6.77 -1.50 -7.83
CA ASP A 601 -6.01 -2.07 -6.74
C ASP A 601 -6.83 -2.21 -5.47
N TRP A 602 -8.04 -1.68 -5.45
CA TRP A 602 -8.99 -1.97 -4.39
C TRP A 602 -9.77 -3.23 -4.69
N LEU A 603 -10.40 -3.28 -5.87
CA LEU A 603 -11.25 -4.41 -6.21
C LEU A 603 -10.48 -5.72 -6.22
N LEU A 604 -9.20 -5.69 -6.62
CA LEU A 604 -8.41 -6.92 -6.53
C LEU A 604 -8.36 -7.46 -5.11
N ALA A 605 -8.47 -6.59 -4.11
CA ALA A 605 -8.36 -7.03 -2.72
C ALA A 605 -9.67 -7.49 -2.13
N GLN A 606 -10.78 -7.33 -2.84
CA GLN A 606 -12.09 -7.56 -2.24
C GLN A 606 -12.49 -9.02 -2.23
N THR A 607 -13.27 -9.30 -1.19
CA THR A 607 -14.02 -10.57 -0.96
C THR A 607 -15.03 -10.66 -2.10
N GLU A 608 -15.32 -11.88 -2.55
CA GLU A 608 -16.08 -12.01 -3.79
C GLU A 608 -17.53 -11.57 -3.64
N ARG A 609 -18.14 -11.82 -2.49
CA ARG A 609 -19.53 -11.42 -2.33
C ARG A 609 -19.68 -9.93 -2.50
N VAL A 610 -18.75 -9.16 -1.93
CA VAL A 610 -18.77 -7.71 -2.10
C VAL A 610 -18.82 -7.35 -3.57
N VAL A 611 -17.97 -7.99 -4.38
CA VAL A 611 -17.87 -7.63 -5.78
C VAL A 611 -19.16 -8.00 -6.51
N ASP A 612 -19.62 -9.24 -6.37
CA ASP A 612 -20.87 -9.62 -7.01
C ASP A 612 -22.00 -8.72 -6.59
N LEU A 613 -21.96 -8.20 -5.37
CA LEU A 613 -22.98 -7.27 -4.93
C LEU A 613 -22.86 -5.97 -5.69
N LEU A 614 -21.63 -5.53 -5.95
CA LEU A 614 -21.45 -4.35 -6.81
C LEU A 614 -22.11 -4.57 -8.15
N GLU A 615 -21.93 -5.76 -8.73
CA GLU A 615 -22.47 -5.99 -10.07
C GLU A 615 -23.98 -6.09 -10.07
N ILE A 616 -24.56 -6.76 -9.07
CA ILE A 616 -26.02 -6.79 -9.00
C ILE A 616 -26.56 -5.38 -8.80
N SER A 617 -25.90 -4.56 -8.00
CA SER A 617 -26.36 -3.18 -7.86
C SER A 617 -26.30 -2.45 -9.18
N THR A 618 -25.21 -2.64 -9.94
CA THR A 618 -25.09 -1.97 -11.23
C THR A 618 -26.23 -2.38 -12.16
N LEU A 619 -26.50 -3.68 -12.26
CA LEU A 619 -27.57 -4.12 -13.15
C LEU A 619 -28.92 -3.62 -12.68
N ARG A 620 -29.29 -3.95 -11.44
CA ARG A 620 -30.56 -3.51 -10.86
C ARG A 620 -30.76 -2.02 -11.01
N MET A 621 -29.68 -1.27 -11.11
CA MET A 621 -29.75 0.16 -11.37
C MET A 621 -29.79 0.47 -12.85
N ALA A 622 -28.96 -0.21 -13.65
CA ALA A 622 -28.96 0.05 -15.09
C ALA A 622 -30.28 -0.35 -15.73
N LYS A 623 -31.03 -1.26 -15.11
CA LYS A 623 -32.35 -1.58 -15.66
C LYS A 623 -33.28 -0.39 -15.58
N ASP A 624 -33.24 0.34 -14.47
CA ASP A 624 -34.12 1.49 -14.31
C ASP A 624 -33.82 2.58 -15.33
N GLY A 625 -32.62 2.58 -15.90
CA GLY A 625 -32.25 3.51 -16.95
C GLY A 625 -31.05 4.37 -16.61
N ILE A 626 -30.87 4.71 -15.35
CA ILE A 626 -29.74 5.55 -14.99
C ILE A 626 -28.46 4.73 -15.13
N ASP A 627 -27.34 5.44 -15.19
CA ASP A 627 -26.04 4.80 -15.43
C ASP A 627 -25.12 5.11 -14.27
N SER A 628 -25.03 4.19 -13.31
CA SER A 628 -23.98 4.32 -12.32
C SER A 628 -22.63 4.30 -13.02
N GLY A 629 -21.61 4.80 -12.34
CA GLY A 629 -20.34 5.03 -12.97
C GLY A 629 -20.23 6.37 -13.63
N PHE A 630 -21.36 7.05 -13.85
CA PHE A 630 -21.36 8.43 -14.31
C PHE A 630 -22.32 9.29 -13.50
N LYS A 631 -22.90 8.77 -12.43
CA LYS A 631 -23.87 9.49 -11.61
C LYS A 631 -23.51 9.29 -10.15
N ALA A 632 -23.10 10.37 -9.49
CA ALA A 632 -22.53 10.30 -8.15
C ALA A 632 -23.57 9.93 -7.12
N CYS A 633 -23.30 8.85 -6.38
CA CYS A 633 -24.19 8.38 -5.32
C CYS A 633 -23.47 7.30 -4.51
N ILE A 634 -23.63 7.35 -3.20
CA ILE A 634 -22.98 6.39 -2.31
C ILE A 634 -23.91 5.22 -2.08
N TRP A 635 -23.41 4.00 -2.24
CA TRP A 635 -24.11 2.80 -1.85
C TRP A 635 -23.60 2.31 -0.51
N ASN A 636 -24.20 1.23 -0.02
CA ASN A 636 -23.61 0.47 1.07
C ASN A 636 -23.46 -0.98 0.63
N VAL A 637 -22.30 -1.55 0.91
CA VAL A 637 -21.95 -2.87 0.40
C VAL A 637 -21.86 -3.91 1.51
N SER A 638 -21.41 -3.54 2.71
CA SER A 638 -21.29 -4.49 3.80
C SER A 638 -22.63 -5.04 4.26
N GLN A 639 -23.74 -4.67 3.64
CA GLN A 639 -25.01 -5.30 3.92
C GLN A 639 -25.40 -6.23 2.78
N ASN A 640 -26.54 -6.88 2.92
CA ASN A 640 -26.90 -7.96 2.01
C ASN A 640 -27.88 -7.50 0.94
N VAL A 641 -27.92 -8.26 -0.15
CA VAL A 641 -28.75 -7.91 -1.30
C VAL A 641 -30.17 -7.60 -0.85
N ASP A 642 -30.76 -8.51 -0.08
CA ASP A 642 -32.12 -8.29 0.42
C ASP A 642 -32.25 -6.93 1.07
N ARG A 643 -31.23 -6.52 1.82
CA ARG A 643 -31.28 -5.27 2.57
C ARG A 643 -30.59 -4.14 1.80
N GLN A 644 -31.08 -3.88 0.60
CA GLN A 644 -30.55 -2.82 -0.25
C GLN A 644 -31.67 -1.91 -0.76
N THR A 645 -32.58 -1.52 0.12
CA THR A 645 -33.62 -0.57 -0.25
C THR A 645 -33.11 0.84 0.01
N GLY A 646 -33.41 1.75 -0.92
CA GLY A 646 -33.07 3.14 -0.77
C GLY A 646 -31.92 3.62 -1.62
N SER A 647 -31.39 2.79 -2.52
CA SER A 647 -30.34 3.23 -3.43
C SER A 647 -30.97 4.02 -4.57
N SER A 648 -30.20 4.27 -5.63
CA SER A 648 -30.58 5.18 -6.70
C SER A 648 -30.90 6.56 -6.15
N LYS A 649 -30.28 6.91 -5.03
CA LYS A 649 -30.49 8.18 -4.36
C LYS A 649 -29.17 8.91 -4.27
N THR A 650 -29.08 10.05 -4.93
CA THR A 650 -27.83 10.74 -5.14
C THR A 650 -27.63 11.86 -4.12
N ALA A 651 -26.37 12.25 -3.96
CA ALA A 651 -25.97 13.43 -3.20
C ALA A 651 -26.29 13.32 -1.72
N LEU A 652 -26.45 12.11 -1.18
CA LEU A 652 -26.65 11.94 0.26
C LEU A 652 -25.88 10.72 0.72
N ALA A 653 -25.11 10.89 1.66
CA ALA A 653 -24.49 9.69 2.18
C ALA A 653 -25.49 8.91 3.02
N PRO A 654 -25.26 7.65 3.33
CA PRO A 654 -26.10 6.94 4.28
C PRO A 654 -25.55 7.12 5.69
N CYS A 655 -26.21 6.49 6.65
CA CYS A 655 -25.77 6.58 8.03
C CYS A 655 -24.44 5.86 8.17
N LEU A 656 -23.35 6.63 8.23
CA LEU A 656 -22.03 6.03 8.41
C LEU A 656 -21.98 5.20 9.68
N THR A 657 -21.45 4.00 9.57
CA THR A 657 -21.20 3.10 10.68
C THR A 657 -19.79 2.56 10.54
N PRO A 658 -19.17 2.09 11.63
CA PRO A 658 -17.75 1.70 11.56
C PRO A 658 -17.50 0.42 10.80
N ASN A 659 -18.54 -0.21 10.26
CA ASN A 659 -18.37 -1.50 9.59
C ASN A 659 -18.67 -1.45 8.10
N MET A 660 -19.45 -0.47 7.66
CA MET A 660 -19.80 -0.36 6.25
C MET A 660 -18.56 -0.21 5.39
N ILE A 661 -18.74 -0.44 4.10
CA ILE A 661 -17.79 -0.03 3.08
C ILE A 661 -18.57 0.71 1.99
N PRO A 662 -18.45 2.03 1.91
CA PRO A 662 -19.21 2.78 0.93
C PRO A 662 -18.45 2.93 -0.36
N TRP A 663 -19.21 2.97 -1.45
CA TRP A 663 -18.67 2.90 -2.80
C TRP A 663 -19.25 4.08 -3.55
N VAL A 664 -18.41 5.04 -3.95
CA VAL A 664 -18.95 6.30 -4.43
C VAL A 664 -19.54 6.17 -5.82
N THR A 665 -19.16 5.15 -6.57
CA THR A 665 -19.71 4.86 -7.89
C THR A 665 -19.38 5.90 -8.95
N ILE A 666 -18.73 7.00 -8.59
CA ILE A 666 -18.32 8.01 -9.56
C ILE A 666 -16.82 8.25 -9.52
N ARG A 667 -16.26 8.40 -8.32
CA ARG A 667 -14.83 8.26 -8.16
C ARG A 667 -14.40 6.83 -8.46
N GLY A 668 -15.28 5.87 -8.20
CA GLY A 668 -14.96 4.48 -8.45
C GLY A 668 -14.29 3.78 -7.30
N GLY A 669 -14.31 4.34 -6.11
CA GLY A 669 -13.65 3.73 -4.98
C GLY A 669 -14.33 4.14 -3.71
N PRO A 670 -13.79 3.76 -2.56
CA PRO A 670 -14.43 4.05 -1.29
C PRO A 670 -14.01 5.40 -0.73
N VAL A 671 -14.84 5.93 0.16
CA VAL A 671 -14.44 7.12 0.90
C VAL A 671 -13.47 6.70 1.99
N THR A 672 -12.30 7.33 2.02
CA THR A 672 -11.25 6.88 2.91
C THR A 672 -11.53 7.38 4.32
N GLY A 673 -10.55 7.28 5.21
CA GLY A 673 -10.75 7.72 6.57
C GLY A 673 -11.11 9.19 6.69
N ARG A 674 -10.18 10.06 6.28
CA ARG A 674 -10.34 11.50 6.51
C ARG A 674 -11.55 12.07 5.79
N GLU A 675 -11.97 11.46 4.69
CA GLU A 675 -13.22 11.88 4.08
C GLU A 675 -14.42 11.46 4.91
N ALA A 676 -14.36 10.29 5.53
CA ALA A 676 -15.43 9.88 6.42
C ALA A 676 -15.49 10.78 7.63
N LEU A 677 -14.35 11.30 8.07
CA LEU A 677 -14.37 12.36 9.05
C LEU A 677 -15.07 13.60 8.52
N ALA A 678 -14.56 14.15 7.42
CA ALA A 678 -15.10 15.40 6.87
C ALA A 678 -16.59 15.33 6.56
N LEU A 679 -17.16 14.14 6.37
CA LEU A 679 -18.62 14.07 6.21
C LEU A 679 -19.35 14.29 7.53
N GLN A 680 -18.67 14.08 8.65
CA GLN A 680 -19.12 14.65 9.91
C GLN A 680 -18.70 16.12 9.90
N GLY A 681 -18.73 16.78 11.05
CA GLY A 681 -18.19 18.11 11.06
C GLY A 681 -16.69 18.17 11.25
N ILE A 682 -16.10 17.08 11.72
CA ILE A 682 -14.73 17.14 12.24
C ILE A 682 -13.78 17.61 11.15
N PRO A 683 -12.90 18.56 11.42
CA PRO A 683 -11.87 18.93 10.43
C PRO A 683 -10.64 18.06 10.56
N VAL A 684 -10.27 17.35 9.49
CA VAL A 684 -9.06 16.55 9.54
C VAL A 684 -7.84 17.43 9.74
N ARG A 685 -7.92 18.69 9.32
CA ARG A 685 -6.89 19.65 9.62
C ARG A 685 -6.81 19.87 11.13
N GLU A 686 -5.74 20.56 11.54
CA GLU A 686 -5.54 20.97 12.93
C GLU A 686 -5.74 19.82 13.92
N LEU A 687 -5.61 18.58 13.45
CA LEU A 687 -5.88 17.41 14.26
C LEU A 687 -4.85 16.36 13.90
N LEU A 688 -4.01 15.98 14.85
CA LEU A 688 -2.85 15.15 14.59
C LEU A 688 -3.23 13.69 14.73
N LEU A 689 -3.27 12.97 13.61
CA LEU A 689 -3.67 11.57 13.58
C LEU A 689 -2.44 10.72 13.29
N THR A 690 -1.75 10.32 14.35
CA THR A 690 -0.58 9.46 14.27
C THR A 690 -0.98 8.04 14.69
N SER A 691 -0.58 7.04 13.90
CA SER A 691 -0.91 5.65 14.11
C SER A 691 -2.38 5.35 13.87
N GLU A 692 -2.99 6.00 12.88
CA GLU A 692 -4.41 5.83 12.61
C GLU A 692 -4.59 5.14 11.26
N ASN A 693 -5.22 3.98 11.28
CA ASN A 693 -5.48 3.20 10.08
C ASN A 693 -6.92 3.40 9.62
N GLU A 694 -7.28 2.72 8.54
CA GLU A 694 -8.60 2.92 7.95
C GLU A 694 -9.70 2.34 8.82
N ASP A 695 -9.41 1.25 9.53
CA ASP A 695 -10.39 0.73 10.49
C ASP A 695 -10.57 1.69 11.65
N GLN A 696 -9.47 2.30 12.12
CA GLN A 696 -9.57 3.21 13.24
C GLN A 696 -10.27 4.50 12.87
N LEU A 697 -9.98 5.05 11.68
CA LEU A 697 -10.74 6.20 11.21
C LEU A 697 -12.20 5.83 11.01
N ALA A 698 -12.45 4.63 10.49
CA ALA A 698 -13.83 4.18 10.32
C ALA A 698 -14.56 4.19 11.65
N ASP A 699 -13.92 3.69 12.70
CA ASP A 699 -14.56 3.64 14.00
C ASP A 699 -14.77 5.03 14.57
N LEU A 700 -13.72 5.87 14.57
CA LEU A 700 -13.84 7.21 15.12
C LEU A 700 -14.93 8.00 14.41
N ALA A 701 -14.81 8.19 13.10
CA ALA A 701 -15.79 8.98 12.39
C ALA A 701 -17.07 8.24 12.10
N GLY A 702 -17.22 7.00 12.55
CA GLY A 702 -18.44 6.28 12.30
C GLY A 702 -19.57 6.64 13.23
N ASN A 703 -19.26 6.75 14.51
CA ASN A 703 -20.27 6.90 15.54
C ASN A 703 -20.24 8.25 16.25
N ALA A 704 -19.22 9.06 16.02
CA ALA A 704 -19.18 10.38 16.64
C ALA A 704 -20.32 11.25 16.14
N MET A 705 -20.97 11.95 17.06
CA MET A 705 -22.06 12.86 16.73
C MET A 705 -21.53 14.03 15.90
N THR A 706 -22.34 14.48 14.94
CA THR A 706 -21.92 15.51 14.00
C THR A 706 -21.63 16.81 14.75
N THR A 707 -20.47 17.40 14.49
CA THR A 707 -20.05 18.56 15.29
C THR A 707 -21.03 19.71 15.16
N THR A 708 -21.76 19.81 14.05
CA THR A 708 -22.70 20.91 13.90
C THR A 708 -23.96 20.69 14.74
N VAL A 709 -24.48 19.46 14.73
CA VAL A 709 -25.61 19.12 15.59
C VAL A 709 -25.28 19.35 17.06
N VAL A 710 -24.13 18.86 17.49
CA VAL A 710 -23.76 18.99 18.88
C VAL A 710 -23.49 20.43 19.24
N GLY A 711 -22.84 21.16 18.33
CA GLY A 711 -22.64 22.59 18.54
C GLY A 711 -23.95 23.33 18.72
N SER A 712 -24.94 23.01 17.89
CA SER A 712 -26.22 23.70 17.99
C SER A 712 -26.94 23.35 19.28
N ALA A 713 -27.05 22.07 19.60
CA ALA A 713 -27.72 21.67 20.84
C ALA A 713 -27.06 22.29 22.05
N MET A 714 -25.73 22.24 22.13
CA MET A 714 -25.03 22.83 23.26
C MET A 714 -25.21 24.34 23.31
N ILE A 715 -25.18 25.01 22.16
CA ILE A 715 -25.31 26.46 22.22
C ILE A 715 -26.72 26.84 22.64
N ALA A 716 -27.73 26.06 22.27
CA ALA A 716 -29.08 26.39 22.71
C ALA A 716 -29.25 26.12 24.19
N ALA A 717 -28.60 25.07 24.69
CA ALA A 717 -28.57 24.87 26.13
C ALA A 717 -27.96 26.07 26.83
N LEU A 718 -26.75 26.46 26.42
CA LEU A 718 -26.05 27.54 27.09
C LEU A 718 -26.72 28.89 26.87
N LYS A 719 -27.64 28.98 25.91
CA LYS A 719 -28.39 30.22 25.78
C LYS A 719 -29.65 30.22 26.63
N VAL A 720 -30.32 29.08 26.72
CA VAL A 720 -31.59 29.05 27.45
C VAL A 720 -31.35 29.04 28.95
N ALA A 721 -30.25 28.43 29.40
CA ALA A 721 -29.94 28.34 30.82
C ALA A 721 -28.70 29.15 31.15
N CYS A 722 -28.59 30.34 30.54
CA CYS A 722 -27.42 31.18 30.77
C CYS A 722 -27.30 31.56 32.24
N HIS A 723 -28.40 31.98 32.86
CA HIS A 723 -28.36 32.50 34.22
C HIS A 723 -27.83 31.49 35.22
N LYS A 724 -28.15 30.21 35.05
CA LYS A 724 -27.90 29.25 36.11
C LYS A 724 -26.42 29.09 36.43
N ILE A 725 -25.54 29.45 35.49
CA ILE A 725 -24.11 29.34 35.76
C ILE A 725 -23.64 30.56 36.52
N THR A 726 -22.78 30.33 37.52
CA THR A 726 -22.35 31.40 38.40
C THR A 726 -21.40 32.36 37.67
N GLU A 727 -20.88 33.32 38.42
CA GLU A 727 -19.98 34.33 37.89
C GLU A 727 -18.54 34.06 38.34
N GLY A 728 -17.62 34.88 37.84
CA GLY A 728 -16.21 34.65 38.12
C GLY A 728 -15.61 35.53 39.19
N ALA A 729 -15.90 36.84 39.13
CA ALA A 729 -15.41 37.84 40.10
C ALA A 729 -13.91 38.05 40.01
N ASN A 730 -13.35 38.08 38.80
CA ASN A 730 -11.95 38.44 38.60
C ASN A 730 -11.71 38.81 37.13
N PRO A 731 -12.37 39.84 36.60
CA PRO A 731 -12.31 40.07 35.15
C PRO A 731 -11.01 40.71 34.65
N GLU A 732 -10.51 41.69 35.39
CA GLU A 732 -9.38 42.48 34.89
C GLU A 732 -8.10 41.65 34.85
N LYS A 733 -7.91 40.78 35.83
CA LYS A 733 -6.77 39.88 35.79
C LYS A 733 -6.83 38.97 34.58
N GLU A 734 -8.03 38.55 34.18
CA GLU A 734 -8.15 37.68 33.02
C GLU A 734 -7.85 38.43 31.73
N ALA A 735 -8.35 39.66 31.59
CA ALA A 735 -7.98 40.47 30.44
C ALA A 735 -6.47 40.67 30.37
N ALA A 736 -5.84 40.91 31.53
CA ALA A 736 -4.40 41.11 31.56
C ALA A 736 -3.64 39.84 31.15
N LEU A 737 -4.09 38.68 31.64
CA LEU A 737 -3.46 37.42 31.25
C LEU A 737 -3.57 37.21 29.74
N ILE A 738 -4.74 37.51 29.17
CA ILE A 738 -4.94 37.33 27.74
C ILE A 738 -3.96 38.20 26.96
N LEU A 739 -3.91 39.49 27.29
CA LEU A 739 -3.01 40.39 26.57
C LEU A 739 -1.56 39.97 26.75
N GLU A 740 -1.19 39.49 27.94
CA GLU A 740 0.18 39.09 28.21
C GLU A 740 0.59 37.89 27.35
N LYS A 741 -0.26 36.87 27.28
CA LYS A 741 0.08 35.69 26.49
C LYS A 741 0.11 36.03 25.00
N GLU A 742 -0.85 36.82 24.52
CA GLU A 742 -0.80 37.25 23.12
C GLU A 742 0.49 38.01 22.83
N ALA A 743 0.93 38.85 23.76
CA ALA A 743 2.14 39.62 23.54
C ALA A 743 3.38 38.74 23.48
N VAL A 744 3.48 37.76 24.38
CA VAL A 744 4.67 36.91 24.32
C VAL A 744 4.67 36.08 23.03
N ASP A 745 3.50 35.65 22.56
CA ASP A 745 3.46 34.91 21.31
C ASP A 745 3.84 35.79 20.12
N ASP A 746 3.36 37.03 20.09
CA ASP A 746 3.73 37.92 19.00
C ASP A 746 5.17 38.38 19.07
N GLU A 747 5.82 38.22 20.23
CA GLU A 747 7.26 38.49 20.31
C GLU A 747 8.09 37.30 19.84
N GLN A 748 7.64 36.08 20.11
CA GLN A 748 8.40 34.89 19.73
C GLN A 748 8.69 34.86 18.23
N VAL A 749 7.65 34.76 17.41
CA VAL A 749 7.83 34.62 15.98
C VAL A 749 8.61 35.79 15.40
N ALA A 750 8.58 36.94 16.06
CA ALA A 750 9.34 38.08 15.58
C ALA A 750 10.83 37.87 15.85
N ASN A 751 11.17 37.45 17.06
CA ASN A 751 12.59 37.26 17.36
C ASN A 751 13.14 35.94 16.83
N ARG A 752 12.33 35.16 16.11
CA ARG A 752 12.83 33.89 15.58
C ARG A 752 14.01 34.07 14.64
N ILE A 753 14.02 35.14 13.85
CA ILE A 753 15.03 35.34 12.83
C ILE A 753 16.21 36.13 13.40
N ILE A 754 17.43 35.64 13.17
CA ILE A 754 18.62 36.16 13.83
C ILE A 754 19.75 36.49 12.86
N GLY A 755 19.47 36.59 11.57
CA GLY A 755 20.58 36.79 10.65
C GLY A 755 20.49 38.01 9.75
N GLU A 756 20.03 39.13 10.28
CA GLU A 756 19.94 40.34 9.47
C GLU A 756 21.28 41.06 9.35
N ASP A 757 22.38 40.43 9.79
CA ASP A 757 23.68 41.10 9.70
C ASP A 757 24.07 41.34 8.25
N TYR A 758 23.83 40.36 7.38
CA TYR A 758 24.34 40.35 6.02
C TYR A 758 23.20 40.53 5.01
N LEU A 759 23.36 41.51 4.13
CA LEU A 759 22.43 41.76 3.04
C LEU A 759 23.20 42.38 1.88
N GLU A 760 22.64 42.30 0.68
CA GLU A 760 23.23 42.92 -0.49
C GLU A 760 22.28 43.86 -1.23
N HIS A 761 20.98 43.56 -1.25
CA HIS A 761 19.97 44.42 -1.86
C HIS A 761 20.16 44.53 -3.37
N HIS A 762 20.42 43.40 -4.02
CA HIS A 762 20.39 43.39 -5.48
C HIS A 762 19.00 43.75 -5.96
N ASP A 763 18.91 44.72 -6.86
CA ASP A 763 17.62 45.13 -7.37
C ASP A 763 17.05 44.04 -8.27
N LEU A 764 15.73 43.93 -8.28
CA LEU A 764 15.04 42.78 -8.85
C LEU A 764 14.18 43.21 -10.02
N ASP A 765 14.41 42.59 -11.18
CA ASP A 765 13.61 42.82 -12.37
C ASP A 765 12.59 41.70 -12.50
N LEU A 766 11.33 42.01 -12.20
CA LEU A 766 10.31 40.98 -12.17
C LEU A 766 10.01 40.44 -13.56
N ALA A 767 10.13 41.28 -14.59
CA ALA A 767 9.86 40.86 -15.96
C ALA A 767 11.09 40.14 -16.50
N LYS A 768 11.10 38.82 -16.34
CA LYS A 768 12.20 37.98 -16.76
C LYS A 768 11.75 37.01 -17.86
N VAL A 769 10.99 37.53 -18.83
CA VAL A 769 10.57 36.69 -19.93
C VAL A 769 11.76 36.34 -20.81
N THR A 770 11.58 35.36 -21.69
CA THR A 770 12.60 34.98 -22.65
C THR A 770 11.97 34.78 -24.02
N LYS A 771 12.82 34.56 -25.01
CA LYS A 771 12.36 34.31 -26.36
C LYS A 771 12.40 32.82 -26.67
N SER A 772 11.37 32.34 -27.35
CA SER A 772 11.34 30.96 -27.82
C SER A 772 10.43 30.87 -29.03
N ASN A 773 10.69 29.86 -29.86
CA ASN A 773 10.04 29.78 -31.16
C ASN A 773 8.54 29.49 -31.05
N LEU A 774 8.08 29.06 -29.88
CA LEU A 774 6.66 28.97 -29.56
C LEU A 774 5.96 27.88 -30.38
N SER A 775 6.66 27.28 -31.32
CA SER A 775 6.16 26.06 -31.95
C SER A 775 6.85 24.84 -31.36
N GLU A 776 8.16 24.94 -31.16
CA GLU A 776 8.87 23.89 -30.46
C GLU A 776 8.41 23.77 -29.02
N ILE A 777 7.97 24.87 -28.41
CA ILE A 777 7.52 24.75 -27.03
C ILE A 777 6.14 24.12 -26.95
N LEU A 778 5.26 24.38 -27.92
CA LEU A 778 4.00 23.65 -27.94
C LEU A 778 4.24 22.17 -28.23
N ASP A 779 5.22 21.89 -29.09
CA ASP A 779 5.66 20.50 -29.28
C ASP A 779 6.04 19.87 -27.95
N LEU A 780 6.98 20.47 -27.24
CA LEU A 780 7.44 19.90 -25.98
C LEU A 780 6.34 19.89 -24.94
N ALA A 781 5.29 20.70 -25.11
CA ALA A 781 4.17 20.67 -24.19
C ALA A 781 3.27 19.47 -24.46
N CYS A 782 3.02 19.18 -25.73
CA CYS A 782 2.29 17.96 -26.06
C CYS A 782 3.08 16.71 -25.70
N ARG A 783 4.41 16.77 -25.79
CA ARG A 783 5.25 15.60 -25.62
C ARG A 783 5.45 15.21 -24.15
N SER A 784 5.11 16.08 -23.22
CA SER A 784 5.26 15.81 -21.80
C SER A 784 3.96 16.16 -21.09
N SER A 785 3.05 15.20 -21.05
CA SER A 785 1.74 15.41 -20.45
C SER A 785 1.16 14.06 -20.04
N ARG A 786 0.26 14.12 -19.07
CA ARG A 786 -0.22 12.91 -18.41
C ARG A 786 -0.84 11.95 -19.41
N HIS A 787 -0.24 10.77 -19.54
CA HIS A 787 -0.75 9.75 -20.43
C HIS A 787 -1.47 8.63 -19.68
N CYS A 788 -1.83 8.83 -18.42
CA CYS A 788 -2.60 7.87 -17.65
C CYS A 788 -2.93 8.48 -16.31
N GLN A 789 -4.04 8.03 -15.70
CA GLN A 789 -4.33 8.44 -14.34
C GLN A 789 -3.28 7.93 -13.36
N CYS A 790 -2.44 7.00 -13.78
CA CYS A 790 -1.39 6.48 -12.91
C CYS A 790 -0.31 7.52 -12.65
N GLU A 791 0.00 8.36 -13.63
CA GLU A 791 1.10 9.30 -13.46
C GLU A 791 0.74 10.41 -12.49
N GLY A 792 -0.24 11.24 -12.86
CA GLY A 792 -0.79 12.22 -11.94
C GLY A 792 0.14 13.34 -11.53
N GLN A 793 0.44 14.25 -12.45
CA GLN A 793 1.06 15.53 -12.21
C GLN A 793 2.53 15.46 -11.84
N SER A 794 3.09 14.27 -11.64
CA SER A 794 4.46 14.19 -11.14
C SER A 794 5.42 13.49 -12.10
N GLY A 795 5.11 12.28 -12.54
CA GLY A 795 6.09 11.47 -13.23
C GLY A 795 5.61 10.72 -14.43
N THR A 796 6.36 9.70 -14.85
CA THR A 796 6.14 8.98 -16.09
C THR A 796 6.04 7.49 -15.85
N ALA A 797 5.11 6.84 -16.53
CA ALA A 797 4.96 5.40 -16.53
C ALA A 797 5.02 4.88 -17.97
N PRO A 798 5.67 3.75 -18.21
CA PRO A 798 6.01 3.34 -19.58
C PRO A 798 4.93 2.50 -20.24
N ASN A 799 5.10 2.31 -21.55
CA ASN A 799 4.20 1.52 -22.39
C ASN A 799 2.78 2.09 -22.39
N ILE A 800 2.66 3.29 -22.93
CA ILE A 800 1.37 3.94 -23.09
C ILE A 800 0.74 3.46 -24.39
N LEU A 801 -0.55 3.16 -24.35
CA LEU A 801 -1.31 2.71 -25.52
C LEU A 801 -2.31 3.78 -25.90
N GLU A 802 -2.15 4.34 -27.09
CA GLU A 802 -3.05 5.37 -27.57
C GLU A 802 -4.04 4.76 -28.55
N CYS A 803 -5.33 4.88 -28.25
CA CYS A 803 -6.34 4.33 -29.14
C CYS A 803 -6.34 5.07 -30.47
N GLN A 804 -6.76 4.36 -31.51
CA GLN A 804 -6.92 4.93 -32.84
C GLN A 804 -8.40 5.21 -33.07
N GLU A 805 -8.71 6.45 -33.43
CA GLU A 805 -10.02 7.05 -33.69
C GLU A 805 -10.76 7.45 -32.41
N CYS A 806 -10.11 7.40 -31.25
CA CYS A 806 -10.72 7.92 -30.03
C CYS A 806 -9.77 8.85 -29.30
N SER A 807 -8.47 8.65 -29.51
CA SER A 807 -7.43 9.45 -28.87
C SER A 807 -7.56 9.40 -27.35
N TYR A 808 -7.38 8.21 -26.79
CA TYR A 808 -7.44 8.02 -25.35
C TYR A 808 -6.27 7.17 -24.93
N ARG A 809 -5.31 7.77 -24.27
CA ARG A 809 -4.10 7.08 -23.84
C ARG A 809 -4.32 6.50 -22.46
N ALA A 810 -3.62 5.41 -22.17
CA ALA A 810 -3.75 4.73 -20.89
C ALA A 810 -2.67 3.67 -20.80
N CYS A 811 -2.19 3.43 -19.58
CA CYS A 811 -1.08 2.52 -19.39
C CYS A 811 -1.44 1.12 -19.87
N LYS A 812 -0.43 0.26 -19.93
CA LYS A 812 -0.68 -1.14 -20.20
C LYS A 812 -1.31 -1.82 -19.00
N SER A 813 -0.72 -1.64 -17.83
CA SER A 813 -1.43 -1.97 -16.61
C SER A 813 -2.60 -1.03 -16.45
N CYS A 814 -3.63 -1.49 -15.74
CA CYS A 814 -4.94 -0.82 -15.72
C CYS A 814 -5.39 -0.48 -17.13
N GLY A 815 -4.94 -1.28 -18.09
CA GLY A 815 -5.31 -1.05 -19.47
C GLY A 815 -6.80 -1.25 -19.65
N GLY A 816 -7.34 -0.66 -20.71
CA GLY A 816 -8.78 -0.62 -20.87
C GLY A 816 -9.38 -2.01 -20.86
N ARG A 817 -10.30 -2.21 -19.91
CA ARG A 817 -11.29 -3.27 -20.10
C ARG A 817 -12.34 -2.86 -21.12
N PRO A 818 -12.82 -1.60 -21.17
CA PRO A 818 -13.55 -1.19 -22.37
C PRO A 818 -12.56 -1.05 -23.52
N GLU A 819 -12.22 -2.19 -24.12
CA GLU A 819 -11.08 -2.24 -25.03
C GLU A 819 -11.33 -1.38 -26.26
N HIS A 820 -10.37 -0.51 -26.55
CA HIS A 820 -10.40 0.31 -27.74
C HIS A 820 -9.66 -0.40 -28.86
N VAL A 821 -9.31 0.35 -29.92
CA VAL A 821 -8.42 -0.18 -30.94
C VAL A 821 -7.02 -0.36 -30.38
N TYR A 822 -6.47 0.69 -29.76
CA TYR A 822 -5.25 0.63 -28.96
C TYR A 822 -4.04 0.16 -29.78
N ALA A 823 -3.67 0.99 -30.71
CA ALA A 823 -2.34 0.76 -31.29
C ALA A 823 -1.30 1.48 -30.44
N PRO A 824 -0.14 0.87 -30.21
CA PRO A 824 0.84 1.46 -29.28
C PRO A 824 1.21 2.89 -29.67
N CYS A 825 1.55 3.68 -28.66
CA CYS A 825 1.82 5.10 -28.84
C CYS A 825 3.30 5.30 -29.18
N ALA A 826 3.55 6.17 -30.16
CA ALA A 826 4.90 6.54 -30.55
C ALA A 826 5.12 7.98 -30.13
N ASN A 827 5.94 8.18 -29.10
CA ASN A 827 6.20 9.50 -28.57
C ASN A 827 7.36 9.40 -27.58
N GLN A 828 8.17 10.44 -27.52
CA GLN A 828 9.23 10.50 -26.52
C GLN A 828 8.70 11.12 -25.24
N ARG A 829 9.46 10.98 -24.16
CA ARG A 829 9.00 11.47 -22.88
C ARG A 829 10.01 12.45 -22.31
N VAL A 830 9.50 13.63 -21.97
CA VAL A 830 10.35 14.72 -21.40
C VAL A 830 9.87 14.90 -19.97
N GLU A 831 10.79 14.95 -19.01
CA GLU A 831 10.35 15.12 -17.60
C GLU A 831 9.60 16.46 -17.52
N PRO A 832 8.48 16.46 -16.80
CA PRO A 832 7.64 17.65 -16.67
C PRO A 832 8.54 18.74 -16.09
N ALA A 833 9.49 18.33 -15.25
CA ALA A 833 10.42 19.32 -14.66
C ALA A 833 11.07 20.19 -15.73
N GLU A 834 11.47 19.63 -16.87
CA GLU A 834 12.08 20.48 -17.89
C GLU A 834 11.05 21.40 -18.54
N PHE A 835 9.87 20.86 -18.84
CA PHE A 835 8.87 21.67 -19.52
C PHE A 835 8.39 22.81 -18.63
N GLU A 836 8.22 22.56 -17.34
CA GLU A 836 7.87 23.65 -16.43
C GLU A 836 8.98 24.67 -16.38
N LYS A 837 10.23 24.22 -16.25
CA LYS A 837 11.33 25.16 -16.17
C LYS A 837 11.36 26.09 -17.37
N ARG A 838 11.03 25.58 -18.55
CA ARG A 838 11.06 26.46 -19.72
C ARG A 838 9.76 27.27 -19.85
N PHE A 839 8.62 26.67 -19.51
CA PHE A 839 7.36 27.36 -19.67
C PHE A 839 7.21 28.52 -18.69
N LYS A 840 7.71 28.39 -17.47
CA LYS A 840 7.74 29.53 -16.57
C LYS A 840 8.44 30.71 -17.23
N GLY A 841 9.70 30.51 -17.63
CA GLY A 841 10.45 31.57 -18.28
C GLY A 841 9.81 32.11 -19.54
N LEU A 842 8.99 31.30 -20.21
CA LEU A 842 8.41 31.77 -21.46
C LEU A 842 7.26 32.74 -21.20
N LEU A 843 6.42 32.45 -20.26
CA LEU A 843 5.23 33.24 -20.07
C LEU A 843 5.43 34.29 -18.99
N PRO A 844 4.72 35.42 -19.07
CA PRO A 844 4.87 36.46 -18.05
C PRO A 844 4.39 35.99 -16.70
N MET A 845 4.80 36.71 -15.67
CA MET A 845 4.38 36.36 -14.31
C MET A 845 3.11 37.06 -13.90
N ARG A 846 2.62 38.01 -14.69
CA ARG A 846 1.36 38.69 -14.45
C ARG A 846 0.85 39.23 -15.77
N VAL A 847 -0.47 39.32 -15.90
CA VAL A 847 -1.12 39.96 -17.04
C VAL A 847 -2.32 40.74 -16.53
N ARG A 848 -2.88 41.54 -17.43
CA ARG A 848 -4.09 42.32 -17.14
C ARG A 848 -4.73 42.70 -18.46
N ILE A 849 -6.03 42.50 -18.56
CA ILE A 849 -6.72 42.74 -19.82
C ILE A 849 -6.94 44.23 -19.99
N ALA A 850 -6.31 44.83 -21.01
CA ALA A 850 -6.36 46.27 -21.16
C ALA A 850 -7.80 46.76 -21.25
N GLY A 851 -8.49 46.42 -22.32
CA GLY A 851 -9.94 46.44 -22.34
C GLY A 851 -10.49 47.80 -22.77
N LEU A 852 -10.95 48.56 -21.77
CA LEU A 852 -11.74 49.81 -21.98
C LEU A 852 -13.04 49.39 -22.70
N THR A 853 -13.69 48.32 -22.19
CA THR A 853 -14.84 47.71 -22.85
C THR A 853 -16.15 48.02 -22.14
N ASP A 854 -16.33 49.26 -21.67
CA ASP A 854 -17.62 49.62 -21.07
C ASP A 854 -18.72 49.69 -22.12
N GLN A 855 -18.44 50.36 -23.24
CA GLN A 855 -19.39 50.45 -24.35
C GLN A 855 -19.13 49.40 -25.42
N CYS A 856 -17.93 48.83 -25.45
CA CYS A 856 -17.59 47.77 -26.39
C CYS A 856 -18.60 46.63 -26.32
N LEU A 857 -19.18 46.38 -25.16
CA LEU A 857 -20.17 45.32 -25.05
C LEU A 857 -21.42 45.65 -25.89
N ASN A 858 -21.93 46.87 -25.78
CA ASN A 858 -23.11 47.24 -26.56
C ASN A 858 -22.80 47.25 -28.05
N ALA A 859 -21.61 47.72 -28.42
CA ALA A 859 -21.18 47.59 -29.81
C ALA A 859 -21.24 46.14 -30.26
N VAL A 860 -20.69 45.23 -29.45
CA VAL A 860 -20.66 43.80 -29.77
C VAL A 860 -22.08 43.25 -29.88
N ARG A 861 -22.98 43.70 -29.00
CA ARG A 861 -24.35 43.21 -29.03
C ARG A 861 -25.03 43.58 -30.34
N LYS A 862 -24.94 44.84 -30.73
CA LYS A 862 -25.57 45.25 -31.98
C LYS A 862 -24.92 44.54 -33.18
N ALA A 863 -23.60 44.46 -33.21
CA ALA A 863 -22.93 43.78 -34.31
C ALA A 863 -23.37 42.32 -34.40
N ALA A 864 -23.43 41.62 -33.26
CA ALA A 864 -23.87 40.24 -33.25
C ALA A 864 -25.31 40.12 -33.71
N GLU A 865 -26.17 41.04 -33.29
CA GLU A 865 -27.54 41.03 -33.78
C GLU A 865 -27.59 41.20 -35.29
N LYS A 866 -26.62 41.92 -35.86
CA LYS A 866 -26.53 42.00 -37.32
C LYS A 866 -26.29 40.62 -37.91
N SER A 867 -25.39 39.86 -37.31
CA SER A 867 -25.27 38.45 -37.65
C SER A 867 -26.47 37.67 -37.11
N ASN A 868 -26.48 36.39 -37.37
CA ASN A 868 -27.56 35.54 -36.87
C ASN A 868 -27.14 34.89 -35.55
N LYS A 869 -27.92 35.15 -34.51
CA LYS A 869 -27.67 34.62 -33.19
C LYS A 869 -28.90 34.95 -32.34
N GLY A 870 -29.04 34.24 -31.23
CA GLY A 870 -30.19 34.46 -30.37
C GLY A 870 -30.14 35.83 -29.73
N SER A 871 -31.21 36.60 -29.94
CA SER A 871 -31.31 37.91 -29.30
C SER A 871 -31.33 37.73 -27.79
N VAL A 872 -30.45 38.44 -27.10
CA VAL A 872 -30.33 38.32 -25.66
C VAL A 872 -31.35 39.25 -25.01
N ASN A 873 -31.94 38.80 -23.92
CA ASN A 873 -32.89 39.64 -23.19
C ASN A 873 -32.18 40.84 -22.58
N ASP A 874 -32.97 41.70 -21.93
CA ASP A 874 -32.36 42.79 -21.19
C ASP A 874 -31.80 42.28 -19.86
N ASN A 875 -32.52 41.38 -19.20
CA ASN A 875 -32.12 40.95 -17.87
C ASN A 875 -30.86 40.10 -17.93
N ASP A 876 -30.82 39.15 -18.86
CA ASP A 876 -29.63 38.33 -19.02
C ASP A 876 -28.43 39.18 -19.40
N TRP A 877 -28.60 40.08 -20.37
CA TRP A 877 -27.50 40.94 -20.79
C TRP A 877 -27.00 41.78 -19.62
N GLN A 878 -27.92 42.37 -18.85
CA GLN A 878 -27.52 43.20 -17.74
C GLN A 878 -26.74 42.40 -16.70
N LEU A 879 -27.33 41.29 -16.24
CA LEU A 879 -26.68 40.49 -15.21
C LEU A 879 -25.34 39.96 -15.68
N TRP A 880 -25.18 39.71 -16.98
CA TRP A 880 -23.92 39.18 -17.47
C TRP A 880 -22.88 40.29 -17.59
N SER A 881 -23.25 41.40 -18.21
CA SER A 881 -22.30 42.48 -18.45
C SER A 881 -21.82 43.10 -17.15
N THR A 882 -22.75 43.40 -16.23
CA THR A 882 -22.36 44.10 -15.01
C THR A 882 -21.48 43.22 -14.13
N ALA A 883 -21.60 41.90 -14.27
CA ALA A 883 -20.72 41.00 -13.52
C ALA A 883 -19.42 40.75 -14.25
N LEU A 884 -19.41 40.89 -15.58
CA LEU A 884 -18.15 40.74 -16.31
C LEU A 884 -17.27 41.97 -16.16
N LEU A 885 -17.86 43.11 -15.93
CA LEU A 885 -17.03 44.32 -15.96
C LEU A 885 -16.08 44.47 -14.78
N GLU A 886 -15.91 43.46 -13.92
CA GLU A 886 -14.97 43.55 -12.81
C GLU A 886 -13.69 42.77 -13.02
N GLY A 887 -13.70 41.74 -13.86
CA GLY A 887 -12.46 41.10 -14.23
C GLY A 887 -11.68 41.89 -15.25
N ILE A 888 -12.37 42.70 -16.05
CA ILE A 888 -11.69 43.57 -17.00
C ILE A 888 -11.15 44.81 -16.32
N HIS A 889 -11.74 45.20 -15.19
CA HIS A 889 -11.17 46.28 -14.39
C HIS A 889 -9.73 45.94 -14.05
N ASP A 890 -8.94 46.98 -13.77
CA ASP A 890 -7.50 46.77 -13.67
C ASP A 890 -7.13 46.08 -12.37
N ALA A 891 -7.75 44.93 -12.13
CA ALA A 891 -7.34 44.00 -11.09
C ALA A 891 -6.39 43.03 -11.76
N GLU A 892 -5.10 43.16 -11.45
CA GLU A 892 -4.08 42.41 -12.16
C GLU A 892 -4.18 40.92 -11.83
N PHE A 893 -3.90 40.10 -12.83
CA PHE A 893 -3.87 38.66 -12.63
C PHE A 893 -2.48 38.22 -12.17
N ARG A 894 -2.46 37.36 -11.17
CA ARG A 894 -1.24 36.75 -10.71
C ARG A 894 -1.21 35.32 -11.22
N PHE A 895 -0.12 34.62 -10.92
CA PHE A 895 0.10 33.28 -11.43
C PHE A 895 0.16 32.30 -10.27
N ARG A 896 -0.36 31.09 -10.48
CA ARG A 896 -0.34 30.09 -9.41
C ARG A 896 -0.65 28.72 -10.00
N TYR A 897 0.15 27.74 -9.60
CA TYR A 897 -0.09 26.33 -9.87
C TYR A 897 -0.44 26.06 -11.34
N LEU A 898 0.56 26.25 -12.17
CA LEU A 898 0.56 25.61 -13.48
C LEU A 898 0.35 24.12 -13.33
N LYS A 899 -0.71 23.58 -13.93
CA LYS A 899 -1.13 22.21 -13.68
C LYS A 899 -0.87 21.33 -14.89
N ARG A 900 -0.96 20.01 -14.68
CA ARG A 900 -0.52 19.03 -15.66
C ARG A 900 -1.59 18.00 -16.00
N GLN A 901 -2.81 18.16 -15.51
CA GLN A 901 -3.84 17.12 -15.66
C GLN A 901 -3.81 16.45 -17.03
N SER A 902 -3.91 17.25 -18.09
CA SER A 902 -3.62 16.80 -19.44
C SER A 902 -3.53 18.03 -20.32
N THR A 903 -2.46 18.14 -21.10
CA THR A 903 -2.22 19.26 -22.01
C THR A 903 -1.98 20.57 -21.28
N TRP A 904 -1.58 20.55 -20.02
CA TRP A 904 -0.83 21.64 -19.41
C TRP A 904 -1.57 22.97 -19.44
N THR A 905 -2.66 23.04 -18.70
CA THR A 905 -3.27 24.34 -18.45
C THR A 905 -2.45 25.13 -17.45
N ALA A 906 -2.31 26.43 -17.69
CA ALA A 906 -1.56 27.32 -16.79
C ALA A 906 -2.51 28.41 -16.31
N VAL A 907 -2.91 28.35 -15.04
CA VAL A 907 -4.03 29.12 -14.53
C VAL A 907 -3.54 30.38 -13.82
N TYR A 908 -4.06 31.53 -14.26
CA TYR A 908 -3.87 32.81 -13.59
C TYR A 908 -5.11 33.15 -12.80
N GLU A 909 -5.04 34.22 -12.01
CA GLU A 909 -6.13 34.54 -11.10
C GLU A 909 -6.08 36.00 -10.70
N ALA A 910 -7.25 36.63 -10.65
CA ALA A 910 -7.46 37.95 -10.08
C ALA A 910 -8.43 37.82 -8.91
N ARG A 911 -8.72 38.95 -8.26
CA ARG A 911 -9.53 38.87 -7.05
C ARG A 911 -10.94 38.39 -7.34
N ARG A 912 -11.45 38.66 -8.54
CA ARG A 912 -12.81 38.29 -8.88
C ARG A 912 -12.93 37.40 -10.12
N ALA A 913 -11.88 37.27 -10.91
CA ALA A 913 -11.95 36.52 -12.16
C ALA A 913 -10.91 35.40 -12.13
N MET A 914 -10.75 34.73 -13.27
CA MET A 914 -9.76 33.68 -13.43
C MET A 914 -9.48 33.48 -14.91
N LEU A 915 -8.21 33.29 -15.24
CA LEU A 915 -7.77 33.14 -16.62
C LEU A 915 -6.71 32.05 -16.69
N SER A 916 -6.75 31.21 -17.73
CA SER A 916 -5.90 30.03 -17.75
C SER A 916 -5.62 29.62 -19.19
N LEU A 917 -4.45 30.00 -19.70
CA LEU A 917 -3.98 29.51 -20.99
C LEU A 917 -4.05 27.99 -21.04
N VAL A 918 -4.81 27.44 -21.99
CA VAL A 918 -5.06 26.01 -21.98
C VAL A 918 -3.87 25.24 -22.55
N LEU A 919 -3.28 25.73 -23.64
CA LEU A 919 -2.13 25.09 -24.27
C LEU A 919 -2.49 23.73 -24.84
N ARG A 920 -3.65 23.64 -25.48
CA ARG A 920 -4.06 22.40 -26.12
C ARG A 920 -3.00 21.92 -27.09
N ASN A 921 -3.07 20.64 -27.42
CA ASN A 921 -2.16 20.11 -28.44
C ASN A 921 -2.48 20.69 -29.80
N GLN A 922 -3.66 21.28 -29.98
CA GLN A 922 -4.02 21.98 -31.19
C GLN A 922 -4.90 23.17 -30.83
N ILE A 923 -4.61 24.33 -31.43
CA ILE A 923 -5.32 25.57 -31.17
C ILE A 923 -5.25 25.91 -29.69
N PRO A 924 -4.09 26.31 -29.18
CA PRO A 924 -4.01 26.75 -27.78
C PRO A 924 -4.75 28.05 -27.58
N GLU A 925 -5.43 28.16 -26.43
CA GLU A 925 -6.27 29.32 -26.18
C GLU A 925 -6.19 29.69 -24.70
N TRP A 926 -6.84 30.79 -24.31
CA TRP A 926 -6.70 31.36 -22.98
C TRP A 926 -7.91 31.14 -22.06
N ARG A 927 -9.13 31.31 -22.53
CA ARG A 927 -10.32 30.91 -21.77
C ARG A 927 -10.42 31.65 -20.43
N LEU A 928 -10.77 32.92 -20.52
CA LEU A 928 -11.12 33.71 -19.34
C LEU A 928 -12.47 33.29 -18.78
N THR A 929 -12.59 33.34 -17.45
CA THR A 929 -13.86 33.09 -16.77
C THR A 929 -13.99 33.99 -15.56
N ILE A 930 -15.23 34.17 -15.10
CA ILE A 930 -15.55 35.10 -14.03
C ILE A 930 -16.15 34.33 -12.88
N LYS A 931 -15.76 34.66 -11.65
CA LYS A 931 -16.31 33.98 -10.48
C LYS A 931 -17.62 34.60 -10.04
N ALA A 932 -18.67 33.79 -9.98
CA ALA A 932 -19.89 34.19 -9.31
C ALA A 932 -19.57 34.49 -7.85
N PRO A 933 -20.40 35.31 -7.19
CA PRO A 933 -20.05 35.76 -5.83
C PRO A 933 -20.04 34.61 -4.84
N ALA A 934 -19.72 34.95 -3.60
CA ALA A 934 -19.60 33.92 -2.57
C ALA A 934 -20.98 33.44 -2.12
N SER A 935 -21.84 34.37 -1.70
CA SER A 935 -23.14 34.03 -1.11
C SER A 935 -24.21 34.24 -2.17
N GLU A 936 -24.66 33.14 -2.78
CA GLU A 936 -25.72 33.22 -3.77
C GLU A 936 -26.28 31.83 -3.97
N PRO A 937 -27.59 31.65 -3.92
CA PRO A 937 -28.16 30.30 -3.98
C PRO A 937 -27.87 29.61 -5.30
N ASN A 938 -28.03 28.29 -5.30
CA ASN A 938 -27.65 27.49 -6.46
C ASN A 938 -28.56 27.75 -7.65
N ASN A 939 -29.85 27.98 -7.39
CA ASN A 939 -30.80 28.17 -8.48
C ASN A 939 -30.95 29.65 -8.82
N SER A 940 -29.80 30.29 -9.06
CA SER A 940 -29.74 31.71 -9.37
C SER A 940 -29.30 31.90 -10.81
N GLN A 941 -29.81 32.95 -11.44
CA GLN A 941 -29.49 33.17 -12.84
C GLN A 941 -28.01 33.43 -13.05
N LEU A 942 -27.35 34.08 -12.08
CA LEU A 942 -25.95 34.41 -12.26
C LEU A 942 -25.08 33.15 -12.21
N ARG A 943 -25.41 32.21 -11.32
CA ARG A 943 -24.71 30.93 -11.32
C ARG A 943 -25.10 30.07 -12.50
N ALA A 944 -25.89 30.62 -13.43
CA ALA A 944 -26.12 29.94 -14.70
C ALA A 944 -25.40 30.67 -15.83
N LEU A 945 -25.30 31.99 -15.73
CA LEU A 945 -24.69 32.77 -16.79
C LEU A 945 -23.18 32.75 -16.72
N LEU A 946 -22.62 32.75 -15.51
CA LEU A 946 -21.18 32.73 -15.33
C LEU A 946 -20.66 31.33 -15.06
N LEU A 947 -21.37 30.30 -15.52
CA LEU A 947 -20.91 28.93 -15.29
C LEU A 947 -19.82 28.54 -16.28
N HIS A 948 -19.91 28.99 -17.48
CA HIS A 948 -18.93 28.59 -18.46
C HIS A 948 -18.01 29.75 -18.78
N PRO A 949 -16.79 29.47 -19.27
CA PRO A 949 -15.88 30.57 -19.62
C PRO A 949 -16.50 31.53 -20.61
N VAL A 950 -15.98 32.74 -20.61
CA VAL A 950 -16.40 33.77 -21.55
C VAL A 950 -15.14 34.39 -22.16
N ALA A 951 -15.23 34.76 -23.43
CA ALA A 951 -14.19 35.56 -24.08
C ALA A 951 -12.84 34.85 -24.10
N ARG A 952 -12.77 33.77 -24.87
CA ARG A 952 -11.49 33.11 -25.09
C ARG A 952 -10.70 33.83 -26.17
N LEU A 953 -9.42 33.45 -26.28
CA LEU A 953 -8.52 33.96 -27.31
C LEU A 953 -7.64 32.83 -27.81
N GLN A 954 -7.50 32.71 -29.12
CA GLN A 954 -6.70 31.66 -29.72
C GLN A 954 -5.33 32.21 -30.11
N ILE A 955 -4.28 31.52 -29.66
CA ILE A 955 -2.91 31.97 -29.90
C ILE A 955 -2.62 32.05 -31.40
N ASP A 956 -1.92 33.09 -31.79
CA ASP A 956 -1.30 33.13 -33.11
C ASP A 956 -0.08 32.21 -33.07
N ILE A 957 -0.22 31.03 -33.66
CA ILE A 957 0.87 30.06 -33.70
C ILE A 957 1.96 30.57 -34.62
N ALA A 958 3.12 29.92 -34.60
CA ALA A 958 4.23 30.25 -35.48
C ALA A 958 4.68 31.69 -35.28
N GLY A 959 4.94 32.06 -34.01
CA GLY A 959 5.44 33.37 -33.69
C GLY A 959 6.44 33.30 -32.55
N GLN A 960 6.72 34.46 -31.98
CA GLN A 960 7.54 34.55 -30.78
C GLN A 960 6.77 35.11 -29.59
N ASP A 961 5.55 35.59 -29.81
CA ASP A 961 4.74 36.19 -28.76
C ASP A 961 3.65 35.22 -28.31
N VAL A 962 3.55 35.03 -26.99
CA VAL A 962 2.66 34.03 -26.43
C VAL A 962 1.21 34.53 -26.38
N LEU A 963 0.95 35.72 -26.89
CA LEU A 963 -0.36 36.35 -26.75
C LEU A 963 -0.57 37.36 -27.87
N CYS A 964 -1.34 36.97 -28.89
CA CYS A 964 -1.56 37.84 -30.03
C CYS A 964 -3.00 37.94 -30.55
N GLY A 965 -3.89 37.02 -30.20
CA GLY A 965 -5.20 36.95 -30.81
C GLY A 965 -6.08 38.14 -30.51
N PRO A 966 -7.28 38.15 -31.10
CA PRO A 966 -8.19 39.30 -30.98
C PRO A 966 -9.28 39.19 -29.90
N TRP A 967 -9.28 38.16 -29.06
CA TRP A 967 -10.17 38.07 -27.90
C TRP A 967 -11.65 38.08 -28.30
N GLU A 968 -12.08 37.02 -29.00
CA GLU A 968 -13.50 36.90 -29.30
C GLU A 968 -14.29 36.68 -28.01
N LEU A 969 -15.56 37.10 -28.02
CA LEU A 969 -16.40 37.18 -26.83
C LEU A 969 -17.57 36.22 -26.96
N CYS A 970 -18.24 35.94 -25.84
CA CYS A 970 -19.36 35.00 -25.80
C CYS A 970 -20.54 35.63 -25.08
N ILE A 971 -21.52 36.09 -25.83
CA ILE A 971 -22.69 36.79 -25.28
C ILE A 971 -23.73 35.76 -24.86
N PRO A 972 -24.53 36.04 -23.83
CA PRO A 972 -25.53 35.06 -23.39
C PRO A 972 -26.70 34.94 -24.34
N SER A 973 -26.46 34.30 -25.48
CA SER A 973 -27.48 34.09 -26.51
C SER A 973 -27.89 32.63 -26.47
N MET A 974 -29.19 32.37 -26.38
CA MET A 974 -29.71 31.01 -26.36
C MET A 974 -30.88 30.92 -27.33
N LYS A 975 -30.65 30.28 -28.47
CA LYS A 975 -31.68 30.03 -29.45
C LYS A 975 -31.80 28.54 -29.66
N THR A 976 -32.95 28.11 -30.19
CA THR A 976 -33.20 26.70 -30.47
C THR A 976 -33.36 26.50 -31.97
N ILE A 977 -33.08 25.28 -32.41
CA ILE A 977 -33.09 24.94 -33.84
C ILE A 977 -33.61 23.53 -33.99
N ASP A 978 -34.37 23.30 -35.06
CA ASP A 978 -34.83 21.96 -35.36
C ASP A 978 -33.74 21.17 -36.08
N ILE A 979 -33.74 19.87 -35.87
CA ILE A 979 -32.68 19.00 -36.37
C ILE A 979 -33.26 17.61 -36.59
N GLU A 980 -33.10 17.10 -37.81
CA GLU A 980 -33.58 15.76 -38.14
C GLU A 980 -32.48 14.75 -37.85
N ILE A 981 -32.84 13.69 -37.13
CA ILE A 981 -31.93 12.62 -36.78
C ILE A 981 -32.37 11.35 -37.48
N THR A 982 -31.43 10.65 -38.09
CA THR A 982 -31.73 9.46 -38.85
C THR A 982 -30.74 8.36 -38.50
N GLY A 983 -31.08 7.14 -38.90
CA GLY A 983 -30.21 6.02 -38.67
C GLY A 983 -29.62 5.48 -39.95
N LYS A 984 -28.49 4.77 -39.84
CA LYS A 984 -27.85 4.13 -40.97
C LYS A 984 -27.19 2.85 -40.47
N GLY A 985 -26.51 2.17 -41.37
CA GLY A 985 -25.75 0.98 -41.01
C GLY A 985 -26.63 -0.10 -40.39
N GLU A 986 -25.96 -1.16 -39.94
CA GLU A 986 -26.68 -2.25 -39.31
C GLU A 986 -27.11 -1.86 -37.91
N LEU A 987 -27.74 -2.79 -37.21
CA LEU A 987 -28.26 -2.53 -35.88
C LEU A 987 -27.49 -3.35 -34.86
N LEU A 988 -26.57 -2.70 -34.15
CA LEU A 988 -25.81 -3.36 -33.09
C LEU A 988 -26.67 -3.49 -31.85
N PRO A 989 -26.33 -4.40 -30.94
CA PRO A 989 -27.12 -4.54 -29.72
C PRO A 989 -27.02 -3.31 -28.85
N SER A 990 -28.11 -2.98 -28.18
CA SER A 990 -28.18 -1.77 -27.38
C SER A 990 -27.26 -1.87 -26.17
N TRP A 991 -27.18 -0.78 -25.41
CA TRP A 991 -26.41 -0.81 -24.18
C TRP A 991 -26.98 -1.83 -23.22
N GLN A 992 -28.31 -1.89 -23.12
CA GLN A 992 -28.94 -2.90 -22.27
C GLN A 992 -28.50 -4.30 -22.67
N ALA A 993 -28.79 -4.69 -23.92
CA ALA A 993 -28.52 -6.06 -24.34
C ALA A 993 -27.04 -6.40 -24.25
N SER A 994 -26.17 -5.48 -24.64
CA SER A 994 -24.74 -5.72 -24.49
C SER A 994 -24.35 -5.82 -23.03
N LEU A 995 -25.10 -5.18 -22.16
CA LEU A 995 -24.81 -5.23 -20.73
C LEU A 995 -25.18 -6.58 -20.16
N GLY A 996 -26.19 -7.23 -20.72
CA GLY A 996 -26.57 -8.57 -20.30
C GLY A 996 -27.97 -8.71 -19.77
N LEU A 997 -28.82 -7.68 -19.87
CA LEU A 997 -30.17 -7.79 -19.37
C LEU A 997 -30.91 -8.92 -20.07
N GLN A 998 -31.90 -9.49 -19.39
CA GLN A 998 -32.68 -10.58 -19.93
C GLN A 998 -34.17 -10.32 -19.95
N GLY A 999 -34.62 -9.19 -19.44
CA GLY A 999 -36.02 -8.88 -19.43
C GLY A 999 -36.51 -8.48 -20.81
N PRO A 1000 -37.45 -7.55 -20.86
CA PRO A 1000 -37.92 -7.04 -22.15
C PRO A 1000 -36.85 -6.26 -22.91
N PHE A 1001 -35.66 -6.20 -22.35
CA PHE A 1001 -34.52 -5.55 -23.00
C PHE A 1001 -33.74 -6.51 -23.90
N ALA A 1002 -33.86 -7.81 -23.68
CA ALA A 1002 -33.14 -8.77 -24.50
C ALA A 1002 -33.53 -8.62 -25.96
N ASN A 1003 -32.53 -8.67 -26.83
CA ASN A 1003 -32.71 -8.47 -28.26
C ASN A 1003 -33.33 -7.10 -28.56
N THR A 1004 -32.57 -6.06 -28.24
CA THR A 1004 -32.89 -4.69 -28.62
C THR A 1004 -31.65 -4.06 -29.25
N THR A 1005 -31.85 -3.25 -30.29
CA THR A 1005 -30.77 -2.79 -31.13
C THR A 1005 -30.76 -1.28 -31.24
N ARG A 1006 -29.71 -0.75 -31.88
CA ARG A 1006 -29.56 0.69 -32.12
C ARG A 1006 -28.82 0.91 -33.43
N TRP A 1007 -29.16 2.01 -34.12
CA TRP A 1007 -28.58 2.30 -35.42
C TRP A 1007 -27.09 2.60 -35.30
N SER A 1008 -26.28 1.92 -36.12
CA SER A 1008 -24.83 1.99 -35.95
C SER A 1008 -24.24 3.30 -36.44
N GLU A 1009 -25.04 4.13 -37.11
CA GLU A 1009 -24.57 5.42 -37.60
C GLU A 1009 -25.74 6.38 -37.64
N VAL A 1010 -25.46 7.66 -37.39
CA VAL A 1010 -26.48 8.68 -37.31
C VAL A 1010 -26.15 9.78 -38.31
N GLU A 1011 -27.16 10.24 -39.03
CA GLU A 1011 -27.00 11.31 -40.01
C GLU A 1011 -27.79 12.52 -39.54
N ILE A 1012 -27.09 13.62 -39.32
CA ILE A 1012 -27.68 14.84 -38.79
C ILE A 1012 -27.85 15.83 -39.94
N SER A 1013 -29.04 16.40 -40.04
CA SER A 1013 -29.38 17.32 -41.13
C SER A 1013 -29.90 18.63 -40.55
N LEU A 1014 -29.08 19.68 -40.66
CA LEU A 1014 -29.46 21.02 -40.23
C LEU A 1014 -29.65 21.89 -41.46
N GLN A 1015 -30.61 22.82 -41.38
CA GLN A 1015 -30.88 23.71 -42.49
C GLN A 1015 -29.65 24.57 -42.81
N ALA A 1016 -29.64 25.12 -44.02
CA ALA A 1016 -28.47 25.83 -44.51
C ALA A 1016 -28.12 27.03 -43.64
N GLU A 1017 -29.05 27.98 -43.51
CA GLU A 1017 -28.74 29.21 -42.80
C GLU A 1017 -28.52 28.95 -41.31
N ASP A 1018 -29.42 28.17 -40.70
CA ASP A 1018 -29.28 27.86 -39.28
C ASP A 1018 -27.99 27.09 -39.00
N GLU A 1019 -27.36 26.55 -40.02
CA GLU A 1019 -26.03 25.94 -39.90
C GLU A 1019 -24.93 26.97 -40.09
N ASN A 1020 -25.06 27.85 -41.07
CA ASN A 1020 -24.00 28.82 -41.37
C ASN A 1020 -24.05 30.04 -40.49
N THR A 1021 -24.95 30.08 -39.51
CA THR A 1021 -24.89 31.11 -38.47
C THR A 1021 -23.88 30.77 -37.39
N LEU A 1022 -23.79 29.50 -37.01
CA LEU A 1022 -22.95 29.07 -35.90
C LEU A 1022 -21.60 28.57 -36.40
N ASP A 1023 -20.67 28.43 -35.46
CA ASP A 1023 -19.36 27.86 -35.77
C ASP A 1023 -19.40 26.35 -35.59
N ARG A 1024 -18.45 25.68 -36.24
CA ARG A 1024 -18.33 24.22 -36.16
C ARG A 1024 -19.60 23.54 -36.68
N LYS A 1025 -19.80 23.65 -37.99
CA LYS A 1025 -20.93 23.03 -38.66
C LYS A 1025 -21.11 21.59 -38.19
N LEU A 1026 -22.35 21.14 -38.15
CA LEU A 1026 -22.68 19.87 -37.50
C LEU A 1026 -23.37 18.87 -38.43
N SER A 1027 -23.69 19.26 -39.66
CA SER A 1027 -24.58 18.44 -40.49
C SER A 1027 -23.93 17.19 -41.06
N GLY A 1028 -22.72 16.84 -40.63
CA GLY A 1028 -22.08 15.66 -41.16
C GLY A 1028 -22.75 14.37 -40.71
N THR A 1029 -21.99 13.28 -40.79
CA THR A 1029 -22.45 11.99 -40.30
C THR A 1029 -21.54 11.49 -39.19
N TYR A 1030 -22.12 10.75 -38.26
CA TYR A 1030 -21.43 10.29 -37.06
C TYR A 1030 -21.52 8.78 -36.95
N GLN A 1031 -20.40 8.13 -36.71
CA GLN A 1031 -20.36 6.69 -36.56
C GLN A 1031 -20.26 6.32 -35.09
N LEU A 1032 -20.76 5.15 -34.75
CA LEU A 1032 -20.78 4.72 -33.36
C LEU A 1032 -19.50 3.97 -33.03
N LEU A 1033 -19.12 4.03 -31.76
CA LEU A 1033 -17.95 3.31 -31.25
C LEU A 1033 -18.37 2.56 -29.99
N PRO A 1034 -18.94 1.36 -30.15
CA PRO A 1034 -19.37 0.63 -28.96
C PRO A 1034 -18.23 0.25 -28.06
N ARG A 1035 -17.02 0.15 -28.60
CA ARG A 1035 -15.87 -0.22 -27.79
C ARG A 1035 -15.39 0.97 -26.99
N CYS A 1036 -15.16 2.10 -27.64
CA CYS A 1036 -14.64 3.27 -26.95
C CYS A 1036 -15.70 3.84 -26.03
N GLY A 1037 -15.62 3.51 -24.75
CA GLY A 1037 -16.73 3.71 -23.86
C GLY A 1037 -16.98 5.17 -23.53
N GLN A 1038 -18.15 5.41 -22.97
CA GLN A 1038 -18.56 6.67 -22.39
C GLN A 1038 -19.77 6.35 -21.52
N ALA A 1039 -20.50 7.37 -21.10
CA ALA A 1039 -21.73 7.15 -20.35
C ALA A 1039 -22.76 6.50 -21.25
N MET A 1040 -23.26 5.34 -20.85
CA MET A 1040 -24.21 4.55 -21.62
C MET A 1040 -23.63 4.09 -22.95
N SER A 1041 -22.30 4.04 -23.05
CA SER A 1041 -21.58 3.54 -24.23
C SER A 1041 -22.14 4.13 -25.52
N SER A 1042 -21.99 5.45 -25.65
CA SER A 1042 -22.59 6.16 -26.76
C SER A 1042 -21.65 7.20 -27.34
N LEU A 1043 -20.40 6.84 -27.58
CA LEU A 1043 -19.46 7.79 -28.17
C LEU A 1043 -19.57 7.74 -29.68
N HIS A 1044 -20.05 8.81 -30.29
CA HIS A 1044 -20.18 8.91 -31.73
C HIS A 1044 -19.12 9.86 -32.25
N LYS A 1045 -18.10 9.33 -32.92
CA LYS A 1045 -17.05 10.15 -33.50
C LYS A 1045 -17.48 10.63 -34.87
N LYS A 1046 -17.37 11.93 -35.11
CA LYS A 1046 -17.75 12.46 -36.41
C LYS A 1046 -16.87 11.87 -37.50
N ARG A 1047 -17.47 11.61 -38.64
CA ARG A 1047 -16.71 11.13 -39.78
C ARG A 1047 -15.90 12.29 -40.37
N PRO A 1048 -14.60 12.09 -40.62
CA PRO A 1048 -13.77 13.20 -41.11
C PRO A 1048 -14.33 13.84 -42.37
N ASP A 1049 -14.39 15.17 -42.35
CA ASP A 1049 -14.81 15.96 -43.50
C ASP A 1049 -13.77 17.04 -43.76
N LEU A 1050 -13.67 17.44 -45.02
CA LEU A 1050 -12.68 18.41 -45.46
C LEU A 1050 -13.27 19.80 -45.68
N SER A 1051 -14.39 20.11 -45.04
CA SER A 1051 -14.86 21.49 -45.02
C SER A 1051 -14.06 22.33 -44.03
N ASP A 1052 -13.33 21.66 -43.14
CA ASP A 1052 -12.48 22.32 -42.17
C ASP A 1052 -11.37 21.38 -41.74
N ASP A 1053 -10.13 21.89 -41.76
CA ASP A 1053 -8.99 21.13 -41.29
C ASP A 1053 -8.32 21.75 -40.08
N GLY A 1054 -8.42 23.07 -39.91
CA GLY A 1054 -7.76 23.73 -38.80
C GLY A 1054 -8.41 23.47 -37.46
N LEU A 1055 -9.59 22.86 -37.45
CA LEU A 1055 -10.28 22.61 -36.21
C LEU A 1055 -9.96 21.21 -35.68
N PRO A 1056 -10.05 20.99 -34.37
CA PRO A 1056 -9.82 19.65 -33.82
C PRO A 1056 -10.96 18.69 -34.13
N GLN A 1057 -10.81 17.44 -33.73
CA GLN A 1057 -11.84 16.46 -33.99
C GLN A 1057 -13.00 16.63 -33.03
N LEU A 1058 -14.20 16.31 -33.49
CA LEU A 1058 -15.44 16.57 -32.77
C LEU A 1058 -16.18 15.27 -32.49
N TYR A 1059 -16.80 15.18 -31.32
CA TYR A 1059 -17.53 14.00 -30.90
C TYR A 1059 -18.95 14.37 -30.48
N PHE A 1060 -19.78 13.35 -30.30
CA PHE A 1060 -21.21 13.50 -30.01
C PHE A 1060 -21.63 12.33 -29.13
N PHE A 1061 -21.90 12.61 -27.86
CA PHE A 1061 -22.12 11.54 -26.90
C PHE A 1061 -23.13 12.00 -25.86
N LEU A 1062 -23.17 11.31 -24.73
CA LEU A 1062 -24.04 11.64 -23.62
C LEU A 1062 -23.19 12.03 -22.41
N ASP A 1063 -23.76 12.85 -21.53
CA ASP A 1063 -23.04 13.18 -20.30
C ASP A 1063 -24.02 13.53 -19.18
N PRO A 1064 -24.19 12.67 -18.20
CA PRO A 1064 -25.19 12.93 -17.16
C PRO A 1064 -24.74 14.01 -16.19
N THR A 1065 -25.74 14.57 -15.49
CA THR A 1065 -25.50 15.72 -14.64
C THR A 1065 -24.64 15.38 -13.43
N ARG A 1066 -24.75 14.17 -12.92
CA ARG A 1066 -24.11 13.60 -11.73
C ARG A 1066 -24.85 13.93 -10.44
N CYS A 1067 -25.92 14.71 -10.47
CA CYS A 1067 -26.71 14.90 -9.27
C CYS A 1067 -28.21 14.81 -9.53
N GLY A 1068 -28.65 15.13 -10.75
CA GLY A 1068 -30.06 15.18 -11.06
C GLY A 1068 -30.57 13.89 -11.69
N GLU A 1069 -31.88 13.69 -11.59
CA GLU A 1069 -32.49 12.47 -12.10
C GLU A 1069 -32.23 12.30 -13.59
N SER A 1070 -32.17 11.05 -14.02
CA SER A 1070 -31.61 10.74 -15.33
C SER A 1070 -32.58 10.93 -16.48
N ARG A 1071 -33.75 11.50 -16.24
CA ARG A 1071 -34.60 11.83 -17.38
C ARG A 1071 -34.14 13.11 -18.05
N GLU A 1072 -33.38 13.95 -17.34
CA GLU A 1072 -33.01 15.25 -17.87
C GLU A 1072 -31.72 15.21 -18.68
N ASP A 1073 -30.85 14.24 -18.43
CA ASP A 1073 -29.60 14.17 -19.16
C ASP A 1073 -29.85 14.12 -20.65
N ARG A 1074 -28.86 14.57 -21.42
CA ARG A 1074 -29.07 14.77 -22.83
C ARG A 1074 -27.82 14.45 -23.60
N TYR A 1075 -27.99 14.24 -24.90
CA TYR A 1075 -26.84 14.09 -25.78
C TYR A 1075 -26.22 15.46 -26.02
N VAL A 1076 -24.95 15.47 -26.37
CA VAL A 1076 -24.23 16.72 -26.45
C VAL A 1076 -23.14 16.62 -27.51
N PHE A 1077 -22.83 17.75 -28.13
CA PHE A 1077 -21.78 17.85 -29.12
C PHE A 1077 -20.61 18.58 -28.47
N SER A 1078 -19.44 17.96 -28.51
CA SER A 1078 -18.28 18.56 -27.87
C SER A 1078 -17.04 18.20 -28.65
N THR A 1079 -15.90 18.71 -28.18
CA THR A 1079 -14.61 18.34 -28.71
C THR A 1079 -13.69 17.74 -27.67
N SER A 1080 -14.20 17.44 -26.47
CA SER A 1080 -13.43 16.77 -25.44
C SER A 1080 -14.17 15.52 -25.01
N THR A 1081 -13.43 14.56 -24.46
CA THR A 1081 -14.02 13.30 -24.04
C THR A 1081 -13.14 12.67 -22.97
N GLU A 1082 -13.50 12.88 -21.71
CA GLU A 1082 -12.76 12.26 -20.61
C GLU A 1082 -13.52 12.47 -19.32
N ARG A 1083 -13.05 11.83 -18.26
CA ARG A 1083 -13.62 12.03 -16.94
C ARG A 1083 -13.30 13.43 -16.44
N LEU A 1084 -14.28 14.07 -15.81
CA LEU A 1084 -14.11 15.41 -15.28
C LEU A 1084 -14.27 15.39 -13.77
N ASP A 1085 -13.38 16.10 -13.09
CA ASP A 1085 -13.38 16.14 -11.64
C ASP A 1085 -14.37 17.17 -11.15
N TYR A 1086 -14.84 16.97 -9.91
CA TYR A 1086 -15.88 17.83 -9.36
C TYR A 1086 -15.41 19.27 -9.31
N GLY A 1087 -16.20 20.16 -9.91
CA GLY A 1087 -15.93 21.57 -9.90
C GLY A 1087 -15.40 22.13 -11.20
N THR A 1088 -15.22 21.30 -12.22
CA THR A 1088 -14.75 21.75 -13.52
C THR A 1088 -15.68 21.22 -14.59
N GLU A 1089 -16.16 22.11 -15.45
CA GLU A 1089 -17.14 21.75 -16.46
C GLU A 1089 -16.44 21.49 -17.79
N ARG A 1090 -17.24 21.11 -18.80
CA ARG A 1090 -16.61 20.85 -20.07
C ARG A 1090 -17.12 21.81 -21.13
N PRO A 1091 -16.31 22.12 -22.14
CA PRO A 1091 -16.78 22.97 -23.25
C PRO A 1091 -17.58 22.16 -24.25
N VAL A 1092 -18.80 22.61 -24.52
CA VAL A 1092 -19.68 21.93 -25.45
C VAL A 1092 -20.04 22.90 -26.56
N ILE A 1093 -20.39 22.35 -27.71
CA ILE A 1093 -20.81 23.18 -28.85
C ILE A 1093 -22.31 23.38 -28.84
N ALA A 1094 -23.07 22.35 -28.50
CA ALA A 1094 -24.51 22.44 -28.37
C ALA A 1094 -25.02 21.15 -27.75
N ARG A 1095 -26.10 21.27 -26.99
CA ARG A 1095 -26.77 20.12 -26.38
C ARG A 1095 -28.05 19.82 -27.13
N LEU A 1096 -28.53 18.60 -26.99
CA LEU A 1096 -29.74 18.17 -27.68
C LEU A 1096 -30.87 18.02 -26.68
N ASP A 1097 -32.10 18.02 -27.20
CA ASP A 1097 -33.29 17.86 -26.37
C ASP A 1097 -33.11 16.71 -25.38
N SER A 1098 -33.69 16.90 -24.19
CA SER A 1098 -33.59 15.90 -23.14
C SER A 1098 -34.48 14.71 -23.38
N HIS A 1099 -35.00 14.52 -24.60
CA HIS A 1099 -35.99 13.49 -24.85
C HIS A 1099 -35.53 12.44 -25.85
N TRP A 1100 -34.38 12.62 -26.49
CA TRP A 1100 -33.96 11.72 -27.55
C TRP A 1100 -32.96 10.69 -27.04
N ARG A 1101 -33.19 9.43 -27.41
CA ARG A 1101 -32.31 8.33 -27.02
C ARG A 1101 -32.00 7.49 -28.24
N GLU A 1102 -30.88 6.76 -28.16
CA GLU A 1102 -30.55 5.79 -29.18
C GLU A 1102 -31.65 4.75 -29.27
N GLY A 1103 -32.40 4.76 -30.37
CA GLY A 1103 -33.54 3.88 -30.48
C GLY A 1103 -33.50 3.00 -31.71
N ASN A 1104 -34.66 2.61 -32.19
CA ASN A 1104 -34.76 1.83 -33.42
C ASN A 1104 -35.33 2.63 -34.57
N GLU A 1105 -36.20 3.60 -34.28
CA GLU A 1105 -36.87 4.35 -35.31
C GLU A 1105 -35.88 5.23 -36.08
N LYS A 1106 -36.32 5.72 -37.22
CA LYS A 1106 -35.56 6.58 -38.10
C LYS A 1106 -36.37 7.82 -38.43
N GLN A 1107 -35.73 8.79 -39.08
CA GLN A 1107 -36.36 10.03 -39.49
C GLN A 1107 -37.06 10.74 -38.33
N ARG A 1108 -36.62 10.51 -37.10
CA ARG A 1108 -37.13 11.29 -35.99
C ARG A 1108 -36.61 12.72 -36.09
N LYS A 1109 -37.48 13.68 -35.84
CA LYS A 1109 -37.14 15.09 -35.91
C LYS A 1109 -37.20 15.67 -34.51
N VAL A 1110 -36.06 16.14 -34.01
CA VAL A 1110 -35.94 16.65 -32.65
C VAL A 1110 -35.38 18.07 -32.75
N LYS A 1111 -35.29 18.74 -31.61
CA LYS A 1111 -34.84 20.13 -31.58
C LYS A 1111 -33.56 20.26 -30.78
N LEU A 1112 -32.53 20.82 -31.41
CA LEU A 1112 -31.26 21.11 -30.77
C LEU A 1112 -31.29 22.55 -30.28
N ASP A 1113 -30.54 22.84 -29.24
CA ASP A 1113 -30.44 24.20 -28.72
C ASP A 1113 -28.98 24.59 -28.54
N VAL A 1114 -28.61 25.76 -29.05
CA VAL A 1114 -27.26 26.28 -28.92
C VAL A 1114 -27.27 27.32 -27.82
N SER A 1115 -26.13 27.45 -27.15
CA SER A 1115 -25.98 28.43 -26.08
C SER A 1115 -24.62 29.10 -26.18
N GLY A 1116 -24.53 30.27 -25.56
CA GLY A 1116 -23.27 31.00 -25.57
C GLY A 1116 -22.70 31.22 -26.96
N ALA A 1117 -23.57 31.46 -27.94
CA ALA A 1117 -23.13 31.62 -29.32
C ALA A 1117 -22.13 32.76 -29.43
N TRP A 1118 -20.89 32.43 -29.77
CA TRP A 1118 -19.81 33.39 -29.76
C TRP A 1118 -20.06 34.52 -30.76
N VAL A 1119 -19.18 35.51 -30.72
CA VAL A 1119 -19.32 36.73 -31.49
C VAL A 1119 -17.96 37.06 -32.10
N LYS A 1120 -17.95 38.02 -33.00
CA LYS A 1120 -16.70 38.46 -33.60
C LYS A 1120 -15.86 39.22 -32.58
N CYS A 1121 -14.64 39.49 -32.95
CA CYS A 1121 -13.63 39.79 -31.95
C CYS A 1121 -13.60 41.28 -31.64
N PRO A 1122 -13.73 41.67 -30.37
CA PRO A 1122 -13.44 43.05 -29.98
C PRO A 1122 -11.98 43.42 -30.18
N GLU A 1123 -11.61 44.65 -29.83
CA GLU A 1123 -10.26 45.15 -30.06
C GLU A 1123 -9.49 45.27 -28.74
N ALA A 1124 -9.96 44.52 -27.75
CA ALA A 1124 -9.35 44.48 -26.44
C ALA A 1124 -8.27 43.41 -26.41
N HIS A 1125 -7.27 43.61 -25.56
CA HIS A 1125 -6.16 42.68 -25.50
C HIS A 1125 -5.49 42.79 -24.15
N LEU A 1126 -4.63 41.84 -23.84
CA LEU A 1126 -3.94 41.80 -22.57
C LEU A 1126 -2.48 42.17 -22.74
N THR A 1127 -1.92 42.81 -21.71
CA THR A 1127 -0.53 43.23 -21.70
C THR A 1127 0.03 43.02 -20.30
N ALA A 1128 1.27 42.56 -20.24
CA ALA A 1128 1.87 42.16 -18.97
C ALA A 1128 2.06 43.39 -18.07
N ILE A 1129 2.55 43.11 -16.86
CA ILE A 1129 2.73 44.11 -15.81
C ILE A 1129 1.41 44.82 -15.51
N ARG A 1150 9.53 48.57 -6.01
CA ARG A 1150 10.97 48.41 -6.08
C ARG A 1150 11.38 47.12 -5.40
N ALA A 1151 11.12 46.00 -6.07
CA ALA A 1151 11.47 44.70 -5.54
C ALA A 1151 12.95 44.65 -5.19
N THR A 1152 13.26 43.99 -4.08
CA THR A 1152 14.64 43.83 -3.63
C THR A 1152 14.71 42.63 -2.72
N PHE A 1153 15.83 41.91 -2.78
CA PHE A 1153 15.97 40.63 -2.08
C PHE A 1153 17.36 40.50 -1.51
N ALA A 1154 17.45 40.08 -0.26
CA ALA A 1154 18.73 39.92 0.41
C ALA A 1154 19.27 38.52 0.17
N ILE A 1155 20.55 38.44 -0.19
CA ILE A 1155 21.23 37.16 -0.38
C ILE A 1155 22.48 37.19 0.49
N PRO A 1156 22.87 36.10 1.14
CA PRO A 1156 24.15 36.09 1.84
C PRO A 1156 25.29 36.29 0.84
N SER A 1157 26.20 37.20 1.19
CA SER A 1157 27.35 37.46 0.32
C SER A 1157 28.19 36.21 0.14
N SER A 1158 28.75 35.71 1.24
CA SER A 1158 29.51 34.47 1.23
C SER A 1158 29.14 33.67 2.47
N ALA A 1159 29.42 32.36 2.42
CA ALA A 1159 29.07 31.48 3.51
C ALA A 1159 29.94 31.67 4.75
N SER A 1160 30.86 32.63 4.74
CA SER A 1160 31.71 32.84 5.91
C SER A 1160 30.98 33.66 6.97
N ALA A 1161 30.19 34.64 6.57
CA ALA A 1161 29.51 35.50 7.52
C ALA A 1161 28.59 34.69 8.43
N ILE A 1162 27.84 33.75 7.86
CA ILE A 1162 26.94 32.93 8.66
C ILE A 1162 27.71 32.12 9.67
N SER A 1163 28.79 31.47 9.22
CA SER A 1163 29.50 30.48 10.03
C SER A 1163 29.94 31.01 11.39
N ALA A 1164 29.90 32.33 11.59
CA ALA A 1164 30.27 32.88 12.89
C ALA A 1164 29.03 33.12 13.76
N SER A 1165 27.90 33.43 13.14
CA SER A 1165 26.73 33.83 13.92
C SER A 1165 26.17 32.67 14.74
N LEU A 1166 26.17 31.46 14.18
CA LEU A 1166 25.69 30.27 14.90
C LEU A 1166 26.70 29.90 15.97
N THR A 1167 26.69 30.67 17.05
CA THR A 1167 27.63 30.46 18.14
C THR A 1167 27.47 29.07 18.73
N THR A 1168 26.33 28.82 19.37
CA THR A 1168 26.02 27.53 19.98
C THR A 1168 24.56 27.58 20.41
N GLU A 1169 23.91 26.43 20.36
CA GLU A 1169 22.47 26.34 20.58
C GLU A 1169 21.73 27.22 19.58
N GLY A 1170 22.10 27.08 18.30
CA GLY A 1170 21.36 27.72 17.24
C GLY A 1170 19.98 27.15 17.00
N CYS A 1171 19.48 26.34 17.91
CA CYS A 1171 18.12 25.84 17.80
C CYS A 1171 17.12 26.93 18.13
N SER A 1172 17.48 27.85 19.02
CA SER A 1172 16.54 28.85 19.47
C SER A 1172 16.19 29.83 18.35
N HIS A 1173 17.12 30.03 17.42
CA HIS A 1173 16.98 31.10 16.44
C HIS A 1173 17.11 30.56 15.02
N ALA A 1174 16.87 31.44 14.07
CA ALA A 1174 16.87 31.11 12.65
C ALA A 1174 17.84 32.02 11.91
N MET A 1175 18.70 31.43 11.09
CA MET A 1175 19.65 32.18 10.31
C MET A 1175 19.03 32.56 8.98
N ALA A 1176 18.75 33.85 8.80
CA ALA A 1176 17.96 34.30 7.67
C ALA A 1176 18.75 34.15 6.36
N LEU A 1177 18.04 33.73 5.32
CA LEU A 1177 18.61 33.48 4.01
C LEU A 1177 18.13 34.48 2.96
N LEU A 1178 16.84 34.71 2.87
CA LEU A 1178 16.27 35.61 1.87
C LEU A 1178 15.28 36.52 2.55
N SER A 1179 15.09 37.70 1.97
CA SER A 1179 14.09 38.64 2.44
C SER A 1179 13.77 39.58 1.30
N CYS A 1180 12.53 39.55 0.83
CA CYS A 1180 12.14 40.28 -0.35
C CYS A 1180 11.14 41.36 0.03
N ARG A 1181 11.43 42.60 -0.35
CA ARG A 1181 10.56 43.75 -0.13
C ARG A 1181 9.94 44.12 -1.47
N VAL A 1182 8.64 43.87 -1.62
CA VAL A 1182 8.00 43.95 -2.93
C VAL A 1182 6.80 44.88 -2.85
N PRO A 1183 6.56 45.74 -3.84
CA PRO A 1183 5.41 46.65 -3.79
C PRO A 1183 4.11 45.94 -4.20
N LEU A 1184 3.11 46.03 -3.33
CA LEU A 1184 1.80 45.44 -3.58
C LEU A 1184 0.72 46.47 -3.30
N ASP A 1185 -0.18 46.64 -4.25
CA ASP A 1185 -1.29 47.58 -4.05
C ASP A 1185 -2.08 47.19 -2.81
N PRO A 1186 -2.51 48.15 -1.99
CA PRO A 1186 -3.25 47.81 -0.77
C PRO A 1186 -4.55 47.07 -1.02
N THR A 1187 -5.10 47.15 -2.24
CA THR A 1187 -6.21 46.28 -2.61
C THR A 1187 -5.66 44.96 -3.12
N HIS A 1188 -6.44 43.90 -2.90
CA HIS A 1188 -6.07 42.55 -3.36
C HIS A 1188 -4.77 42.07 -2.72
N SER A 1189 -4.46 42.59 -1.53
CA SER A 1189 -3.37 42.03 -0.74
C SER A 1189 -3.90 40.83 0.03
N GLU A 1190 -3.29 39.67 -0.19
CA GLU A 1190 -3.84 38.44 0.35
C GLU A 1190 -3.87 38.46 1.87
N SER A 1191 -4.57 37.49 2.44
CA SER A 1191 -4.73 37.43 3.89
C SER A 1191 -3.40 37.21 4.61
N MET A 1192 -2.50 36.44 4.02
CA MET A 1192 -1.25 36.11 4.69
C MET A 1192 -0.46 37.38 5.03
N TRP A 1193 -0.52 38.38 4.15
CA TRP A 1193 0.17 39.63 4.41
C TRP A 1193 -0.41 40.27 5.65
N ARG A 1194 0.32 40.23 6.75
CA ARG A 1194 -0.13 40.78 8.01
C ARG A 1194 0.40 42.20 8.16
N ARG A 1195 -0.43 43.08 8.72
CA ARG A 1195 -0.13 44.49 8.74
C ARG A 1195 0.95 44.84 9.75
N GLY A 1196 1.41 43.86 10.52
CA GLY A 1196 2.53 44.04 11.42
C GLY A 1196 2.88 42.72 12.08
N ALA A 1197 4.09 42.67 12.62
CA ALA A 1197 4.52 41.64 13.55
C ALA A 1197 4.72 40.26 12.92
N TRP A 1198 4.97 40.19 11.62
CA TRP A 1198 5.60 39.03 11.00
C TRP A 1198 4.82 37.74 11.23
N ALA A 1199 3.64 37.67 10.60
CA ALA A 1199 2.86 36.43 10.61
C ALA A 1199 3.72 35.27 10.13
N GLU A 1200 3.52 34.10 10.74
CA GLU A 1200 4.32 32.92 10.45
C GLU A 1200 3.52 31.92 9.64
N ILE A 1201 4.12 31.42 8.57
CA ILE A 1201 3.53 30.40 7.71
C ILE A 1201 3.90 29.03 8.24
N ASP A 1202 2.94 28.12 8.24
CA ASP A 1202 3.16 26.75 8.67
C ASP A 1202 3.38 25.84 7.48
N LEU A 1203 4.32 24.91 7.64
CA LEU A 1203 4.74 24.02 6.56
C LEU A 1203 4.20 22.63 6.85
N SER A 1204 3.88 21.89 5.79
CA SER A 1204 3.27 20.57 5.90
C SER A 1204 1.98 20.61 6.71
N HIS A 1205 1.27 21.73 6.63
CA HIS A 1205 0.02 21.92 7.35
C HIS A 1205 -0.88 22.68 6.37
N GLN A 1206 -1.89 23.37 6.90
CA GLN A 1206 -2.77 24.21 6.10
C GLN A 1206 -2.02 25.18 5.20
N GLY A 1207 -0.73 25.40 5.43
CA GLY A 1207 0.05 26.32 4.63
C GLY A 1207 0.57 25.75 3.33
N ASN A 1208 -0.32 25.51 2.38
CA ASN A 1208 0.06 25.12 1.02
C ASN A 1208 -0.56 26.01 -0.05
N THR A 1209 -1.78 26.49 0.14
CA THR A 1209 -2.31 27.52 -0.73
C THR A 1209 -1.70 28.87 -0.40
N THR A 1210 -1.27 29.07 0.84
CA THR A 1210 -0.54 30.28 1.19
C THR A 1210 0.71 30.42 0.34
N PHE A 1211 1.47 29.35 0.20
CA PHE A 1211 2.71 29.42 -0.56
C PHE A 1211 2.42 29.45 -2.06
N ALA A 1212 1.34 28.80 -2.48
CA ALA A 1212 1.01 28.80 -3.89
C ALA A 1212 0.42 30.13 -4.32
N ASN A 1213 0.02 30.96 -3.37
CA ASN A 1213 -0.48 32.28 -3.73
C ASN A 1213 0.66 33.22 -4.12
N LEU A 1214 1.77 33.18 -3.41
CA LEU A 1214 2.86 34.13 -3.63
C LEU A 1214 3.97 33.58 -4.50
N ALA A 1215 3.74 32.46 -5.21
CA ALA A 1215 4.78 31.91 -6.05
C ALA A 1215 5.14 32.83 -7.21
N TRP A 1216 4.26 33.76 -7.58
CA TRP A 1216 4.60 34.69 -8.63
C TRP A 1216 5.79 35.57 -8.25
N ILE A 1217 6.04 35.73 -6.95
CA ILE A 1217 7.27 36.39 -6.50
C ILE A 1217 8.39 35.38 -6.37
N THR A 1218 8.07 34.14 -5.98
CA THR A 1218 9.09 33.14 -5.74
C THR A 1218 9.85 32.81 -7.02
N GLU A 1219 9.13 32.54 -8.10
CA GLU A 1219 9.80 32.43 -9.38
C GLU A 1219 10.43 33.77 -9.75
N ARG A 1220 11.35 33.73 -10.71
CA ARG A 1220 12.01 34.97 -11.22
C ARG A 1220 13.03 35.52 -10.21
N LEU A 1221 13.46 34.71 -9.24
CA LEU A 1221 14.46 35.16 -8.24
C LEU A 1221 15.79 34.43 -8.52
N PRO A 1222 16.90 35.16 -8.62
CA PRO A 1222 18.15 34.49 -8.94
C PRO A 1222 18.43 33.38 -7.95
N PRO A 1223 18.97 32.26 -8.42
CA PRO A 1223 19.25 31.15 -7.51
C PRO A 1223 20.46 31.44 -6.63
N LEU A 1224 20.40 30.98 -5.38
CA LEU A 1224 21.51 31.19 -4.47
C LEU A 1224 22.69 30.32 -4.87
N ASP A 1225 23.85 30.96 -4.98
CA ASP A 1225 25.08 30.26 -5.33
C ASP A 1225 26.11 30.46 -4.23
N GLY A 1226 27.31 29.94 -4.47
CA GLY A 1226 28.38 30.10 -3.51
C GLY A 1226 28.18 29.40 -2.20
N LEU A 1227 27.08 28.67 -2.00
CA LEU A 1227 26.85 27.90 -0.80
C LEU A 1227 26.84 26.41 -1.06
N LYS A 1228 27.26 25.99 -2.25
CA LYS A 1228 27.23 24.57 -2.61
C LYS A 1228 28.14 23.75 -1.72
N ASN A 1229 29.23 24.32 -1.24
CA ASN A 1229 30.23 23.56 -0.50
C ASN A 1229 29.83 23.41 0.96
N TRP A 1230 30.35 22.36 1.59
CA TRP A 1230 30.13 22.11 3.01
C TRP A 1230 31.03 23.07 3.77
N ALA A 1231 30.45 23.85 4.69
CA ALA A 1231 31.11 25.06 5.13
C ALA A 1231 31.53 25.08 6.58
N HIS A 1232 30.60 24.94 7.52
CA HIS A 1232 30.87 25.16 8.93
C HIS A 1232 31.45 23.91 9.56
N ILE A 1233 32.33 24.09 10.55
CA ILE A 1233 32.96 22.97 11.24
C ILE A 1233 33.10 23.33 12.71
N ALA A 1234 32.56 22.50 13.60
CA ALA A 1234 32.70 22.67 15.04
C ALA A 1234 32.74 21.30 15.71
N ASP A 1235 33.84 21.02 16.40
CA ASP A 1235 34.03 19.73 17.05
C ASP A 1235 33.14 19.64 18.29
N ASP A 1236 32.41 18.53 18.40
CA ASP A 1236 31.56 18.25 19.55
C ASP A 1236 31.97 16.88 20.09
N VAL A 1237 32.93 16.86 21.02
CA VAL A 1237 33.53 15.61 21.45
C VAL A 1237 32.46 14.62 21.91
N SER A 1238 31.72 14.97 22.94
CA SER A 1238 30.61 14.14 23.37
C SER A 1238 29.44 14.33 22.42
N GLU A 1239 28.41 13.49 22.58
CA GLU A 1239 27.25 13.60 21.71
C GLU A 1239 26.32 14.72 22.19
N HIS A 1240 25.82 14.61 23.42
CA HIS A 1240 24.91 15.59 24.03
C HIS A 1240 23.86 16.07 23.04
N VAL A 1241 23.02 15.11 22.60
CA VAL A 1241 21.98 15.44 21.64
C VAL A 1241 21.13 16.58 22.17
N CYS A 1242 21.01 17.63 21.37
CA CYS A 1242 20.19 18.77 21.77
C CYS A 1242 18.75 18.33 21.92
N GLU A 1243 18.21 18.51 23.12
CA GLU A 1243 16.80 18.26 23.32
C GLU A 1243 15.98 19.30 22.57
N ARG A 1244 14.73 18.94 22.29
CA ARG A 1244 13.83 19.64 21.38
C ARG A 1244 14.24 19.42 19.94
N CYS A 1245 15.43 18.84 19.72
CA CYS A 1245 15.88 18.47 18.39
C CYS A 1245 15.93 16.96 18.18
N ALA A 1246 16.25 16.20 19.23
CA ALA A 1246 16.32 14.74 19.14
C ALA A 1246 15.86 14.17 20.47
N PRO A 1247 14.55 14.09 20.69
CA PRO A 1247 14.06 13.60 21.96
C PRO A 1247 14.45 12.15 22.18
N ARG A 1248 14.84 11.85 23.42
CA ARG A 1248 15.17 10.46 23.74
C ARG A 1248 13.93 9.59 23.59
N PRO A 1249 14.06 8.41 23.03
CA PRO A 1249 12.92 7.51 22.93
C PRO A 1249 12.59 6.91 24.28
N PRO A 1250 11.36 6.48 24.48
CA PRO A 1250 11.03 5.77 25.72
C PRO A 1250 11.81 4.47 25.81
N LYS A 1251 12.32 4.18 27.01
CA LYS A 1251 13.03 2.94 27.26
C LYS A 1251 12.03 1.80 27.44
N ILE A 1252 12.15 0.77 26.61
CA ILE A 1252 11.30 -0.40 26.70
C ILE A 1252 11.86 -1.32 27.78
N HIS A 1253 11.01 -1.69 28.74
CA HIS A 1253 11.39 -2.56 29.85
C HIS A 1253 10.56 -3.83 29.83
N TRP A 1254 11.08 -4.85 30.51
CA TRP A 1254 10.57 -6.21 30.40
C TRP A 1254 9.83 -6.57 31.69
N ILE A 1255 8.61 -7.09 31.55
CA ILE A 1255 7.80 -7.45 32.71
C ILE A 1255 7.20 -8.84 32.56
N LYS A 1256 7.38 -9.44 31.38
CA LYS A 1256 6.49 -10.53 30.96
C LYS A 1256 6.50 -11.69 31.95
N ARG A 1257 7.69 -12.11 32.38
CA ARG A 1257 7.80 -13.25 33.29
C ARG A 1257 8.35 -12.80 34.64
N ALA A 1274 3.48 -1.12 30.30
CA ALA A 1274 4.39 -2.23 30.06
C ALA A 1274 5.42 -1.88 29.00
N PHE A 1275 5.52 -2.72 27.99
CA PHE A 1275 6.27 -2.36 26.80
C PHE A 1275 5.70 -1.08 26.22
N GLU A 1276 6.58 -0.11 25.94
CA GLU A 1276 6.20 1.19 25.40
C GLU A 1276 5.22 1.90 26.34
N ASP A 1277 5.75 2.27 27.50
CA ASP A 1277 5.00 2.97 28.53
C ASP A 1277 4.10 4.05 27.92
N LYS A 1278 2.87 4.13 28.43
CA LYS A 1278 1.86 4.98 27.80
C LYS A 1278 2.24 6.45 27.89
N LEU A 1279 2.38 6.97 29.11
CA LEU A 1279 2.65 8.39 29.27
C LEU A 1279 3.91 8.83 28.54
N GLU A 1280 4.93 7.97 28.52
CA GLU A 1280 6.14 8.32 27.79
C GLU A 1280 5.90 8.34 26.30
N ALA A 1281 5.04 7.44 25.80
CA ALA A 1281 4.69 7.49 24.39
C ALA A 1281 3.97 8.78 24.05
N GLY A 1282 3.07 9.22 24.92
CA GLY A 1282 2.36 10.47 24.67
C GLY A 1282 3.31 11.66 24.68
N GLN A 1283 4.15 11.76 25.72
CA GLN A 1283 5.12 12.85 25.77
C GLN A 1283 6.06 12.82 24.58
N TYR A 1284 6.37 11.62 24.07
CA TYR A 1284 7.17 11.52 22.87
C TYR A 1284 6.43 12.11 21.68
N GLU A 1285 5.26 11.56 21.35
CA GLU A 1285 4.54 12.01 20.16
C GLU A 1285 4.12 13.46 20.26
N HIS A 1286 4.22 14.07 21.44
CA HIS A 1286 4.02 15.51 21.49
C HIS A 1286 5.33 16.26 21.29
N ALA A 1287 6.38 15.85 21.99
CA ALA A 1287 7.68 16.51 21.88
C ALA A 1287 8.34 16.29 20.54
N LEU A 1288 7.66 15.65 19.60
CA LEU A 1288 8.16 15.53 18.24
C LEU A 1288 7.47 16.47 17.28
N LYS A 1289 6.35 17.07 17.67
CA LYS A 1289 5.74 18.10 16.83
C LYS A 1289 6.23 19.50 17.20
N HIS A 1290 6.94 19.64 18.32
CA HIS A 1290 7.49 20.91 18.74
C HIS A 1290 9.00 20.96 18.54
N ARG A 1291 9.50 20.35 17.48
CA ARG A 1291 10.88 20.46 17.10
C ARG A 1291 11.09 21.73 16.28
N PRO A 1292 12.33 22.23 16.20
CA PRO A 1292 12.53 23.58 15.69
C PRO A 1292 12.09 23.80 14.25
N SER A 1293 11.84 22.74 13.48
CA SER A 1293 11.19 22.91 12.18
C SER A 1293 11.97 23.82 11.23
N PRO A 1294 13.06 23.35 10.62
CA PRO A 1294 13.85 24.20 9.74
C PRO A 1294 13.01 24.81 8.63
N PHE A 1295 13.60 25.78 7.95
CA PHE A 1295 12.93 26.55 6.91
C PHE A 1295 11.64 27.18 7.43
N VAL A 1296 11.81 28.07 8.39
CA VAL A 1296 10.70 28.88 8.86
C VAL A 1296 10.49 30.04 7.89
N VAL A 1297 9.25 30.28 7.51
CA VAL A 1297 8.92 31.32 6.54
C VAL A 1297 7.89 32.25 7.17
N GLN A 1298 8.25 33.50 7.34
CA GLN A 1298 7.36 34.50 7.91
C GLN A 1298 7.24 35.65 6.93
N LEU A 1299 6.07 36.28 6.92
CA LEU A 1299 5.88 37.45 6.07
C LEU A 1299 5.02 38.47 6.80
N ARG A 1300 5.23 39.74 6.46
CA ARG A 1300 4.55 40.85 7.10
C ARG A 1300 4.36 41.96 6.09
N LEU A 1301 3.17 42.56 6.09
CA LEU A 1301 2.85 43.65 5.18
C LEU A 1301 3.09 44.98 5.87
N ASP A 1302 3.92 45.81 5.27
CA ASP A 1302 4.20 47.15 5.77
C ASP A 1302 3.05 48.07 5.37
N GLN A 1303 3.26 49.39 5.46
CA GLN A 1303 2.22 50.32 5.05
C GLN A 1303 1.89 50.15 3.58
N ASP A 1304 2.89 49.97 2.73
CA ASP A 1304 2.65 49.69 1.32
C ASP A 1304 3.26 48.37 0.87
N ILE A 1305 4.56 48.17 1.10
CA ILE A 1305 5.31 47.08 0.50
C ILE A 1305 5.55 45.99 1.55
N GLY A 1306 5.08 44.79 1.26
CA GLY A 1306 5.25 43.69 2.18
C GLY A 1306 6.58 43.00 2.03
N SER A 1307 6.91 42.15 3.00
CA SER A 1307 8.19 41.48 3.00
C SER A 1307 8.03 40.10 3.62
N PHE A 1308 8.99 39.22 3.34
CA PHE A 1308 9.02 37.89 3.94
C PHE A 1308 10.45 37.41 4.09
N ARG A 1309 10.66 36.53 5.06
CA ARG A 1309 12.01 36.11 5.44
C ARG A 1309 12.07 34.59 5.54
N ILE A 1310 12.76 33.97 4.60
CA ILE A 1310 12.95 32.53 4.58
C ILE A 1310 14.28 32.23 5.25
N GLY A 1311 14.24 31.41 6.30
CA GLY A 1311 15.46 31.08 7.03
C GLY A 1311 15.35 29.72 7.65
N LEU A 1312 16.50 29.10 7.91
CA LEU A 1312 16.56 27.75 8.42
C LEU A 1312 17.46 27.67 9.64
N ASN A 1313 17.12 26.76 10.55
CA ASN A 1313 17.89 26.56 11.77
C ASN A 1313 19.04 25.61 11.45
N ILE A 1314 20.14 26.20 10.97
CA ILE A 1314 21.31 25.42 10.57
C ILE A 1314 21.71 24.45 11.66
N VAL A 1315 21.87 24.95 12.88
CA VAL A 1315 22.31 24.09 13.95
C VAL A 1315 21.27 23.04 14.29
N SER A 1316 20.00 23.29 13.98
CA SER A 1316 18.99 22.25 14.20
C SER A 1316 19.22 21.08 13.26
N LEU A 1317 19.45 21.38 11.98
CA LEU A 1317 19.86 20.33 11.05
C LEU A 1317 21.08 19.59 11.58
N ALA A 1318 22.08 20.33 12.07
CA ALA A 1318 23.30 19.67 12.50
C ALA A 1318 23.06 18.78 13.72
N HIS A 1319 22.21 19.22 14.65
CA HIS A 1319 21.91 18.40 15.81
C HIS A 1319 21.10 17.17 15.43
N ARG A 1320 20.20 17.32 14.45
CA ARG A 1320 19.45 16.17 13.96
C ARG A 1320 20.35 15.17 13.28
N ALA A 1321 21.36 15.66 12.55
CA ALA A 1321 22.32 14.74 11.94
C ALA A 1321 23.16 14.04 12.99
N LEU A 1322 23.69 14.80 13.95
CA LEU A 1322 24.43 14.21 15.06
C LEU A 1322 23.60 13.16 15.78
N SER A 1323 22.29 13.38 15.88
CA SER A 1323 21.44 12.44 16.61
C SER A 1323 21.59 11.02 16.10
N ARG A 1324 21.76 10.86 14.79
CA ARG A 1324 21.59 9.54 14.19
C ARG A 1324 22.82 8.65 14.32
N LEU A 1325 23.98 9.20 14.67
CA LEU A 1325 25.13 8.34 14.93
C LEU A 1325 24.93 7.60 16.24
N PRO A 1326 25.08 6.28 16.26
CA PRO A 1326 25.06 5.56 17.52
C PRO A 1326 26.38 5.74 18.24
N PRO A 1327 26.36 5.91 19.55
CA PRO A 1327 27.58 6.30 20.26
C PRO A 1327 28.42 5.10 20.65
N THR A 1328 29.74 5.33 20.65
CA THR A 1328 30.72 4.34 21.06
C THR A 1328 31.49 4.88 22.26
N THR A 1329 32.26 3.99 22.89
CA THR A 1329 33.15 4.37 23.98
C THR A 1329 34.52 4.72 23.40
N SER A 1330 34.57 5.88 22.74
CA SER A 1330 35.78 6.33 22.06
C SER A 1330 35.99 7.80 22.34
N GLU A 1331 37.05 8.35 21.77
CA GLU A 1331 37.39 9.76 21.93
C GLU A 1331 37.33 10.52 20.61
N HIS A 1332 36.96 9.86 19.52
CA HIS A 1332 36.91 10.54 18.22
C HIS A 1332 35.74 11.51 18.19
N LYS A 1333 36.01 12.72 17.74
CA LYS A 1333 35.06 13.81 17.84
C LYS A 1333 34.46 14.13 16.48
N ILE A 1334 33.15 14.34 16.45
CA ILE A 1334 32.41 14.66 15.25
C ILE A 1334 32.78 16.05 14.78
N SER A 1335 32.36 16.41 13.57
CA SER A 1335 32.53 17.76 13.06
C SER A 1335 31.41 18.07 12.09
N LEU A 1336 30.52 18.96 12.48
CA LEU A 1336 29.32 19.26 11.72
C LEU A 1336 29.66 19.96 10.42
N SER A 1337 28.63 20.27 9.64
CA SER A 1337 28.74 21.04 8.40
C SER A 1337 27.34 21.44 7.99
N TRP A 1338 27.22 22.01 6.79
CA TRP A 1338 25.93 22.39 6.24
C TRP A 1338 26.14 22.90 4.82
N ARG A 1339 25.08 22.86 4.02
CA ARG A 1339 25.10 23.42 2.68
C ARG A 1339 23.66 23.52 2.19
N LEU A 1340 23.45 24.42 1.25
CA LEU A 1340 22.13 24.67 0.67
C LEU A 1340 22.28 24.65 -0.85
N THR A 1341 21.57 23.75 -1.50
CA THR A 1341 21.68 23.59 -2.93
C THR A 1341 20.36 23.92 -3.61
N PRO A 1342 20.34 24.84 -4.57
CA PRO A 1342 19.09 25.25 -5.18
C PRO A 1342 18.76 24.40 -6.40
N GLY A 1343 17.59 24.64 -6.96
CA GLY A 1343 17.17 24.03 -8.20
C GLY A 1343 17.29 22.53 -8.24
N HIS A 1344 16.62 21.85 -7.31
CA HIS A 1344 16.52 20.41 -7.34
C HIS A 1344 15.10 20.01 -7.72
N VAL A 1345 14.97 18.95 -8.50
CA VAL A 1345 13.67 18.43 -8.92
C VAL A 1345 13.75 16.91 -9.03
N THR A 1346 12.60 16.27 -8.83
CA THR A 1346 12.49 14.81 -8.84
C THR A 1346 12.03 14.36 -10.21
N GLU A 1347 12.90 13.66 -10.94
CA GLU A 1347 12.56 13.20 -12.27
C GLU A 1347 12.14 11.73 -12.29
N SER A 1348 13.06 10.82 -11.96
CA SER A 1348 12.79 9.39 -11.88
C SER A 1348 14.07 8.65 -11.48
N PRO A 1349 13.97 7.50 -10.81
CA PRO A 1349 15.17 6.70 -10.54
C PRO A 1349 15.65 5.95 -11.78
N GLN A 1350 16.09 6.72 -12.78
CA GLN A 1350 16.27 6.15 -14.11
C GLN A 1350 17.34 5.06 -14.19
N PRO A 1351 18.54 5.24 -13.66
CA PRO A 1351 19.48 4.11 -13.59
C PRO A 1351 19.44 3.43 -12.23
N ARG A 1352 20.20 2.34 -12.13
CA ARG A 1352 20.45 1.67 -10.86
C ARG A 1352 21.95 1.39 -10.78
N ARG A 1353 22.58 1.85 -9.69
CA ARG A 1353 24.02 1.75 -9.59
C ARG A 1353 24.47 0.31 -9.44
N VAL A 1354 25.64 0.00 -10.00
CA VAL A 1354 26.24 -1.32 -9.92
C VAL A 1354 27.62 -1.17 -9.30
N PHE A 1355 27.82 -1.81 -8.15
CA PHE A 1355 29.02 -1.54 -7.37
C PHE A 1355 30.21 -2.27 -7.97
N ILE A 1356 31.40 -1.81 -7.65
CA ILE A 1356 32.64 -2.34 -8.19
C ILE A 1356 33.58 -2.68 -7.04
N LEU A 1357 33.94 -3.96 -6.93
CA LEU A 1357 34.88 -4.39 -5.92
C LEU A 1357 36.29 -4.32 -6.50
N PRO A 1358 37.21 -3.57 -5.90
CA PRO A 1358 38.52 -3.38 -6.53
C PRO A 1358 39.33 -4.66 -6.52
N SER A 1359 40.58 -4.59 -6.99
CA SER A 1359 41.45 -5.75 -7.01
C SER A 1359 42.65 -5.53 -6.10
N ASN A 1360 43.37 -6.61 -5.85
CA ASN A 1360 44.57 -6.59 -5.04
C ASN A 1360 45.82 -6.86 -5.87
N LYS A 1361 45.73 -6.67 -7.18
CA LYS A 1361 46.83 -7.06 -8.06
C LYS A 1361 47.99 -6.10 -7.96
N GLN A 1362 47.72 -4.79 -8.02
CA GLN A 1362 48.78 -3.82 -8.24
C GLN A 1362 49.71 -3.69 -7.05
N ASP A 1363 49.28 -4.07 -5.86
CA ASP A 1363 50.14 -3.94 -4.70
C ASP A 1363 51.36 -4.83 -4.84
N PRO A 1364 52.48 -4.49 -4.21
CA PRO A 1364 53.65 -5.36 -4.23
C PRO A 1364 53.41 -6.61 -3.40
N GLU A 1365 54.45 -7.44 -3.31
CA GLU A 1365 54.36 -8.70 -2.59
C GLU A 1365 55.32 -8.76 -1.41
N ASN A 1366 54.86 -9.39 -0.33
CA ASN A 1366 55.71 -9.69 0.81
C ASN A 1366 56.81 -10.69 0.48
N SER A 1367 56.60 -11.47 -0.58
CA SER A 1367 57.59 -12.30 -1.27
C SER A 1367 57.98 -13.57 -0.53
N GLN A 1368 57.65 -13.69 0.77
CA GLN A 1368 57.63 -15.00 1.44
C GLN A 1368 57.16 -14.91 2.89
N PRO A 1369 56.39 -15.88 3.37
CA PRO A 1369 56.30 -16.08 4.81
C PRO A 1369 57.30 -17.13 5.25
N GLU A 1370 57.79 -17.03 6.48
CA GLU A 1370 58.81 -17.94 6.95
C GLU A 1370 58.17 -19.19 7.53
N ALA A 1371 58.92 -20.29 7.46
CA ALA A 1371 58.53 -21.57 8.04
C ALA A 1371 57.22 -22.08 7.45
N PHE A 1372 57.19 -22.25 6.14
CA PHE A 1372 56.14 -22.98 5.47
C PHE A 1372 56.69 -24.24 4.79
N LYS A 1373 55.86 -25.28 4.79
CA LYS A 1373 56.21 -26.48 4.06
C LYS A 1373 56.00 -26.30 2.56
N LEU A 1374 55.05 -25.46 2.16
CA LEU A 1374 54.78 -25.23 0.76
C LEU A 1374 54.72 -23.74 0.47
N PRO A 1375 55.12 -23.33 -0.74
CA PRO A 1375 55.13 -21.90 -1.06
C PRO A 1375 53.75 -21.39 -1.45
N LEU A 1376 53.60 -20.08 -1.36
CA LEU A 1376 52.41 -19.40 -1.84
C LEU A 1376 52.69 -18.81 -3.20
N ARG A 1377 51.64 -18.69 -4.01
CA ARG A 1377 51.82 -18.13 -5.34
C ARG A 1377 51.91 -16.62 -5.26
N LYS A 1378 52.21 -15.99 -6.40
CA LYS A 1378 52.46 -14.55 -6.40
C LYS A 1378 51.19 -13.77 -6.07
N GLU A 1379 50.05 -14.19 -6.60
CA GLU A 1379 48.80 -13.53 -6.25
C GLU A 1379 48.56 -13.60 -4.74
N GLN A 1380 48.75 -14.78 -4.15
CA GLN A 1380 48.58 -14.91 -2.72
C GLN A 1380 49.61 -14.10 -1.95
N LEU A 1381 50.82 -13.93 -2.49
CA LEU A 1381 51.80 -13.12 -1.79
C LEU A 1381 51.39 -11.65 -1.78
N ARG A 1382 50.93 -11.15 -2.92
CA ARG A 1382 50.42 -9.78 -2.96
C ARG A 1382 49.27 -9.60 -1.98
N SER A 1383 48.39 -10.60 -1.90
CA SER A 1383 47.25 -10.46 -1.00
C SER A 1383 47.68 -10.50 0.46
N LEU A 1384 48.62 -11.37 0.80
CA LEU A 1384 49.14 -11.41 2.16
C LEU A 1384 49.78 -10.09 2.54
N TRP A 1385 50.54 -9.50 1.61
CA TRP A 1385 51.16 -8.21 1.91
C TRP A 1385 50.11 -7.14 2.11
N TRP A 1386 49.06 -7.14 1.29
CA TRP A 1386 48.01 -6.15 1.48
C TRP A 1386 47.35 -6.33 2.84
N MET A 1387 47.13 -7.57 3.26
CA MET A 1387 46.48 -7.80 4.54
C MET A 1387 47.36 -7.36 5.69
N LEU A 1388 48.65 -7.68 5.62
CA LEU A 1388 49.60 -7.18 6.60
C LEU A 1388 49.51 -5.67 6.73
N GLU A 1389 49.64 -4.96 5.62
CA GLU A 1389 49.67 -3.50 5.69
C GLU A 1389 48.36 -2.95 6.20
N GLN A 1390 47.23 -3.42 5.67
CA GLN A 1390 45.93 -2.95 6.12
C GLN A 1390 45.77 -3.17 7.62
N GLU A 1391 46.28 -4.29 8.14
CA GLU A 1391 46.22 -4.49 9.58
C GLU A 1391 47.13 -3.52 10.32
N LYS A 1392 48.27 -3.16 9.72
CA LYS A 1392 49.21 -2.29 10.40
C LYS A 1392 48.77 -0.84 10.34
N ALA A 1393 48.63 -0.30 9.13
CA ALA A 1393 48.24 1.09 8.91
C ALA A 1393 49.20 2.04 9.62
N THR A 1394 50.44 2.06 9.15
CA THR A 1394 51.44 2.95 9.71
C THR A 1394 51.13 4.39 9.34
N GLY A 1395 51.24 5.27 10.33
CA GLY A 1395 50.98 6.67 10.11
C GLY A 1395 49.55 7.07 10.35
N LYS A 1396 48.64 6.62 9.48
CA LYS A 1396 47.25 7.07 9.53
C LYS A 1396 46.63 6.77 10.89
N THR A 1397 45.77 7.68 11.34
CA THR A 1397 45.13 7.54 12.64
C THR A 1397 43.64 7.21 12.54
N HIS A 1398 43.06 7.36 11.36
CA HIS A 1398 41.69 6.92 11.12
C HIS A 1398 41.59 6.48 9.66
N THR A 1399 40.82 5.43 9.42
CA THR A 1399 40.75 4.84 8.09
C THR A 1399 39.46 5.14 7.35
N PHE A 1400 38.44 5.68 8.01
CA PHE A 1400 37.17 5.90 7.35
C PHE A 1400 36.37 6.94 8.13
N VAL A 1401 35.52 7.67 7.41
CA VAL A 1401 34.64 8.66 8.00
C VAL A 1401 33.20 8.27 7.71
N GLU A 1402 32.31 8.49 8.67
CA GLU A 1402 30.93 8.05 8.59
C GLU A 1402 30.03 9.20 9.00
N GLU A 1403 29.01 9.48 8.21
CA GLU A 1403 28.15 10.63 8.46
C GLU A 1403 26.73 10.33 8.04
N GLU A 1404 25.80 11.16 8.53
CA GLU A 1404 24.38 11.01 8.23
C GLU A 1404 23.83 12.36 7.81
N ILE A 1405 23.84 12.63 6.52
CA ILE A 1405 23.33 13.88 5.99
C ILE A 1405 21.81 13.91 6.18
N SER A 1406 21.31 14.94 6.85
CA SER A 1406 19.88 15.11 7.07
C SER A 1406 19.34 16.25 6.20
N GLU A 1407 18.24 15.98 5.50
CA GLU A 1407 17.67 16.94 4.59
C GLU A 1407 16.46 17.63 5.20
N SER A 1408 16.05 18.72 4.57
CA SER A 1408 14.80 19.38 4.90
C SER A 1408 14.45 20.26 3.71
N LEU A 1409 13.41 19.87 2.96
CA LEU A 1409 13.11 20.48 1.68
C LEU A 1409 12.11 21.60 1.83
N LEU A 1410 12.40 22.72 1.19
CA LEU A 1410 11.42 23.76 0.95
C LEU A 1410 10.96 23.58 -0.48
N PRO A 1411 9.88 22.85 -0.74
CA PRO A 1411 9.64 22.35 -2.10
C PRO A 1411 9.31 23.42 -3.10
N ALA A 1412 8.52 24.44 -2.72
CA ALA A 1412 7.98 25.35 -3.72
C ALA A 1412 9.07 26.21 -4.35
N VAL A 1413 9.94 26.78 -3.54
CA VAL A 1413 11.18 27.36 -4.02
C VAL A 1413 12.10 26.19 -4.33
N GLY A 1414 13.09 26.39 -5.18
CA GLY A 1414 13.88 25.25 -5.57
C GLY A 1414 14.98 24.84 -4.62
N TRP A 1415 14.81 25.03 -3.31
CA TRP A 1415 15.91 24.79 -2.38
C TRP A 1415 15.67 23.52 -1.60
N ARG A 1416 16.78 22.88 -1.23
CA ARG A 1416 16.79 21.79 -0.27
C ARG A 1416 18.08 21.91 0.53
N ALA A 1417 17.98 21.77 1.85
CA ALA A 1417 19.14 21.94 2.71
C ALA A 1417 19.66 20.60 3.18
N GLU A 1418 20.94 20.58 3.54
CA GLU A 1418 21.58 19.34 3.99
C GLU A 1418 22.55 19.69 5.09
N GLY A 1419 22.47 19.01 6.22
CA GLY A 1419 23.40 19.19 7.31
C GLY A 1419 23.96 17.86 7.76
N LYS A 1420 25.28 17.75 7.77
CA LYS A 1420 25.93 16.47 7.99
C LYS A 1420 26.63 16.47 9.34
N ALA A 1421 27.13 15.29 9.72
CA ALA A 1421 27.85 15.14 10.97
C ALA A 1421 28.71 13.89 10.85
N GLU A 1422 30.02 14.06 10.76
CA GLU A 1422 30.93 12.97 10.45
C GLU A 1422 31.93 12.77 11.58
N ARG A 1423 32.31 11.52 11.81
CA ARG A 1423 33.34 11.25 12.80
C ARG A 1423 34.29 10.18 12.26
N PRO A 1424 35.59 10.35 12.44
CA PRO A 1424 36.54 9.31 12.04
C PRO A 1424 36.50 8.14 12.99
N VAL A 1425 36.85 6.96 12.47
CA VAL A 1425 36.86 5.73 13.25
C VAL A 1425 37.99 4.85 12.75
N MET A 1426 38.79 4.33 13.68
CA MET A 1426 39.98 3.56 13.35
C MET A 1426 39.67 2.08 13.49
N VAL A 1427 39.49 1.41 12.36
CA VAL A 1427 39.24 -0.03 12.32
C VAL A 1427 40.30 -0.69 11.46
N ARG A 1428 40.86 -1.79 11.96
CA ARG A 1428 41.94 -2.49 11.29
C ARG A 1428 41.47 -3.88 10.90
N GLY A 1429 41.58 -4.20 9.62
CA GLY A 1429 41.08 -5.45 9.08
C GLY A 1429 40.01 -5.17 8.05
N GLY A 1430 39.66 -6.14 7.23
CA GLY A 1430 38.68 -5.86 6.19
C GLY A 1430 38.21 -7.12 5.52
N VAL A 1431 37.25 -6.95 4.63
CA VAL A 1431 36.57 -8.07 4.00
C VAL A 1431 37.35 -8.51 2.78
N ILE A 1432 37.84 -9.75 2.79
CA ILE A 1432 38.51 -10.34 1.65
C ILE A 1432 37.54 -11.33 1.02
N ALA A 1433 37.03 -10.99 -0.15
CA ALA A 1433 36.00 -11.78 -0.82
C ALA A 1433 36.50 -12.16 -2.20
N ASP A 1434 37.26 -13.24 -2.27
CA ASP A 1434 37.92 -13.66 -3.49
C ASP A 1434 37.18 -14.82 -4.14
N GLN A 1435 37.20 -14.85 -5.47
CA GLN A 1435 36.41 -15.83 -6.20
C GLN A 1435 36.82 -17.24 -5.83
N VAL A 1436 35.91 -18.18 -6.06
CA VAL A 1436 36.07 -19.53 -5.55
C VAL A 1436 37.30 -20.18 -6.15
N GLY A 1437 37.98 -21.00 -5.35
CA GLY A 1437 39.19 -21.67 -5.76
C GLY A 1437 40.45 -21.02 -5.21
N TYR A 1438 40.41 -19.72 -5.00
CA TYR A 1438 41.53 -19.00 -4.41
C TYR A 1438 41.82 -19.53 -3.02
N GLY A 1439 43.03 -19.27 -2.54
CA GLY A 1439 43.43 -19.81 -1.26
C GLY A 1439 43.22 -18.90 -0.08
N LYS A 1440 41.97 -18.63 0.30
CA LYS A 1440 41.73 -17.74 1.42
C LYS A 1440 42.18 -18.37 2.73
N THR A 1441 41.94 -19.66 2.91
CA THR A 1441 42.44 -20.35 4.09
C THR A 1441 43.95 -20.25 4.18
N VAL A 1442 44.64 -20.43 3.04
CA VAL A 1442 46.08 -20.40 3.07
C VAL A 1442 46.58 -19.00 3.42
N ILE A 1443 45.98 -17.98 2.82
CA ILE A 1443 46.36 -16.61 3.14
C ILE A 1443 46.18 -16.36 4.62
N SER A 1444 45.08 -16.83 5.20
CA SER A 1444 44.84 -16.57 6.61
C SER A 1444 45.87 -17.26 7.49
N ILE A 1445 46.20 -18.51 7.18
CA ILE A 1445 47.21 -19.20 7.98
C ILE A 1445 48.56 -18.53 7.82
N ALA A 1446 48.86 -18.04 6.63
CA ALA A 1446 50.12 -17.33 6.42
C ALA A 1446 50.16 -16.04 7.22
N LEU A 1447 49.05 -15.31 7.24
CA LEU A 1447 48.97 -14.08 8.03
C LEU A 1447 49.25 -14.37 9.49
N VAL A 1448 48.62 -15.42 10.03
CA VAL A 1448 48.82 -15.74 11.44
C VAL A 1448 50.27 -16.12 11.69
N ALA A 1449 50.84 -16.95 10.82
CA ALA A 1449 52.22 -17.39 11.03
C ALA A 1449 53.18 -16.22 10.96
N GLN A 1450 52.95 -15.29 10.04
CA GLN A 1450 53.81 -14.12 9.93
C GLN A 1450 53.71 -13.24 11.17
N THR A 1451 52.49 -12.80 11.50
CA THR A 1451 52.29 -11.89 12.62
C THR A 1451 52.64 -12.52 13.96
N LEU A 1452 52.76 -13.86 14.02
CA LEU A 1452 52.98 -14.54 15.29
C LEU A 1452 54.10 -13.91 16.11
N SER A 1453 55.23 -13.60 15.48
CA SER A 1453 56.42 -13.18 16.22
C SER A 1453 56.25 -11.83 16.91
N LEU A 1454 55.36 -10.98 16.42
CA LEU A 1454 55.32 -9.59 16.87
C LEU A 1454 54.88 -9.50 18.33
N PRO A 1455 55.34 -8.46 19.06
CA PRO A 1455 55.17 -8.42 20.51
C PRO A 1455 53.72 -8.34 20.98
N ALA A 1456 53.00 -7.32 20.54
CA ALA A 1456 51.66 -7.04 21.06
C ALA A 1456 51.06 -5.90 20.23
N PRO A 1457 49.74 -5.75 20.25
CA PRO A 1457 49.12 -4.62 19.56
C PRO A 1457 49.29 -3.33 20.35
N GLU A 1458 48.63 -2.29 19.83
CA GLU A 1458 48.71 -0.95 20.41
C GLU A 1458 47.85 -0.75 21.66
N PRO A 1459 46.61 -1.24 21.73
CA PRO A 1459 45.73 -0.86 22.85
C PRO A 1459 46.21 -1.42 24.18
N ALA A 1460 45.37 -1.20 25.20
CA ALA A 1460 45.67 -1.62 26.57
C ALA A 1460 44.73 -2.66 27.12
N THR A 1461 43.47 -2.70 26.64
CA THR A 1461 42.36 -3.59 27.04
C THR A 1461 42.31 -3.85 28.54
N PRO A 1462 41.89 -2.86 29.34
CA PRO A 1462 41.82 -3.07 30.80
C PRO A 1462 40.54 -3.72 31.29
N GLY A 1463 39.43 -3.56 30.56
CA GLY A 1463 38.16 -4.03 31.08
C GLY A 1463 38.11 -5.53 31.30
N LEU A 1464 38.39 -6.30 30.26
CA LEU A 1464 38.25 -7.75 30.29
C LEU A 1464 39.54 -8.42 29.82
N ILE A 1465 39.57 -9.75 29.93
CA ILE A 1465 40.81 -10.49 29.78
C ILE A 1465 41.26 -10.50 28.33
N ASP A 1466 42.56 -10.39 28.13
CA ASP A 1466 43.17 -10.40 26.81
C ASP A 1466 43.96 -11.67 26.60
N LEU A 1467 43.84 -12.25 25.42
CA LEU A 1467 44.52 -13.49 25.07
C LEU A 1467 45.42 -13.24 23.87
N LYS A 1468 46.18 -14.26 23.51
CA LYS A 1468 46.98 -14.21 22.29
C LYS A 1468 46.41 -15.04 21.17
N ALA A 1469 45.50 -15.96 21.48
CA ALA A 1469 44.90 -16.81 20.47
C ALA A 1469 44.13 -16.00 19.45
N THR A 1470 43.94 -16.57 18.27
CA THR A 1470 43.21 -15.95 17.18
C THR A 1470 42.10 -16.88 16.72
N LEU A 1471 40.90 -16.69 17.27
CA LEU A 1471 39.83 -17.65 17.05
C LEU A 1471 39.30 -17.50 15.64
N ILE A 1472 38.96 -18.62 15.03
CA ILE A 1472 38.42 -18.67 13.68
C ILE A 1472 37.02 -19.25 13.79
N VAL A 1473 36.02 -18.50 13.35
CA VAL A 1473 34.65 -18.95 13.40
C VAL A 1473 34.28 -19.52 12.04
N VAL A 1474 33.91 -20.79 12.00
CA VAL A 1474 33.69 -21.50 10.75
C VAL A 1474 32.34 -22.21 10.83
N PRO A 1475 31.81 -22.66 9.70
CA PRO A 1475 30.58 -23.43 9.74
C PRO A 1475 30.80 -24.76 10.44
N GLY A 1476 29.69 -25.43 10.75
CA GLY A 1476 29.77 -26.60 11.60
C GLY A 1476 30.70 -27.69 11.07
N HIS A 1477 30.77 -27.82 9.75
CA HIS A 1477 31.39 -29.00 9.15
C HIS A 1477 32.79 -28.74 8.60
N LEU A 1478 33.38 -27.58 8.85
CA LEU A 1478 34.74 -27.29 8.44
C LEU A 1478 35.72 -27.44 9.59
N SER A 1479 35.25 -27.96 10.73
CA SER A 1479 36.08 -28.08 11.92
C SER A 1479 37.18 -29.12 11.78
N LYS A 1480 37.09 -30.01 10.80
CA LYS A 1480 38.20 -30.90 10.49
C LYS A 1480 38.97 -30.47 9.27
N GLN A 1481 38.38 -29.63 8.43
CA GLN A 1481 39.09 -29.13 7.26
C GLN A 1481 40.08 -28.05 7.64
N TRP A 1482 39.74 -27.17 8.57
CA TRP A 1482 40.67 -26.11 8.96
C TRP A 1482 41.91 -26.65 9.67
N PRO A 1483 41.81 -27.41 10.77
CA PRO A 1483 43.04 -27.89 11.41
C PRO A 1483 43.87 -28.78 10.52
N ASN A 1484 43.24 -29.53 9.61
CA ASN A 1484 44.02 -30.32 8.66
C ASN A 1484 44.87 -29.42 7.78
N GLU A 1485 44.30 -28.33 7.29
CA GLU A 1485 45.08 -27.42 6.45
C GLU A 1485 46.19 -26.74 7.24
N ILE A 1486 45.89 -26.33 8.47
CA ILE A 1486 46.91 -25.69 9.30
C ILE A 1486 48.07 -26.64 9.54
N ALA A 1487 47.78 -27.88 9.91
CA ALA A 1487 48.85 -28.85 10.14
C ALA A 1487 49.58 -29.19 8.86
N ARG A 1488 48.86 -29.22 7.73
CA ARG A 1488 49.49 -29.56 6.46
C ARG A 1488 50.48 -28.50 6.03
N PHE A 1489 50.18 -27.23 6.30
CA PHE A 1489 51.09 -26.18 5.86
C PHE A 1489 52.21 -25.94 6.87
N THR A 1490 51.87 -25.77 8.13
CA THR A 1490 52.86 -25.51 9.18
C THR A 1490 52.79 -26.66 10.18
N GLY A 1491 53.74 -27.58 10.08
CA GLY A 1491 53.66 -28.77 10.88
C GLY A 1491 54.03 -28.55 12.34
N SER A 1492 53.01 -28.55 13.20
CA SER A 1492 53.17 -28.39 14.64
C SER A 1492 53.92 -27.11 14.99
N MET A 1493 53.81 -26.09 14.14
CA MET A 1493 54.50 -24.84 14.42
C MET A 1493 53.93 -24.16 15.67
N PHE A 1494 52.60 -24.18 15.81
CA PHE A 1494 51.95 -23.59 16.98
C PHE A 1494 50.75 -24.44 17.33
N LYS A 1495 50.49 -24.55 18.64
CA LYS A 1495 49.38 -25.34 19.11
C LYS A 1495 48.06 -24.78 18.59
N VAL A 1496 47.11 -25.67 18.33
CA VAL A 1496 45.82 -25.31 17.76
C VAL A 1496 44.73 -26.15 18.43
N ILE A 1497 43.96 -25.55 19.32
CA ILE A 1497 42.91 -26.25 20.06
C ILE A 1497 41.59 -26.02 19.35
N VAL A 1498 40.84 -27.10 19.14
CA VAL A 1498 39.58 -27.05 18.42
C VAL A 1498 38.45 -27.21 19.42
N ILE A 1499 37.34 -26.52 19.17
CA ILE A 1499 36.11 -26.76 19.91
C ILE A 1499 35.00 -27.01 18.89
N GLN A 1500 34.27 -28.10 19.07
CA GLN A 1500 33.11 -28.40 18.23
C GLN A 1500 31.84 -28.44 19.05
N GLY A 1501 31.78 -29.25 20.08
CA GLY A 1501 30.62 -29.29 20.94
C GLY A 1501 30.80 -28.43 22.16
N MET A 1502 29.67 -28.10 22.79
CA MET A 1502 29.72 -27.26 23.98
C MET A 1502 30.57 -27.90 25.06
N LYS A 1503 30.56 -29.23 25.16
CA LYS A 1503 31.38 -29.90 26.17
C LYS A 1503 32.86 -29.65 25.93
N ASP A 1504 33.30 -29.69 24.67
CA ASP A 1504 34.70 -29.42 24.38
C ASP A 1504 35.08 -28.01 24.79
N LEU A 1505 34.11 -27.10 24.83
CA LEU A 1505 34.38 -25.78 25.40
C LEU A 1505 34.47 -25.84 26.91
N GLN A 1506 33.50 -26.48 27.57
CA GLN A 1506 33.45 -26.41 29.02
C GLN A 1506 34.59 -27.15 29.70
N GLU A 1507 35.19 -28.13 29.03
CA GLU A 1507 36.28 -28.85 29.70
C GLU A 1507 37.57 -28.05 29.75
N LYS A 1508 37.68 -26.97 28.99
CA LYS A 1508 38.90 -26.17 28.97
C LYS A 1508 38.93 -25.20 30.14
N THR A 1509 40.11 -24.65 30.41
CA THR A 1509 40.31 -23.61 31.40
C THR A 1509 41.11 -22.47 30.79
N ILE A 1510 40.92 -21.27 31.35
CA ILE A 1510 41.63 -20.09 30.85
C ILE A 1510 43.13 -20.32 30.83
N ALA A 1511 43.66 -20.99 31.85
CA ALA A 1511 45.09 -21.29 31.85
C ALA A 1511 45.47 -22.23 30.71
N GLU A 1512 44.50 -23.00 30.22
CA GLU A 1512 44.75 -23.83 29.04
C GLU A 1512 44.62 -23.02 27.77
N LEU A 1513 43.63 -22.13 27.69
CA LEU A 1513 43.47 -21.29 26.52
C LEU A 1513 44.65 -20.37 26.31
N GLY A 1514 45.32 -19.98 27.40
CA GLY A 1514 46.46 -19.08 27.26
C GLY A 1514 47.56 -19.64 26.39
N LYS A 1515 47.79 -20.95 26.45
CA LYS A 1515 48.81 -21.56 25.62
C LYS A 1515 48.40 -21.54 24.15
N ALA A 1516 47.10 -21.64 23.87
CA ALA A 1516 46.63 -21.84 22.51
C ALA A 1516 46.97 -20.64 21.63
N ASP A 1517 47.74 -20.91 20.59
CA ASP A 1517 48.10 -19.87 19.63
C ASP A 1517 46.98 -19.55 18.66
N ILE A 1518 46.15 -20.54 18.34
CA ILE A 1518 45.05 -20.41 17.40
C ILE A 1518 43.97 -21.41 17.77
N ILE A 1519 42.75 -20.93 17.97
CA ILE A 1519 41.65 -21.79 18.36
C ILE A 1519 40.60 -21.78 17.25
N VAL A 1520 40.11 -22.95 16.89
CA VAL A 1520 39.13 -23.11 15.82
C VAL A 1520 37.79 -23.44 16.44
N MET A 1521 36.77 -22.66 16.09
CA MET A 1521 35.48 -22.71 16.77
C MET A 1521 34.38 -22.98 15.76
N ALA A 1522 33.62 -24.05 15.96
CA ALA A 1522 32.40 -24.23 15.21
C ALA A 1522 31.40 -23.16 15.61
N SER A 1523 30.50 -22.82 14.70
CA SER A 1523 29.63 -21.68 14.90
C SER A 1523 28.20 -22.04 15.29
N GLU A 1524 27.96 -23.26 15.76
CA GLU A 1524 26.63 -23.60 16.25
C GLU A 1524 26.56 -23.66 17.77
N ILE A 1525 27.70 -23.53 18.46
CA ILE A 1525 27.65 -23.38 19.90
C ILE A 1525 26.94 -22.09 20.28
N PHE A 1526 26.99 -21.07 19.43
CA PHE A 1526 26.26 -19.84 19.69
C PHE A 1526 24.76 -20.04 19.66
N GLU A 1527 24.29 -21.17 19.16
CA GLU A 1527 22.90 -21.56 19.30
C GLU A 1527 22.72 -22.73 20.26
N SER A 1528 23.81 -23.30 20.77
CA SER A 1528 23.69 -24.47 21.65
C SER A 1528 22.82 -24.20 22.88
N ASP A 1529 22.66 -22.93 23.26
CA ASP A 1529 21.71 -22.50 24.27
C ASP A 1529 22.12 -22.90 25.68
N VAL A 1530 23.16 -23.72 25.81
CA VAL A 1530 23.81 -23.86 27.10
C VAL A 1530 24.79 -22.72 27.29
N TYR A 1531 25.39 -22.25 26.20
CA TYR A 1531 26.22 -21.07 26.20
C TYR A 1531 25.49 -19.87 26.77
N TRP A 1532 24.27 -19.62 26.29
CA TRP A 1532 23.53 -18.49 26.80
C TRP A 1532 23.19 -18.64 28.27
N SER A 1533 22.98 -19.87 28.75
CA SER A 1533 22.73 -20.07 30.17
C SER A 1533 23.97 -19.73 30.99
N ARG A 1534 25.13 -20.27 30.60
CA ARG A 1534 26.34 -19.98 31.36
C ARG A 1534 26.68 -18.49 31.32
N LEU A 1535 26.36 -17.81 30.21
CA LEU A 1535 26.57 -16.38 30.18
C LEU A 1535 25.57 -15.66 31.08
N GLU A 1536 24.33 -16.16 31.16
CA GLU A 1536 23.38 -15.62 32.12
C GLU A 1536 23.90 -15.74 33.54
N TYR A 1537 24.69 -16.78 33.80
CA TYR A 1537 25.27 -16.94 35.13
C TYR A 1537 26.41 -15.95 35.35
N LEU A 1538 27.35 -15.88 34.40
CA LEU A 1538 28.48 -14.97 34.58
C LEU A 1538 28.03 -13.51 34.64
N SER A 1539 26.90 -13.19 34.03
CA SER A 1539 26.41 -11.83 34.07
C SER A 1539 25.53 -11.55 35.29
N ALA A 1540 25.05 -12.60 35.95
CA ALA A 1540 24.12 -12.47 37.07
C ALA A 1540 22.83 -11.80 36.63
N GLN A 1541 22.22 -12.31 35.59
CA GLN A 1541 20.92 -11.86 35.13
C GLN A 1541 19.85 -12.84 35.55
N PRO A 1542 18.57 -12.52 35.37
CA PRO A 1542 17.52 -13.50 35.60
C PRO A 1542 17.75 -14.80 34.84
N ARG A 1543 17.04 -15.87 35.20
CA ARG A 1543 17.38 -17.20 34.71
C ARG A 1543 17.14 -17.31 33.20
N GLU A 1544 16.20 -16.55 32.67
CA GLU A 1544 15.88 -16.60 31.24
C GLU A 1544 16.01 -15.23 30.60
N TRP A 1545 17.05 -14.48 30.96
CA TRP A 1545 17.20 -13.13 30.43
C TRP A 1545 17.51 -13.16 28.94
N LEU A 1546 18.36 -14.09 28.52
CA LEU A 1546 18.75 -14.22 27.13
C LEU A 1546 18.08 -15.38 26.42
N HIS A 1547 17.08 -16.00 27.02
CA HIS A 1547 16.38 -17.08 26.34
C HIS A 1547 15.37 -16.50 25.37
N ASP A 1548 15.72 -16.46 24.10
CA ASP A 1548 14.81 -16.01 23.07
C ASP A 1548 14.80 -17.03 21.93
N THR A 1549 13.67 -17.08 21.23
CA THR A 1549 13.49 -18.01 20.14
C THR A 1549 14.42 -17.62 18.99
N GLN A 1550 14.25 -18.32 17.86
CA GLN A 1550 15.13 -18.10 16.71
C GLN A 1550 15.33 -16.61 16.44
N GLY A 1551 14.27 -15.82 16.58
CA GLY A 1551 14.37 -14.39 16.35
C GLY A 1551 15.50 -13.72 17.11
N GLY A 1552 16.32 -12.97 16.40
CA GLY A 1552 17.35 -12.14 16.99
C GLY A 1552 16.93 -10.70 17.22
N ARG A 1553 15.64 -10.45 17.40
CA ARG A 1553 15.16 -9.11 17.74
C ARG A 1553 14.73 -9.09 19.20
N PHE A 1554 14.95 -7.94 19.85
CA PHE A 1554 14.70 -7.73 21.28
C PHE A 1554 15.72 -8.53 22.08
N PHE A 1555 16.49 -9.35 21.39
CA PHE A 1555 17.60 -10.09 21.97
C PHE A 1555 18.89 -9.29 21.87
N CYS A 1556 18.95 -8.32 20.94
CA CYS A 1556 20.13 -7.47 20.84
C CYS A 1556 20.25 -6.56 22.05
N ASP A 1557 19.15 -5.91 22.44
CA ASP A 1557 19.19 -5.02 23.60
C ASP A 1557 19.52 -5.79 24.87
N ARG A 1558 18.84 -6.92 25.09
CA ARG A 1558 19.10 -7.72 26.27
C ARG A 1558 20.54 -8.21 26.29
N LEU A 1559 21.06 -8.65 25.14
CA LEU A 1559 22.44 -9.10 25.12
C LEU A 1559 23.41 -7.95 25.35
N ASP A 1560 23.06 -6.74 24.92
CA ASP A 1560 23.93 -5.60 25.18
C ASP A 1560 24.03 -5.31 26.66
N ALA A 1561 22.88 -5.31 27.35
CA ALA A 1561 22.90 -5.11 28.80
C ALA A 1561 23.68 -6.22 29.49
N ALA A 1562 23.47 -7.46 29.06
CA ALA A 1562 24.23 -8.57 29.62
C ALA A 1562 25.72 -8.39 29.41
N MET A 1563 26.13 -7.85 28.26
CA MET A 1563 27.56 -7.67 27.99
C MET A 1563 28.14 -6.58 28.88
N GLU A 1564 27.40 -5.51 29.13
CA GLU A 1564 27.89 -4.50 30.06
C GLU A 1564 28.10 -5.08 31.45
N SER A 1565 27.08 -5.78 31.97
CA SER A 1565 27.21 -6.36 33.30
C SER A 1565 28.36 -7.37 33.34
N LEU A 1566 28.54 -8.13 32.27
CA LEU A 1566 29.60 -9.13 32.23
C LEU A 1566 30.97 -8.46 32.26
N VAL A 1567 31.16 -7.37 31.53
CA VAL A 1567 32.48 -6.74 31.55
C VAL A 1567 32.76 -6.17 32.93
N SER A 1568 31.74 -5.64 33.62
CA SER A 1568 31.97 -5.16 34.98
C SER A 1568 32.37 -6.31 35.90
N GLN A 1569 31.61 -7.41 35.81
CA GLN A 1569 31.89 -8.58 36.65
C GLN A 1569 33.29 -9.12 36.42
N THR A 1570 33.75 -9.12 35.17
CA THR A 1570 35.09 -9.61 34.87
C THR A 1570 36.15 -8.65 35.38
N LYS A 1571 35.91 -7.34 35.23
CA LYS A 1571 36.81 -6.36 35.83
C LYS A 1571 36.98 -6.63 37.31
N ILE A 1572 35.89 -6.97 37.99
CA ILE A 1572 36.00 -7.38 39.39
C ILE A 1572 36.83 -8.65 39.52
N LEU A 1573 36.43 -9.70 38.81
CA LEU A 1573 37.02 -11.03 38.96
C LEU A 1573 38.52 -11.05 38.68
N LYS A 1574 39.05 -10.03 37.98
CA LYS A 1574 40.49 -9.97 37.78
C LYS A 1574 41.26 -10.00 39.10
N GLU A 1575 40.61 -9.59 40.20
CA GLU A 1575 41.24 -9.52 41.52
C GLU A 1575 41.01 -10.77 42.35
N LYS A 1576 40.22 -11.73 41.86
CA LYS A 1576 39.73 -12.94 42.51
C LYS A 1576 38.65 -12.61 43.54
N GLY A 1577 38.35 -11.35 43.81
CA GLY A 1577 37.30 -11.01 44.75
C GLY A 1577 35.95 -11.35 44.14
N SER A 1578 35.68 -12.65 44.02
CA SER A 1578 34.62 -13.14 43.15
C SER A 1578 33.25 -12.67 43.60
N GLU A 1579 32.86 -13.01 44.81
CA GLU A 1579 31.48 -12.80 45.25
C GLU A 1579 31.24 -11.31 45.56
N ALA A 1580 30.11 -11.04 46.19
CA ALA A 1580 29.74 -9.74 46.73
C ALA A 1580 29.41 -8.73 45.63
N ALA A 1581 29.65 -9.11 44.37
CA ALA A 1581 29.25 -8.30 43.23
C ALA A 1581 27.99 -8.86 42.57
N MET A 1582 28.00 -10.13 42.19
CA MET A 1582 26.78 -10.81 41.79
C MET A 1582 25.72 -10.70 42.88
N ARG A 1583 26.15 -10.64 44.14
CA ARG A 1583 25.21 -10.43 45.23
C ARG A 1583 24.72 -8.99 45.29
N ALA A 1584 25.57 -8.04 44.89
CA ALA A 1584 25.19 -6.64 44.93
C ALA A 1584 24.22 -6.28 43.81
N MET A 1585 24.20 -7.07 42.73
CA MET A 1585 23.36 -6.73 41.59
C MET A 1585 21.95 -7.27 41.72
N GLU A 1586 21.76 -8.35 42.48
CA GLU A 1586 20.42 -8.90 42.68
C GLU A 1586 19.50 -7.87 43.31
N ASP A 1587 19.98 -7.19 44.35
CA ASP A 1587 19.19 -6.14 44.98
C ASP A 1587 18.93 -4.99 44.00
N LYS A 1588 19.92 -4.67 43.17
CA LYS A 1588 19.72 -3.64 42.16
C LYS A 1588 18.55 -3.98 41.25
N LYS A 1589 18.54 -5.20 40.71
CA LYS A 1589 17.46 -5.59 39.80
C LYS A 1589 16.12 -5.65 40.54
N LYS A 1590 16.10 -6.20 41.75
CA LYS A 1590 14.82 -6.37 42.43
C LYS A 1590 14.35 -5.07 43.08
N SER A 1591 15.19 -4.04 43.06
CA SER A 1591 14.72 -2.71 43.45
C SER A 1591 14.23 -1.94 42.23
N LEU A 1592 14.94 -2.05 41.11
CA LEU A 1592 14.48 -1.43 39.88
C LEU A 1592 13.11 -1.95 39.46
N VAL A 1593 12.85 -3.25 39.66
CA VAL A 1593 11.58 -3.80 39.22
C VAL A 1593 10.40 -3.12 39.90
N ASP A 1594 10.57 -2.63 41.12
CA ASP A 1594 9.44 -2.08 41.86
C ASP A 1594 9.05 -0.76 41.23
N ASN A 1595 8.09 -0.83 40.30
CA ASN A 1595 7.53 0.34 39.65
C ASN A 1595 6.02 0.22 39.63
N VAL A 1596 5.34 1.36 39.49
CA VAL A 1596 3.89 1.40 39.56
C VAL A 1596 3.22 1.00 38.26
N GLY A 1597 3.99 0.58 37.26
CA GLY A 1597 3.44 0.26 35.96
C GLY A 1597 2.69 -1.05 35.91
N SER A 1598 2.68 -1.66 34.74
CA SER A 1598 1.99 -2.94 34.53
C SER A 1598 2.94 -4.08 34.84
N LYS A 1599 2.44 -5.08 35.56
CA LYS A 1599 3.18 -6.29 35.86
C LYS A 1599 2.28 -7.49 35.59
N LYS A 1600 2.80 -8.69 35.86
CA LYS A 1600 1.99 -9.89 35.67
C LYS A 1600 1.02 -10.09 36.83
N GLU A 1601 1.34 -9.56 38.00
CA GLU A 1601 0.44 -9.52 39.16
C GLU A 1601 0.86 -8.32 40.00
N VAL A 1602 0.47 -8.31 41.27
CA VAL A 1602 0.99 -7.31 42.21
C VAL A 1602 2.50 -7.17 42.08
N HIS A 1603 3.20 -8.26 41.78
CA HIS A 1603 4.59 -8.24 41.35
C HIS A 1603 4.98 -9.63 40.88
N THR A 1604 6.05 -9.68 40.09
CA THR A 1604 6.64 -10.91 39.55
C THR A 1604 5.60 -11.88 39.01
N LYS A 1678 45.10 -16.95 36.97
CA LYS A 1678 43.94 -17.68 37.47
C LYS A 1678 43.30 -18.51 36.35
N LEU A 1679 42.22 -19.20 36.71
CA LEU A 1679 41.56 -20.13 35.82
C LEU A 1679 40.26 -20.58 36.43
N LEU A 1680 39.25 -20.83 35.59
CA LEU A 1680 38.03 -21.46 36.04
C LEU A 1680 37.41 -22.22 34.88
N PRO A 1681 36.97 -23.45 35.11
CA PRO A 1681 36.37 -24.22 34.02
C PRO A 1681 35.16 -23.52 33.41
N ASN A 1682 34.83 -23.95 32.20
CA ASN A 1682 33.74 -23.42 31.39
C ASN A 1682 33.79 -21.90 31.30
N PRO A 1683 34.75 -21.32 30.58
CA PRO A 1683 34.70 -19.88 30.29
C PRO A 1683 33.81 -19.59 29.10
N VAL A 1684 33.19 -18.42 29.12
CA VAL A 1684 32.38 -17.98 28.00
C VAL A 1684 33.23 -17.13 27.07
N LEU A 1685 33.10 -17.35 25.76
CA LEU A 1685 33.98 -16.70 24.81
C LEU A 1685 33.71 -15.22 24.66
N HIS A 1686 32.66 -14.69 25.27
CA HIS A 1686 32.40 -13.27 25.20
C HIS A 1686 33.04 -12.50 26.35
N MET A 1687 33.87 -13.15 27.16
CA MET A 1687 34.55 -12.47 28.25
C MET A 1687 36.03 -12.26 28.01
N PHE A 1688 36.56 -12.72 26.88
CA PHE A 1688 37.97 -12.57 26.55
C PHE A 1688 38.14 -11.45 25.52
N ARG A 1689 39.37 -11.32 25.03
CA ARG A 1689 39.68 -10.44 23.92
C ARG A 1689 40.91 -10.98 23.22
N PHE A 1690 40.74 -11.45 22.00
CA PHE A 1690 41.78 -12.11 21.24
C PHE A 1690 42.55 -11.09 20.41
N ARG A 1691 43.63 -11.56 19.80
CA ARG A 1691 44.38 -10.66 18.92
C ARG A 1691 43.78 -10.60 17.53
N ARG A 1692 42.86 -11.50 17.20
CA ARG A 1692 42.30 -11.53 15.85
C ARG A 1692 41.09 -12.45 15.82
N VAL A 1693 40.06 -12.04 15.10
CA VAL A 1693 38.84 -12.84 14.95
C VAL A 1693 38.50 -12.93 13.47
N ILE A 1694 38.61 -14.14 12.93
CA ILE A 1694 38.48 -14.37 11.50
C ILE A 1694 37.25 -15.20 11.26
N ALA A 1695 36.12 -14.55 10.98
CA ALA A 1695 34.92 -15.29 10.59
C ALA A 1695 35.20 -16.03 9.29
N ASP A 1696 34.34 -16.95 8.95
CA ASP A 1696 34.47 -17.72 7.72
C ASP A 1696 33.09 -18.06 7.20
N GLU A 1697 32.88 -17.87 5.90
CA GLU A 1697 31.57 -18.03 5.30
C GLU A 1697 30.54 -17.19 6.05
N PHE A 1698 30.91 -15.94 6.30
CA PHE A 1698 30.17 -15.09 7.23
C PHE A 1698 28.74 -14.86 6.77
N THR A 1699 28.46 -14.99 5.48
CA THR A 1699 27.12 -14.64 5.04
C THR A 1699 26.09 -15.69 5.43
N TYR A 1700 26.50 -16.76 6.08
CA TYR A 1700 25.58 -17.79 6.56
C TYR A 1700 25.37 -17.74 8.06
N LEU A 1701 25.99 -16.78 8.75
CA LEU A 1701 25.77 -16.61 10.19
C LEU A 1701 24.33 -16.14 10.39
N GLN A 1702 23.49 -17.03 10.91
CA GLN A 1702 22.08 -16.72 11.04
C GLN A 1702 21.86 -15.71 12.16
N LYS A 1703 20.59 -15.42 12.42
CA LYS A 1703 20.25 -14.32 13.32
C LYS A 1703 20.80 -14.52 14.72
N LYS A 1704 20.54 -15.67 15.33
CA LYS A 1704 20.90 -15.86 16.74
C LYS A 1704 22.41 -15.80 16.95
N SER A 1705 23.18 -16.30 15.99
CA SER A 1705 24.63 -16.31 16.17
C SER A 1705 25.31 -15.12 15.53
N LEU A 1706 24.67 -14.47 14.55
CA LEU A 1706 25.17 -13.19 14.08
C LEU A 1706 25.12 -12.15 15.19
N ALA A 1707 23.97 -12.07 15.88
CA ALA A 1707 23.83 -11.13 16.97
C ALA A 1707 24.83 -11.36 18.09
N ALA A 1708 25.65 -12.40 18.00
CA ALA A 1708 26.67 -12.68 19.00
C ALA A 1708 28.08 -12.55 18.46
N VAL A 1709 28.34 -13.06 17.26
CA VAL A 1709 29.64 -12.83 16.63
C VAL A 1709 29.89 -11.33 16.49
N LEU A 1710 28.82 -10.55 16.31
CA LEU A 1710 28.99 -9.11 16.21
C LEU A 1710 29.54 -8.50 17.49
N ARG A 1711 29.41 -9.21 18.62
CA ARG A 1711 29.86 -8.66 19.89
C ARG A 1711 31.26 -9.11 20.28
N LEU A 1712 31.75 -10.19 19.68
CA LEU A 1712 33.08 -10.67 20.00
C LEU A 1712 34.09 -9.55 19.85
N SER A 1713 35.00 -9.44 20.81
CA SER A 1713 35.94 -8.34 20.87
C SER A 1713 37.33 -8.82 20.51
N SER A 1714 37.99 -8.08 19.63
CA SER A 1714 39.38 -8.37 19.27
C SER A 1714 39.98 -7.14 18.61
N SER A 1715 41.30 -7.18 18.44
CA SER A 1715 41.98 -6.04 17.84
C SER A 1715 41.70 -5.95 16.35
N TYR A 1716 42.01 -7.01 15.60
CA TYR A 1716 41.86 -7.05 14.16
C TYR A 1716 40.76 -8.03 13.83
N ARG A 1717 39.85 -7.65 12.94
CA ARG A 1717 38.71 -8.49 12.60
C ARG A 1717 38.60 -8.68 11.09
N TRP A 1718 39.07 -9.83 10.62
CA TRP A 1718 39.04 -10.18 9.20
C TRP A 1718 37.81 -11.02 8.89
N ILE A 1719 37.32 -10.90 7.66
CA ILE A 1719 36.11 -11.59 7.22
C ILE A 1719 36.44 -12.32 5.92
N LEU A 1720 36.05 -13.59 5.85
CA LEU A 1720 36.30 -14.41 4.68
C LEU A 1720 34.97 -14.81 4.06
N SER A 1721 34.87 -14.71 2.74
CA SER A 1721 33.67 -15.13 2.04
C SER A 1721 34.02 -15.52 0.61
N GLY A 1722 33.04 -16.04 -0.09
CA GLY A 1722 33.22 -16.38 -1.49
C GLY A 1722 32.12 -15.80 -2.34
N THR A 1723 31.01 -15.44 -1.70
CA THR A 1723 29.85 -14.81 -2.36
C THR A 1723 29.51 -13.54 -1.59
N PRO A 1724 30.12 -12.42 -1.93
CA PRO A 1724 29.90 -11.21 -1.15
C PRO A 1724 28.67 -10.47 -1.64
N PRO A 1725 27.71 -10.22 -0.78
CA PRO A 1725 26.49 -9.52 -1.19
C PRO A 1725 26.77 -8.04 -1.39
N VAL A 1726 26.80 -7.61 -2.65
CA VAL A 1726 27.06 -6.22 -2.97
C VAL A 1726 26.01 -5.71 -3.95
N SER A 1727 24.80 -6.25 -3.89
CA SER A 1727 23.80 -5.85 -4.86
C SER A 1727 23.24 -4.47 -4.56
N ASP A 1728 22.95 -4.19 -3.30
CA ASP A 1728 22.20 -3.00 -2.91
C ASP A 1728 22.94 -2.32 -1.76
N PHE A 1729 22.29 -1.33 -1.14
CA PHE A 1729 22.90 -0.68 0.01
C PHE A 1729 22.75 -1.52 1.28
N ALA A 1730 21.65 -2.25 1.43
CA ALA A 1730 21.48 -3.03 2.63
C ALA A 1730 22.51 -4.16 2.72
N ALA A 1731 22.91 -4.71 1.58
CA ALA A 1731 23.91 -5.77 1.59
C ALA A 1731 25.31 -5.25 1.90
N ILE A 1732 25.56 -3.97 1.68
CA ILE A 1732 26.83 -3.40 2.11
C ILE A 1732 26.78 -3.01 3.57
N ARG A 1733 25.63 -2.49 4.02
CA ARG A 1733 25.48 -2.17 5.44
C ARG A 1733 25.63 -3.42 6.29
N SER A 1734 25.15 -4.55 5.79
CA SER A 1734 25.29 -5.80 6.53
C SER A 1734 26.74 -6.24 6.65
N ILE A 1735 27.60 -5.81 5.72
CA ILE A 1735 29.02 -6.09 5.84
C ILE A 1735 29.68 -5.13 6.81
N ALA A 1736 29.36 -3.85 6.66
CA ALA A 1736 29.90 -2.84 7.56
C ALA A 1736 29.65 -3.21 9.01
N THR A 1737 28.45 -3.66 9.32
CA THR A 1737 28.13 -3.99 10.70
C THR A 1737 29.06 -5.07 11.24
N PHE A 1738 29.48 -6.01 10.39
CA PHE A 1738 30.56 -6.90 10.79
C PHE A 1738 31.85 -6.14 11.02
N MET A 1739 32.15 -5.18 10.16
CA MET A 1739 33.41 -4.45 10.32
C MET A 1739 33.37 -3.56 11.56
N GLY A 1740 32.25 -2.92 11.83
CA GLY A 1740 32.12 -1.97 12.92
C GLY A 1740 31.62 -0.61 12.47
N ILE A 1741 31.82 -0.27 11.19
CA ILE A 1741 31.37 1.02 10.68
C ILE A 1741 29.85 1.12 10.81
N HIS A 1742 29.34 2.34 10.71
CA HIS A 1742 27.90 2.58 10.75
C HIS A 1742 27.32 2.59 9.34
N LEU A 1743 27.79 3.50 8.49
CA LEU A 1743 27.48 3.50 7.06
C LEU A 1743 26.00 3.73 6.79
N GLY A 1744 25.33 4.47 7.65
CA GLY A 1744 23.99 4.93 7.35
C GLY A 1744 22.89 4.17 8.06
N VAL A 1745 21.72 4.80 8.09
CA VAL A 1745 20.58 4.27 8.81
C VAL A 1745 19.58 3.72 7.79
N GLU A 1746 18.55 3.05 8.29
CA GLU A 1746 17.60 2.35 7.44
C GLU A 1746 16.35 3.20 7.20
N ASP A 1747 16.16 3.59 5.95
CA ASP A 1747 14.94 4.25 5.50
C ASP A 1747 14.11 3.21 4.77
N ASP A 1748 12.83 3.53 4.56
CA ASP A 1748 11.96 2.58 3.88
C ASP A 1748 12.13 2.62 2.38
N GLY A 1749 12.33 3.81 1.82
CA GLY A 1749 12.29 3.96 0.38
C GLY A 1749 13.53 3.45 -0.33
N GLU A 1750 14.61 3.21 0.41
CA GLU A 1750 15.88 2.87 -0.22
C GLU A 1750 15.81 1.57 -1.01
N GLY A 1751 14.80 0.73 -0.77
CA GLY A 1751 14.68 -0.54 -1.46
C GLY A 1751 14.28 -0.39 -2.91
N ASP A 1752 13.71 -1.47 -3.44
CA ASP A 1752 13.20 -1.47 -4.81
C ASP A 1752 11.68 -1.44 -4.82
N ASP A 1762 5.67 -0.82 14.66
CA ASP A 1762 4.93 -0.79 15.91
C ASP A 1762 5.84 -0.36 17.05
N GLN A 1763 7.01 -0.99 17.12
CA GLN A 1763 7.95 -0.70 18.19
C GLN A 1763 8.43 0.73 18.14
N THR A 1764 9.20 1.07 17.10
CA THR A 1764 9.76 2.40 16.93
C THR A 1764 8.90 3.26 16.01
N GLN A 1765 7.67 2.85 15.74
CA GLN A 1765 6.87 3.50 14.70
C GLN A 1765 6.73 4.99 14.94
N ALA A 1766 6.88 5.44 16.19
CA ALA A 1766 6.74 6.86 16.49
C ALA A 1766 7.61 7.74 15.62
N GLU A 1767 8.69 7.19 15.07
CA GLU A 1767 9.51 7.91 14.11
C GLU A 1767 9.22 7.49 12.67
N LYS A 1768 8.50 6.40 12.46
CA LYS A 1768 7.98 6.06 11.14
C LYS A 1768 6.50 6.39 11.14
N PHE A 1769 6.21 7.66 10.92
CA PHE A 1769 4.84 8.14 10.82
C PHE A 1769 4.85 9.36 9.90
N HIS A 1770 3.86 9.43 9.01
CA HIS A 1770 3.92 10.43 7.95
C HIS A 1770 3.91 11.86 8.47
N ALA A 1771 3.78 12.06 9.79
CA ALA A 1771 3.90 13.40 10.34
C ALA A 1771 5.24 13.60 11.03
N PHE A 1772 5.91 12.52 11.43
CA PHE A 1772 7.22 12.61 12.08
C PHE A 1772 8.34 11.99 11.27
N ARG A 1773 8.08 11.59 10.03
CA ARG A 1773 9.07 10.93 9.20
C ARG A 1773 9.82 11.95 8.33
N GLU A 1774 10.98 11.54 7.84
CA GLU A 1774 11.74 12.37 6.92
C GLU A 1774 11.28 12.16 5.48
N VAL A 1775 11.69 13.08 4.62
CA VAL A 1775 11.29 13.08 3.22
C VAL A 1775 12.51 12.99 2.31
N HIS A 1776 13.52 12.24 2.75
CA HIS A 1776 14.81 12.18 2.08
C HIS A 1776 14.67 11.97 0.59
N SER A 1777 15.32 12.83 -0.17
CA SER A 1777 15.13 12.92 -1.61
C SER A 1777 15.93 11.83 -2.30
N ARG A 1778 16.10 11.95 -3.62
CA ARG A 1778 16.88 10.98 -4.37
C ARG A 1778 18.38 11.22 -4.22
N ALA A 1779 18.81 12.48 -4.24
CA ALA A 1779 20.22 12.78 -4.10
C ALA A 1779 20.77 12.24 -2.80
N TRP A 1780 19.95 12.18 -1.76
CA TRP A 1780 20.37 11.52 -0.52
C TRP A 1780 20.74 10.08 -0.79
N HIS A 1781 19.93 9.37 -1.56
CA HIS A 1781 20.22 7.97 -1.82
C HIS A 1781 21.46 7.82 -2.69
N ASN A 1782 21.67 8.75 -3.62
CA ASN A 1782 22.88 8.68 -4.43
C ASN A 1782 24.13 8.93 -3.59
N ARG A 1783 24.05 9.83 -2.62
CA ARG A 1783 25.20 10.04 -1.74
C ARG A 1783 25.44 8.81 -0.88
N ARG A 1784 24.38 8.16 -0.40
CA ARG A 1784 24.59 6.93 0.35
C ARG A 1784 25.26 5.87 -0.52
N ASP A 1785 24.89 5.79 -1.80
CA ASP A 1785 25.57 4.85 -2.69
C ASP A 1785 27.04 5.17 -2.83
N GLU A 1786 27.37 6.45 -3.06
CA GLU A 1786 28.78 6.83 -3.15
C GLU A 1786 29.53 6.45 -1.88
N LEU A 1787 28.87 6.56 -0.73
CA LEU A 1787 29.54 6.23 0.52
C LEU A 1787 29.80 4.73 0.63
N ALA A 1788 28.83 3.92 0.22
CA ALA A 1788 29.06 2.48 0.21
C ALA A 1788 30.21 2.13 -0.73
N GLN A 1789 30.29 2.80 -1.87
CA GLN A 1789 31.37 2.53 -2.80
C GLN A 1789 32.71 2.91 -2.22
N GLU A 1790 32.77 4.01 -1.46
CA GLU A 1790 34.03 4.38 -0.83
C GLU A 1790 34.46 3.35 0.21
N PHE A 1791 33.50 2.89 1.02
CA PHE A 1791 33.85 1.84 1.98
C PHE A 1791 34.37 0.60 1.28
N LEU A 1792 33.73 0.22 0.17
CA LEU A 1792 34.19 -0.96 -0.56
C LEU A 1792 35.58 -0.75 -1.12
N ASN A 1793 35.88 0.45 -1.60
CA ASN A 1793 37.23 0.72 -2.08
C ASN A 1793 38.24 0.59 -0.96
N VAL A 1794 37.86 0.97 0.25
CA VAL A 1794 38.83 0.99 1.33
C VAL A 1794 39.07 -0.41 1.90
N PHE A 1795 38.01 -1.20 2.08
CA PHE A 1795 38.08 -2.36 2.96
C PHE A 1795 37.79 -3.71 2.30
N VAL A 1796 37.64 -3.77 0.99
CA VAL A 1796 37.22 -5.00 0.34
C VAL A 1796 38.09 -5.25 -0.88
N ARG A 1797 38.55 -6.48 -1.04
CA ARG A 1797 39.42 -6.82 -2.17
C ARG A 1797 38.99 -8.15 -2.75
N GLN A 1798 38.57 -8.14 -4.01
CA GLN A 1798 38.27 -9.33 -4.77
C GLN A 1798 39.23 -9.42 -5.94
N ASN A 1799 39.75 -10.61 -6.21
CA ASN A 1799 40.70 -10.76 -7.30
C ASN A 1799 40.64 -12.17 -7.88
N ILE A 1800 41.00 -12.26 -9.15
CA ILE A 1800 40.87 -13.49 -9.93
C ILE A 1800 42.09 -14.38 -9.70
N ALA A 1801 41.86 -15.68 -9.59
CA ALA A 1801 42.93 -16.65 -9.43
C ALA A 1801 43.43 -17.13 -10.78
N GLU A 1802 44.75 -17.23 -10.92
CA GLU A 1802 45.39 -17.62 -12.18
C GLU A 1802 46.20 -18.89 -12.02
N ILE A 1803 45.61 -19.92 -11.41
CA ILE A 1803 46.34 -21.16 -11.19
C ILE A 1803 46.49 -21.95 -12.49
N GLU A 1804 45.38 -22.44 -13.04
CA GLU A 1804 45.35 -23.29 -14.22
C GLU A 1804 43.89 -23.61 -14.49
N ASP A 1805 43.61 -24.05 -15.72
CA ASP A 1805 42.23 -24.26 -16.14
C ASP A 1805 41.83 -25.73 -15.99
N ILE A 1806 40.55 -25.94 -15.72
CA ILE A 1806 39.99 -27.27 -15.52
C ILE A 1806 39.08 -27.58 -16.70
N PRO A 1807 39.16 -28.78 -17.29
CA PRO A 1807 38.50 -29.03 -18.58
C PRO A 1807 37.01 -28.70 -18.63
N THR A 1808 36.20 -29.18 -17.68
CA THR A 1808 34.79 -28.83 -17.56
C THR A 1808 33.99 -29.20 -18.81
N VAL A 1809 33.85 -30.50 -19.03
CA VAL A 1809 32.85 -30.97 -19.97
C VAL A 1809 31.46 -30.85 -19.35
N GLU A 1810 30.48 -30.47 -20.15
CA GLU A 1810 29.10 -30.36 -19.66
C GLU A 1810 28.18 -31.28 -20.45
N HIS A 1811 27.21 -31.86 -19.76
CA HIS A 1811 26.15 -32.63 -20.40
C HIS A 1811 24.80 -32.00 -20.06
N ILE A 1812 23.74 -32.64 -20.52
CA ILE A 1812 22.38 -32.22 -20.20
C ILE A 1812 21.44 -33.38 -20.47
N HIS A 1813 20.55 -33.66 -19.51
CA HIS A 1813 19.58 -34.74 -19.64
C HIS A 1813 18.19 -34.13 -19.62
N THR A 1814 17.56 -34.05 -20.78
CA THR A 1814 16.20 -33.53 -20.90
C THR A 1814 15.31 -34.65 -21.41
N PHE A 1815 14.12 -34.77 -20.83
CA PHE A 1815 13.18 -35.82 -21.18
C PHE A 1815 11.75 -35.29 -21.07
N LYS A 1816 10.81 -36.09 -21.54
CA LYS A 1816 9.41 -35.75 -21.48
C LYS A 1816 8.76 -36.45 -20.30
N LEU A 1817 7.70 -35.85 -19.78
CA LEU A 1817 6.97 -36.46 -18.68
C LEU A 1817 5.92 -37.42 -19.23
N PRO A 1818 5.51 -38.39 -18.43
CA PRO A 1818 4.49 -39.34 -18.91
C PRO A 1818 3.14 -38.69 -19.12
N ALA A 1819 2.14 -39.48 -19.51
CA ALA A 1819 0.83 -38.91 -19.79
C ALA A 1819 0.08 -38.61 -18.49
N SER A 1820 0.12 -39.53 -17.54
CA SER A 1820 -0.59 -39.31 -16.28
C SER A 1820 -0.03 -38.11 -15.52
N GLU A 1821 1.27 -38.15 -15.22
CA GLU A 1821 1.88 -37.03 -14.51
C GLU A 1821 1.83 -35.77 -15.34
N GLY A 1822 1.93 -35.91 -16.66
CA GLY A 1822 1.74 -34.75 -17.52
C GLY A 1822 0.39 -34.09 -17.28
N ALA A 1823 -0.67 -34.90 -17.20
CA ALA A 1823 -2.00 -34.34 -17.00
C ALA A 1823 -2.11 -33.68 -15.63
N VAL A 1824 -1.61 -34.35 -14.60
CA VAL A 1824 -1.66 -33.79 -13.25
C VAL A 1824 -0.98 -32.42 -13.23
N TYR A 1825 0.26 -32.37 -13.72
CA TYR A 1825 1.02 -31.13 -13.69
C TYR A 1825 0.36 -30.06 -14.54
N LEU A 1826 -0.28 -30.46 -15.65
CA LEU A 1826 -0.94 -29.47 -16.48
C LEU A 1826 -2.14 -28.88 -15.77
N GLU A 1827 -2.88 -29.70 -15.02
CA GLU A 1827 -3.99 -29.17 -14.24
C GLU A 1827 -3.49 -28.16 -13.21
N LEU A 1828 -2.43 -28.51 -12.49
CA LEU A 1828 -1.89 -27.58 -11.49
C LEU A 1828 -1.40 -26.29 -12.14
N GLU A 1829 -0.68 -26.42 -13.25
CA GLU A 1829 -0.15 -25.23 -13.91
C GLU A 1829 -1.26 -24.34 -14.41
N HIS A 1830 -2.30 -24.90 -14.99
CA HIS A 1830 -3.40 -24.06 -15.46
C HIS A 1830 -4.11 -23.39 -14.30
N HIS A 1831 -4.25 -24.10 -13.18
CA HIS A 1831 -4.81 -23.49 -11.97
C HIS A 1831 -4.03 -22.23 -11.60
N LEU A 1832 -2.72 -22.36 -11.43
CA LEU A 1832 -1.93 -21.20 -11.03
C LEU A 1832 -1.90 -20.12 -12.12
N GLN A 1833 -2.00 -20.52 -13.39
CA GLN A 1833 -2.04 -19.54 -14.46
C GLN A 1833 -3.29 -18.67 -14.34
N ALA A 1834 -4.43 -19.30 -14.10
CA ALA A 1834 -5.67 -18.53 -13.97
C ALA A 1834 -5.73 -17.78 -12.65
N LEU A 1835 -4.92 -18.16 -11.66
CA LEU A 1835 -4.83 -17.39 -10.42
C LEU A 1835 -3.74 -16.33 -10.43
N GLU A 1836 -3.09 -16.13 -11.57
CA GLU A 1836 -2.08 -15.07 -11.74
C GLU A 1836 -0.87 -15.29 -10.84
N MET A 1837 -0.35 -16.52 -10.86
CA MET A 1837 0.95 -16.86 -10.27
C MET A 1837 1.02 -16.55 -8.76
N GLN A 1838 -0.02 -16.95 -8.03
CA GLN A 1838 -0.06 -16.75 -6.59
C GLN A 1838 -0.59 -18.02 -5.93
N ALA A 1839 0.09 -18.49 -4.91
CA ALA A 1839 -0.31 -19.69 -4.20
C ALA A 1839 -1.58 -19.41 -3.40
N ARG A 1840 -2.65 -20.14 -3.70
CA ARG A 1840 -3.86 -20.15 -2.89
C ARG A 1840 -4.22 -21.60 -2.59
N LYS A 1841 -4.10 -21.99 -1.32
CA LYS A 1841 -4.62 -23.27 -0.88
C LYS A 1841 -6.12 -23.13 -0.63
N GLU A 1842 -6.85 -24.23 -0.80
CA GLU A 1842 -8.30 -24.20 -0.63
C GLU A 1842 -8.72 -24.78 0.70
N ASN A 1847 -17.54 -31.61 6.28
CA ASN A 1847 -18.68 -31.64 5.38
C ASN A 1847 -18.41 -32.57 4.21
N VAL A 1848 -18.54 -32.04 2.99
CA VAL A 1848 -18.44 -32.88 1.80
C VAL A 1848 -16.98 -33.20 1.49
N SER A 1849 -16.70 -34.45 1.19
CA SER A 1849 -15.34 -34.88 0.88
C SER A 1849 -14.83 -34.22 -0.40
N GLN A 1850 -13.54 -33.93 -0.42
CA GLN A 1850 -12.94 -33.31 -1.59
C GLN A 1850 -12.70 -34.35 -2.68
N GLY A 1851 -12.70 -33.88 -3.92
CA GLY A 1851 -12.54 -34.76 -5.05
C GLY A 1851 -11.11 -35.27 -5.20
N ASP A 1852 -10.76 -35.59 -6.44
CA ASP A 1852 -9.39 -35.94 -6.76
C ASP A 1852 -8.63 -34.78 -7.36
N ARG A 1853 -9.27 -33.96 -8.19
CA ARG A 1853 -8.60 -32.78 -8.72
C ARG A 1853 -8.19 -31.85 -7.59
N ASN A 1854 -9.06 -31.66 -6.61
CA ASN A 1854 -8.68 -30.86 -5.45
C ASN A 1854 -7.72 -31.60 -4.54
N ALA A 1855 -7.48 -32.88 -4.78
CA ALA A 1855 -6.58 -33.64 -3.94
C ALA A 1855 -5.15 -33.65 -4.47
N ARG A 1856 -5.00 -33.68 -5.80
CA ARG A 1856 -3.69 -33.42 -6.39
C ARG A 1856 -3.22 -32.01 -6.02
N LEU A 1857 -4.15 -31.07 -5.93
CA LEU A 1857 -3.89 -29.78 -5.34
C LEU A 1857 -4.06 -29.90 -3.83
N GLU A 1858 -3.76 -28.83 -3.11
CA GLU A 1858 -3.73 -28.78 -1.65
C GLU A 1858 -2.58 -29.64 -1.13
N GLU A 1859 -1.92 -30.39 -2.00
CA GLU A 1859 -0.71 -31.13 -1.69
C GLU A 1859 0.52 -30.50 -2.31
N ALA A 1860 0.40 -30.01 -3.54
CA ALA A 1860 1.48 -29.22 -4.11
C ALA A 1860 1.51 -27.82 -3.51
N LEU A 1861 0.36 -27.25 -3.22
CA LEU A 1861 0.28 -25.93 -2.62
C LEU A 1861 0.40 -25.96 -1.10
N SER A 1862 0.94 -27.04 -0.53
CA SER A 1862 0.96 -27.18 0.91
C SER A 1862 1.97 -26.25 1.55
N ASP A 1863 3.25 -26.44 1.24
CA ASP A 1863 4.30 -25.64 1.84
C ASP A 1863 4.92 -24.66 0.85
N SER A 1864 4.50 -24.70 -0.40
CA SER A 1864 5.01 -23.78 -1.40
C SER A 1864 4.67 -22.34 -1.01
N LYS A 1865 5.67 -21.47 -1.06
CA LYS A 1865 5.48 -20.06 -0.76
C LYS A 1865 5.48 -19.18 -2.00
N THR A 1866 5.75 -19.76 -3.18
CA THR A 1866 5.79 -19.01 -4.41
C THR A 1866 5.30 -19.88 -5.56
N ALA A 1867 4.56 -19.26 -6.48
CA ALA A 1867 3.98 -20.01 -7.57
C ALA A 1867 5.02 -20.81 -8.33
N GLU A 1868 6.08 -20.14 -8.80
CA GLU A 1868 7.12 -20.84 -9.55
C GLU A 1868 7.73 -21.96 -8.72
N GLU A 1869 7.67 -21.85 -7.40
CA GLU A 1869 8.28 -22.88 -6.57
C GLU A 1869 7.41 -24.12 -6.49
N ALA A 1870 6.09 -23.95 -6.47
CA ALA A 1870 5.21 -25.10 -6.51
C ALA A 1870 5.25 -25.82 -7.84
N LEU A 1871 5.87 -25.21 -8.86
CA LEU A 1871 6.05 -25.89 -10.13
C LEU A 1871 7.41 -26.55 -10.22
N LEU A 1872 8.47 -25.84 -9.81
CA LEU A 1872 9.77 -26.49 -9.69
C LEU A 1872 9.67 -27.75 -8.83
N LYS A 1873 8.89 -27.69 -7.76
CA LYS A 1873 8.84 -28.81 -6.83
C LYS A 1873 7.89 -29.91 -7.28
N ARG A 1874 6.96 -29.63 -8.19
CA ARG A 1874 6.01 -30.67 -8.58
C ARG A 1874 6.65 -31.65 -9.54
N CYS A 1875 7.34 -31.15 -10.57
CA CYS A 1875 7.90 -32.03 -11.57
C CYS A 1875 8.85 -33.05 -10.98
N CYS A 1876 9.44 -32.76 -9.82
CA CYS A 1876 10.37 -33.71 -9.21
C CYS A 1876 9.68 -35.01 -8.85
N HIS A 1877 8.74 -34.96 -7.92
CA HIS A 1877 8.11 -36.16 -7.39
C HIS A 1877 6.66 -36.25 -7.82
N PHE A 1878 6.23 -37.46 -8.18
CA PHE A 1878 4.82 -37.73 -8.48
C PHE A 1878 4.51 -39.13 -7.95
N THR A 1879 3.96 -39.19 -6.74
CA THR A 1879 3.61 -40.45 -6.12
C THR A 1879 2.12 -40.70 -6.31
N LEU A 1880 1.80 -41.87 -6.85
CA LEU A 1880 0.43 -42.28 -7.09
C LEU A 1880 -0.11 -43.01 -5.87
N ASP A 1881 -1.44 -43.08 -5.76
CA ASP A 1881 -2.10 -43.74 -4.64
C ASP A 1881 -1.66 -43.10 -3.33
N LEU A 1882 -2.00 -41.81 -3.20
CA LEU A 1882 -1.51 -41.01 -2.08
C LEU A 1882 -2.08 -41.49 -0.76
N SER A 1883 -3.18 -42.22 -0.79
CA SER A 1883 -3.83 -42.65 0.44
C SER A 1883 -3.11 -43.84 1.07
N ASP A 1884 -2.97 -44.92 0.32
CA ASP A 1884 -2.46 -46.17 0.89
C ASP A 1884 -0.95 -46.28 0.64
N LYS A 1885 -0.27 -46.93 1.59
CA LYS A 1885 1.17 -47.15 1.47
C LYS A 1885 1.50 -48.19 0.41
N THR A 1886 0.51 -48.94 -0.08
CA THR A 1886 0.78 -49.92 -1.12
C THR A 1886 1.35 -49.22 -2.34
N GLN A 1887 2.33 -49.85 -2.98
CA GLN A 1887 2.97 -49.25 -4.13
C GLN A 1887 3.74 -50.31 -4.89
N ASP A 1888 3.83 -50.11 -6.20
CA ASP A 1888 4.59 -50.96 -7.10
C ASP A 1888 4.67 -50.24 -8.43
N ALA A 1889 5.66 -50.61 -9.23
CA ALA A 1889 5.79 -50.00 -10.54
C ALA A 1889 4.56 -50.31 -11.38
N LYS A 1890 3.74 -49.29 -11.61
CA LYS A 1890 2.54 -49.41 -12.44
C LYS A 1890 2.81 -48.78 -13.79
N SER A 1891 2.44 -49.50 -14.85
CA SER A 1891 2.61 -48.98 -16.19
C SER A 1891 1.82 -47.69 -16.36
N ALA A 1892 2.20 -46.91 -17.37
CA ALA A 1892 1.54 -45.63 -17.60
C ALA A 1892 0.04 -45.81 -17.77
N GLN A 1893 -0.36 -46.78 -18.60
CA GLN A 1893 -1.77 -47.03 -18.82
C GLN A 1893 -2.47 -47.45 -17.53
N GLU A 1894 -1.80 -48.28 -16.73
CA GLU A 1894 -2.34 -48.63 -15.42
C GLU A 1894 -2.58 -47.38 -14.59
N ALA A 1895 -1.63 -46.45 -14.58
CA ALA A 1895 -1.77 -45.23 -13.79
C ALA A 1895 -2.98 -44.42 -14.25
N CYS A 1896 -3.09 -44.17 -15.55
CA CYS A 1896 -4.18 -43.33 -16.04
C CYS A 1896 -5.53 -43.99 -15.80
N ASP A 1897 -5.63 -45.30 -16.02
CA ASP A 1897 -6.92 -45.93 -15.79
C ASP A 1897 -7.25 -45.98 -14.30
N HIS A 1898 -6.24 -46.09 -13.44
CA HIS A 1898 -6.49 -45.98 -12.01
C HIS A 1898 -7.07 -44.62 -11.67
N ILE A 1899 -6.45 -43.56 -12.19
CA ILE A 1899 -6.95 -42.20 -11.96
C ILE A 1899 -8.42 -42.10 -12.34
N THR A 1900 -8.73 -42.49 -13.59
CA THR A 1900 -10.09 -42.32 -14.09
C THR A 1900 -11.09 -43.17 -13.30
N SER A 1901 -10.68 -44.37 -12.86
CA SER A 1901 -11.58 -45.21 -12.10
C SER A 1901 -11.84 -44.61 -10.72
N ALA A 1902 -10.83 -44.03 -10.09
CA ALA A 1902 -11.04 -43.36 -8.82
C ALA A 1902 -11.98 -42.18 -8.98
N ARG A 1903 -11.89 -41.47 -10.11
CA ARG A 1903 -12.77 -40.33 -10.30
C ARG A 1903 -14.21 -40.76 -10.58
N ALA A 1904 -14.39 -41.87 -11.30
CA ALA A 1904 -15.74 -42.41 -11.47
C ALA A 1904 -16.34 -42.81 -10.12
N ARG A 1905 -15.54 -43.47 -9.27
CA ARG A 1905 -16.01 -43.82 -7.94
C ARG A 1905 -16.41 -42.58 -7.15
N GLN A 1906 -15.59 -41.54 -7.21
CA GLN A 1906 -15.93 -40.27 -6.55
C GLN A 1906 -17.26 -39.73 -7.04
N LEU A 1907 -17.47 -39.74 -8.35
CA LEU A 1907 -18.70 -39.18 -8.90
C LEU A 1907 -19.92 -39.92 -8.37
N LEU A 1908 -19.90 -41.26 -8.45
CA LEU A 1908 -21.07 -41.99 -7.96
C LEU A 1908 -21.24 -41.83 -6.45
N ALA A 1909 -20.16 -41.63 -5.71
CA ALA A 1909 -20.29 -41.36 -4.28
C ALA A 1909 -21.03 -40.05 -4.04
N CYS A 1910 -20.64 -39.00 -4.74
CA CYS A 1910 -21.36 -37.73 -4.63
C CYS A 1910 -22.82 -37.91 -5.02
N GLN A 1911 -23.08 -38.74 -6.02
CA GLN A 1911 -24.44 -38.99 -6.47
C GLN A 1911 -25.29 -39.58 -5.35
N GLU A 1912 -24.82 -40.66 -4.75
CA GLU A 1912 -25.59 -41.30 -3.69
C GLU A 1912 -25.76 -40.37 -2.50
N ASP A 1913 -24.74 -39.56 -2.20
CA ASP A 1913 -24.87 -38.64 -1.07
C ASP A 1913 -25.94 -37.59 -1.35
N LEU A 1914 -25.96 -37.06 -2.57
CA LEU A 1914 -26.98 -36.10 -2.94
C LEU A 1914 -28.37 -36.70 -2.80
N SER A 1915 -28.57 -37.93 -3.30
CA SER A 1915 -29.89 -38.53 -3.21
C SER A 1915 -30.30 -38.79 -1.77
N ARG A 1916 -29.35 -39.21 -0.93
CA ARG A 1916 -29.62 -39.35 0.50
C ARG A 1916 -30.12 -38.04 1.09
N SER A 1917 -29.43 -36.95 0.79
CA SER A 1917 -29.83 -35.66 1.37
C SER A 1917 -31.20 -35.24 0.87
N VAL A 1918 -31.50 -35.52 -0.40
CA VAL A 1918 -32.82 -35.19 -0.92
C VAL A 1918 -33.90 -35.99 -0.21
N ASN A 1919 -33.64 -37.27 0.06
CA ASN A 1919 -34.61 -38.06 0.79
C ASN A 1919 -34.86 -37.48 2.17
N GLN A 1920 -33.80 -37.11 2.87
CA GLN A 1920 -33.98 -36.51 4.20
C GLN A 1920 -34.80 -35.23 4.11
N ALA A 1921 -34.50 -34.39 3.12
CA ALA A 1921 -35.22 -33.12 2.99
C ALA A 1921 -36.69 -33.36 2.66
N ILE A 1922 -36.99 -34.34 1.80
CA ILE A 1922 -38.37 -34.56 1.43
C ILE A 1922 -39.15 -35.13 2.60
N ALA A 1923 -38.47 -35.89 3.48
CA ALA A 1923 -39.11 -36.32 4.72
C ALA A 1923 -39.45 -35.12 5.59
N LEU A 1924 -38.50 -34.20 5.77
CA LEU A 1924 -38.78 -32.96 6.49
C LEU A 1924 -39.98 -32.24 5.91
N HIS A 1925 -40.05 -32.17 4.57
CA HIS A 1925 -41.11 -31.42 3.94
C HIS A 1925 -42.47 -32.07 4.16
N GLY A 1926 -42.55 -33.40 4.03
CA GLY A 1926 -43.79 -34.09 4.33
C GLY A 1926 -44.21 -33.89 5.77
N TRP A 1927 -43.25 -33.95 6.69
CA TRP A 1927 -43.51 -33.63 8.09
C TRP A 1927 -44.24 -32.30 8.22
N ILE A 1928 -43.61 -31.23 7.72
CA ILE A 1928 -44.20 -29.91 7.83
C ILE A 1928 -45.56 -29.86 7.14
N LYS A 1929 -45.69 -30.57 6.01
CA LYS A 1929 -46.93 -30.53 5.25
C LYS A 1929 -48.08 -31.09 6.04
N LYS A 1930 -47.95 -32.32 6.52
CA LYS A 1930 -49.02 -32.92 7.30
C LYS A 1930 -49.29 -32.12 8.57
N LYS A 1931 -48.25 -31.57 9.19
CA LYS A 1931 -48.45 -30.84 10.43
C LYS A 1931 -48.93 -29.41 10.23
N GLY A 1932 -49.46 -29.08 9.05
CA GLY A 1932 -50.07 -27.79 8.79
C GLY A 1932 -49.22 -26.58 9.12
N GLY A 1933 -48.10 -26.41 8.43
CA GLY A 1933 -47.20 -25.32 8.72
C GLY A 1933 -47.10 -24.29 7.62
N PHE A 1934 -47.21 -24.73 6.38
CA PHE A 1934 -47.22 -23.79 5.26
C PHE A 1934 -48.58 -23.17 5.04
N SER A 1935 -49.63 -23.79 5.61
CA SER A 1935 -51.01 -23.31 5.60
C SER A 1935 -51.58 -23.27 4.20
N LYS A 1936 -50.76 -23.58 3.20
CA LYS A 1936 -51.19 -23.62 1.80
C LYS A 1936 -51.84 -22.30 1.38
N ASN A 1937 -51.27 -21.19 1.84
CA ASN A 1937 -51.80 -19.87 1.54
C ASN A 1937 -50.82 -18.82 2.06
N ASP A 1938 -50.97 -17.60 1.58
CA ASP A 1938 -50.17 -16.46 2.04
C ASP A 1938 -48.68 -16.75 1.88
N ASP A 1939 -48.31 -17.10 0.65
CA ASP A 1939 -47.04 -17.77 0.39
C ASP A 1939 -45.85 -16.94 0.84
N GLU A 1940 -44.74 -17.64 1.12
CA GLU A 1940 -43.50 -17.04 1.58
C GLU A 1940 -42.29 -17.64 0.87
N ARG A 1941 -42.49 -18.26 -0.30
CA ARG A 1941 -41.43 -18.82 -1.11
C ARG A 1941 -40.62 -19.86 -0.32
N GLN A 1942 -41.31 -20.96 0.00
CA GLN A 1942 -40.67 -22.07 0.67
C GLN A 1942 -39.39 -22.46 -0.05
N PRO A 1943 -38.24 -22.55 0.63
CA PRO A 1943 -36.99 -22.76 -0.09
C PRO A 1943 -36.92 -24.09 -0.82
N PHE A 1944 -37.09 -25.20 -0.10
CA PHE A 1944 -36.97 -26.51 -0.72
C PHE A 1944 -37.98 -26.69 -1.84
N ALA A 1945 -39.23 -26.29 -1.60
CA ALA A 1945 -40.25 -26.46 -2.62
C ALA A 1945 -39.95 -25.63 -3.87
N GLU A 1946 -39.12 -24.59 -3.73
CA GLU A 1946 -38.75 -23.81 -4.91
C GLU A 1946 -37.54 -24.40 -5.61
N TRP A 1947 -36.55 -24.85 -4.83
CA TRP A 1947 -35.39 -25.48 -5.41
C TRP A 1947 -35.76 -26.71 -6.21
N ILE A 1948 -36.89 -27.35 -5.89
CA ILE A 1948 -37.32 -28.51 -6.65
C ILE A 1948 -38.01 -28.10 -7.95
N ALA A 1949 -38.52 -26.87 -8.01
CA ALA A 1949 -39.04 -26.36 -9.28
C ALA A 1949 -37.90 -25.88 -10.18
N PHE A 1950 -36.92 -25.21 -9.59
CA PHE A 1950 -35.74 -24.80 -10.33
C PHE A 1950 -35.06 -26.02 -10.97
N SER A 1951 -34.68 -27.00 -10.15
CA SER A 1951 -33.86 -28.10 -10.61
C SER A 1951 -34.53 -28.89 -11.72
N SER A 1952 -35.85 -28.97 -11.72
CA SER A 1952 -36.55 -29.76 -12.73
C SER A 1952 -36.26 -29.24 -14.13
N ASN A 1953 -36.31 -27.93 -14.32
CA ASN A 1953 -36.19 -27.34 -15.65
C ASN A 1953 -34.74 -27.38 -16.08
N ILE A 1954 -34.42 -28.20 -17.08
CA ILE A 1954 -33.04 -28.43 -17.47
C ILE A 1954 -32.42 -27.18 -18.06
N SER A 1955 -33.21 -26.38 -18.78
CA SER A 1955 -32.64 -25.22 -19.48
C SER A 1955 -32.27 -24.12 -18.51
N LYS A 1956 -32.84 -24.12 -17.31
CA LYS A 1956 -32.52 -23.09 -16.33
C LYS A 1956 -31.20 -23.34 -15.62
N HIS A 1957 -30.71 -24.57 -15.63
CA HIS A 1957 -29.54 -24.92 -14.83
C HIS A 1957 -28.27 -24.36 -15.45
N GLN A 1958 -27.67 -23.40 -14.76
CA GLN A 1958 -26.34 -22.91 -15.10
C GLN A 1958 -25.32 -24.00 -14.86
N GLY A 1959 -24.18 -23.89 -15.54
CA GLY A 1959 -23.17 -24.92 -15.47
C GLY A 1959 -23.37 -25.99 -16.53
N ASP A 1960 -22.58 -27.06 -16.39
CA ASP A 1960 -22.62 -28.13 -17.37
C ASP A 1960 -24.01 -28.75 -17.46
N ILE A 1961 -24.31 -29.34 -18.61
CA ILE A 1961 -25.64 -29.87 -18.85
C ILE A 1961 -25.75 -31.36 -18.50
N GLU A 1962 -24.70 -32.14 -18.75
CA GLU A 1962 -24.77 -33.56 -18.42
C GLU A 1962 -24.93 -33.77 -16.92
N ALA A 1963 -24.29 -32.92 -16.12
CA ALA A 1963 -24.50 -32.97 -14.67
C ALA A 1963 -25.94 -32.64 -14.33
N ALA A 1964 -26.56 -31.71 -15.06
CA ALA A 1964 -27.96 -31.40 -14.82
C ALA A 1964 -28.84 -32.58 -15.15
N ARG A 1965 -28.49 -33.33 -16.20
CA ARG A 1965 -29.26 -34.53 -16.54
C ARG A 1965 -29.11 -35.59 -15.47
N ILE A 1966 -27.89 -35.76 -14.94
CA ILE A 1966 -27.68 -36.67 -13.82
C ILE A 1966 -28.56 -36.26 -12.65
N LEU A 1967 -28.60 -34.97 -12.36
CA LEU A 1967 -29.41 -34.48 -11.25
C LEU A 1967 -30.88 -34.76 -11.48
N LEU A 1968 -31.37 -34.52 -12.70
CA LEU A 1968 -32.78 -34.75 -12.98
C LEU A 1968 -33.12 -36.22 -12.87
N LYS A 1969 -32.27 -37.10 -13.40
CA LYS A 1969 -32.52 -38.53 -13.29
C LYS A 1969 -32.59 -38.94 -11.82
N VAL A 1970 -31.63 -38.50 -11.01
CA VAL A 1970 -31.60 -38.91 -9.61
C VAL A 1970 -32.79 -38.34 -8.86
N ILE A 1971 -33.21 -37.11 -9.20
CA ILE A 1971 -34.31 -36.50 -8.47
C ILE A 1971 -35.64 -37.13 -8.85
N GLU A 1972 -35.81 -37.50 -10.12
CA GLU A 1972 -37.04 -38.16 -10.54
C GLU A 1972 -37.07 -39.61 -10.10
N LYS A 1973 -35.92 -40.20 -9.82
CA LYS A 1973 -35.86 -41.52 -9.19
C LYS A 1973 -36.15 -41.39 -7.70
N CYS A 1974 -37.28 -40.76 -7.40
CA CYS A 1974 -37.67 -40.43 -6.04
C CYS A 1974 -39.14 -40.02 -6.07
N GLY A 1975 -39.63 -39.49 -4.96
CA GLY A 1975 -41.04 -39.17 -4.85
C GLY A 1975 -41.48 -38.03 -5.76
N VAL A 1976 -40.54 -37.24 -6.25
CA VAL A 1976 -40.86 -36.10 -7.11
C VAL A 1976 -40.63 -36.50 -8.56
N LYS A 1977 -41.66 -36.29 -9.38
CA LYS A 1977 -41.57 -36.55 -10.82
C LYS A 1977 -42.48 -35.53 -11.50
N ASP A 1978 -41.86 -34.54 -12.14
CA ASP A 1978 -42.57 -33.42 -12.74
C ASP A 1978 -43.32 -32.61 -11.68
N GLY A 1979 -42.56 -32.16 -10.68
CA GLY A 1979 -43.10 -31.31 -9.62
C GLY A 1979 -44.14 -31.97 -8.74
N ASN A 1980 -43.78 -33.09 -8.12
CA ASN A 1980 -44.77 -33.86 -7.38
C ASN A 1980 -45.04 -33.28 -6.01
N ILE A 1981 -43.98 -32.99 -5.25
CA ILE A 1981 -44.10 -32.69 -3.82
C ILE A 1981 -44.74 -33.90 -3.15
N PRO A 1982 -44.02 -35.01 -3.01
CA PRO A 1982 -44.64 -36.26 -2.61
C PRO A 1982 -44.98 -36.26 -1.12
N PRO A 1983 -45.73 -37.26 -0.64
CA PRO A 1983 -46.07 -37.29 0.79
C PRO A 1983 -45.07 -38.06 1.63
N SER A 1984 -44.23 -38.87 0.99
CA SER A 1984 -43.32 -39.75 1.72
C SER A 1984 -42.01 -39.85 0.98
N PRO A 1985 -40.93 -40.20 1.66
CA PRO A 1985 -39.63 -40.37 1.00
C PRO A 1985 -39.55 -41.64 0.18
N SER A 1986 -38.40 -41.83 -0.45
CA SER A 1986 -38.15 -43.03 -1.23
C SER A 1986 -37.46 -44.11 -0.40
N ASP A 1987 -37.18 -43.81 0.87
CA ASP A 1987 -36.62 -44.80 1.78
C ASP A 1987 -37.51 -45.08 2.97
N LYS A 1988 -38.47 -44.19 3.25
CA LYS A 1988 -39.33 -44.26 4.44
C LYS A 1988 -38.50 -44.15 5.72
N GLN A 1989 -37.39 -43.44 5.65
CA GLN A 1989 -36.57 -43.18 6.83
C GLN A 1989 -37.16 -42.02 7.62
N SER A 1990 -36.93 -42.03 8.92
CA SER A 1990 -37.61 -41.11 9.81
C SER A 1990 -37.03 -39.71 9.68
N PRO A 1991 -37.88 -38.67 9.70
CA PRO A 1991 -37.36 -37.32 9.91
C PRO A 1991 -36.71 -37.21 11.27
N SER A 1992 -35.56 -36.56 11.32
CA SER A 1992 -34.70 -36.60 12.50
C SER A 1992 -34.89 -35.39 13.42
N ILE A 1993 -36.11 -34.87 13.53
CA ILE A 1993 -36.38 -33.78 14.46
C ILE A 1993 -36.11 -34.26 15.87
N ALA A 1994 -35.57 -33.36 16.70
CA ALA A 1994 -35.09 -33.74 18.02
C ALA A 1994 -36.21 -34.30 18.90
N SER A 1995 -37.18 -33.45 19.26
CA SER A 1995 -38.29 -33.90 20.09
C SER A 1995 -39.60 -33.22 19.68
N GLY A 1996 -39.68 -32.72 18.45
CA GLY A 1996 -40.80 -31.86 18.11
C GLY A 1996 -40.69 -30.52 18.80
N ALA A 1997 -39.53 -29.88 18.71
CA ALA A 1997 -39.27 -28.64 19.44
C ALA A 1997 -40.27 -27.56 19.06
N LYS A 1998 -40.24 -27.11 17.81
CA LYS A 1998 -41.14 -26.06 17.35
C LYS A 1998 -41.31 -26.17 15.85
N MET A 1999 -42.38 -25.56 15.34
CA MET A 1999 -42.61 -25.57 13.90
C MET A 1999 -41.56 -24.72 13.17
N ASP A 2000 -41.40 -23.47 13.59
CA ASP A 2000 -40.41 -22.60 12.95
C ASP A 2000 -39.01 -23.18 13.03
N ASP A 2001 -38.70 -23.90 14.11
CA ASP A 2001 -37.42 -24.59 14.18
C ASP A 2001 -37.27 -25.58 13.03
N VAL A 2002 -38.34 -26.32 12.73
CA VAL A 2002 -38.29 -27.25 11.60
C VAL A 2002 -38.13 -26.48 10.29
N LYS A 2003 -38.83 -25.35 10.15
CA LYS A 2003 -38.66 -24.54 8.95
C LYS A 2003 -37.21 -24.12 8.79
N TRP A 2004 -36.55 -23.77 9.90
CA TRP A 2004 -35.15 -23.37 9.85
C TRP A 2004 -34.26 -24.54 9.45
N GLN A 2005 -34.55 -25.72 9.97
CA GLN A 2005 -33.78 -26.90 9.60
C GLN A 2005 -33.93 -27.19 8.10
N LEU A 2006 -35.12 -26.97 7.56
CA LEU A 2006 -35.33 -27.12 6.12
C LEU A 2006 -34.56 -26.06 5.34
N ARG A 2007 -34.60 -24.81 5.82
CA ARG A 2007 -33.89 -23.73 5.16
C ARG A 2007 -32.40 -23.98 5.12
N GLU A 2008 -31.87 -24.73 6.08
CA GLU A 2008 -30.45 -25.07 6.04
C GLU A 2008 -30.18 -26.27 5.13
N GLN A 2009 -31.06 -27.27 5.19
CA GLN A 2009 -30.88 -28.44 4.35
C GLN A 2009 -30.86 -28.06 2.87
N THR A 2010 -31.68 -27.08 2.48
CA THR A 2010 -31.71 -26.74 1.06
C THR A 2010 -30.40 -26.13 0.59
N HIS A 2011 -29.76 -25.30 1.41
CA HIS A 2011 -28.47 -24.76 1.03
C HIS A 2011 -27.43 -25.86 0.95
N LEU A 2012 -27.53 -26.84 1.85
CA LEU A 2012 -26.65 -28.01 1.72
C LEU A 2012 -26.85 -28.70 0.36
N LEU A 2013 -28.11 -28.84 -0.05
CA LEU A 2013 -28.41 -29.43 -1.36
C LEU A 2013 -27.72 -28.64 -2.47
N ARG A 2014 -27.87 -27.32 -2.45
CA ARG A 2014 -27.34 -26.50 -3.54
C ARG A 2014 -25.82 -26.59 -3.62
N LYS A 2015 -25.16 -26.54 -2.46
CA LYS A 2015 -23.72 -26.76 -2.41
C LYS A 2015 -23.34 -28.09 -3.04
N LEU A 2016 -24.06 -29.15 -2.69
CA LEU A 2016 -23.74 -30.46 -3.25
C LEU A 2016 -23.92 -30.47 -4.75
N VAL A 2017 -24.89 -29.71 -5.27
CA VAL A 2017 -25.07 -29.65 -6.71
C VAL A 2017 -23.84 -29.05 -7.39
N LYS A 2018 -23.36 -27.93 -6.85
CA LYS A 2018 -22.14 -27.33 -7.41
C LYS A 2018 -20.99 -28.31 -7.39
N GLU A 2019 -20.82 -29.02 -6.28
CA GLU A 2019 -19.72 -29.98 -6.17
C GLU A 2019 -19.84 -31.09 -7.22
N LEU A 2020 -21.06 -31.59 -7.43
CA LEU A 2020 -21.28 -32.60 -8.47
C LEU A 2020 -20.89 -32.08 -9.85
N VAL A 2021 -21.22 -30.82 -10.14
CA VAL A 2021 -20.84 -30.25 -11.43
C VAL A 2021 -19.32 -30.29 -11.58
N ALA A 2022 -18.60 -29.85 -10.55
CA ALA A 2022 -17.15 -29.89 -10.63
C ALA A 2022 -16.65 -31.31 -10.85
N ARG A 2023 -17.26 -32.28 -10.18
CA ARG A 2023 -16.82 -33.67 -10.30
C ARG A 2023 -16.92 -34.16 -11.73
N VAL A 2024 -18.08 -33.95 -12.37
CA VAL A 2024 -18.20 -34.42 -13.74
C VAL A 2024 -17.21 -33.70 -14.63
N ARG A 2025 -16.98 -32.41 -14.38
CA ARG A 2025 -16.07 -31.65 -15.24
C ARG A 2025 -14.66 -32.21 -15.20
N SER A 2026 -14.21 -32.65 -14.02
CA SER A 2026 -12.85 -33.18 -13.94
C SER A 2026 -12.76 -34.60 -14.47
N LEU A 2027 -13.78 -35.41 -14.18
CA LEU A 2027 -13.80 -36.78 -14.69
C LEU A 2027 -13.70 -36.80 -16.20
N ARG A 2028 -14.44 -35.91 -16.88
CA ARG A 2028 -14.41 -35.93 -18.34
C ARG A 2028 -13.01 -35.72 -18.87
N PHE A 2029 -12.26 -34.78 -18.28
CA PHE A 2029 -10.92 -34.50 -18.77
C PHE A 2029 -9.97 -35.66 -18.55
N PHE A 2030 -10.01 -36.25 -17.35
CA PHE A 2030 -9.09 -37.38 -17.17
C PHE A 2030 -9.47 -38.55 -18.05
N GLU A 2031 -10.76 -38.74 -18.32
CA GLU A 2031 -11.13 -39.83 -19.20
C GLU A 2031 -10.64 -39.59 -20.62
N VAL A 2032 -10.78 -38.37 -21.13
CA VAL A 2032 -10.36 -38.12 -22.50
C VAL A 2032 -8.84 -38.22 -22.63
N VAL A 2033 -8.09 -37.82 -21.59
CA VAL A 2033 -6.65 -37.98 -21.71
C VAL A 2033 -6.27 -39.46 -21.63
N ARG A 2034 -6.98 -40.24 -20.81
CA ARG A 2034 -6.76 -41.68 -20.80
C ARG A 2034 -6.98 -42.26 -22.19
N LYS A 2035 -8.02 -41.79 -22.88
CA LYS A 2035 -8.31 -42.30 -24.21
C LYS A 2035 -7.24 -41.88 -25.21
N ILE A 2036 -6.80 -40.62 -25.15
CA ILE A 2036 -5.75 -40.16 -26.06
C ILE A 2036 -4.49 -40.99 -25.89
N GLN A 2037 -4.19 -41.41 -24.66
CA GLN A 2037 -3.05 -42.30 -24.48
C GLN A 2037 -3.37 -43.74 -24.85
N LYS A 2038 -4.64 -44.13 -24.80
CA LYS A 2038 -5.01 -45.54 -24.86
C LYS A 2038 -4.50 -46.22 -26.12
N GLY A 2039 -4.63 -45.56 -27.25
CA GLY A 2039 -4.22 -46.16 -28.51
C GLY A 2039 -4.80 -45.37 -29.66
N LYS A 2040 -4.35 -45.73 -30.86
CA LYS A 2040 -4.75 -44.98 -32.04
C LYS A 2040 -6.24 -45.16 -32.34
N SER A 2041 -6.73 -46.41 -32.27
CA SER A 2041 -8.14 -46.66 -32.54
C SER A 2041 -9.03 -45.90 -31.57
N ASP A 2042 -8.76 -46.03 -30.27
CA ASP A 2042 -9.55 -45.29 -29.29
C ASP A 2042 -9.33 -43.79 -29.42
N ALA A 2043 -8.15 -43.37 -29.89
CA ALA A 2043 -7.94 -41.94 -30.14
C ALA A 2043 -8.86 -41.43 -31.22
N GLN A 2044 -9.03 -42.20 -32.29
CA GLN A 2044 -10.03 -41.84 -33.31
C GLN A 2044 -11.43 -41.87 -32.71
N ILE A 2045 -11.69 -42.83 -31.83
CA ILE A 2045 -13.01 -42.94 -31.21
C ILE A 2045 -13.34 -41.67 -30.44
N VAL A 2046 -12.46 -41.28 -29.50
CA VAL A 2046 -12.70 -40.09 -28.71
C VAL A 2046 -12.62 -38.83 -29.55
N LEU A 2047 -11.92 -38.89 -30.69
CA LEU A 2047 -11.80 -37.71 -31.52
C LEU A 2047 -13.06 -37.54 -32.35
N GLU A 2048 -14.21 -37.60 -31.66
CA GLU A 2048 -15.45 -37.04 -32.15
C GLU A 2048 -15.56 -35.64 -31.56
N SER A 2049 -15.53 -34.64 -32.43
CA SER A 2049 -15.29 -33.28 -31.97
C SER A 2049 -16.46 -32.77 -31.13
N SER A 2050 -16.34 -31.51 -30.73
CA SER A 2050 -17.31 -30.86 -29.86
C SER A 2050 -18.48 -30.37 -30.68
N GLU A 2051 -18.71 -30.98 -31.84
CA GLU A 2051 -19.58 -30.43 -32.88
C GLU A 2051 -19.02 -29.08 -33.34
N CYS A 2052 -17.71 -28.88 -33.12
CA CYS A 2052 -17.03 -27.73 -33.71
C CYS A 2052 -17.23 -27.71 -35.22
N GLY A 2053 -17.35 -28.87 -35.85
CA GLY A 2053 -17.71 -28.97 -37.24
C GLY A 2053 -16.70 -29.68 -38.11
N HIS A 2054 -15.44 -29.78 -37.68
CA HIS A 2054 -14.42 -30.38 -38.53
C HIS A 2054 -13.42 -31.14 -37.68
N LYS A 2055 -12.90 -32.23 -38.25
CA LYS A 2055 -12.05 -33.17 -37.55
C LYS A 2055 -11.30 -33.98 -38.60
N PRO A 2056 -10.31 -34.78 -38.18
CA PRO A 2056 -9.52 -35.52 -39.20
C PRO A 2056 -10.33 -36.54 -39.98
N SER A 2057 -11.45 -37.02 -39.46
CA SER A 2057 -12.22 -37.99 -40.23
C SER A 2057 -12.91 -37.35 -41.42
N THR A 2058 -13.56 -36.21 -41.18
CA THR A 2058 -14.29 -35.51 -42.24
C THR A 2058 -13.40 -34.57 -43.04
N ASN A 2059 -12.65 -33.73 -42.36
CA ASN A 2059 -11.72 -32.79 -42.94
C ASN A 2059 -10.29 -33.33 -42.82
N PRO A 2060 -9.31 -32.72 -43.48
CA PRO A 2060 -7.94 -33.25 -43.42
C PRO A 2060 -7.35 -33.12 -42.03
N ASP A 2061 -6.10 -33.54 -41.92
CA ASP A 2061 -5.42 -33.55 -40.62
C ASP A 2061 -5.30 -32.14 -40.08
N ILE A 2062 -5.99 -31.87 -38.99
CA ILE A 2062 -5.98 -30.58 -38.32
C ILE A 2062 -5.69 -30.77 -36.84
N GLU A 2063 -4.67 -30.09 -36.35
CA GLU A 2063 -4.26 -30.23 -34.96
C GLU A 2063 -5.36 -29.60 -34.09
N MET A 2064 -6.17 -30.46 -33.46
CA MET A 2064 -7.31 -30.03 -32.68
C MET A 2064 -7.03 -30.25 -31.20
N ALA A 2065 -7.19 -29.21 -30.40
CA ALA A 2065 -6.69 -29.19 -29.04
C ALA A 2065 -7.81 -29.45 -28.04
N ILE A 2066 -7.48 -30.20 -26.99
CA ILE A 2066 -8.39 -30.48 -25.89
C ILE A 2066 -8.33 -29.34 -24.88
N LEU A 2067 -9.48 -28.97 -24.33
CA LEU A 2067 -9.56 -27.88 -23.37
C LEU A 2067 -9.68 -28.47 -21.97
N SER A 2068 -9.07 -27.81 -21.00
CA SER A 2068 -9.08 -28.29 -19.63
C SER A 2068 -10.09 -27.54 -18.78
N CYS A 2069 -10.62 -28.24 -17.78
CA CYS A 2069 -11.71 -27.84 -16.90
C CYS A 2069 -13.06 -27.86 -17.62
N CYS A 2070 -13.13 -28.36 -18.83
CA CYS A 2070 -14.42 -28.71 -19.41
C CYS A 2070 -14.38 -30.07 -20.10
N GLY A 2071 -13.22 -30.50 -20.59
CA GLY A 2071 -13.09 -31.79 -21.23
C GLY A 2071 -13.49 -31.83 -22.70
N HIS A 2072 -13.82 -30.69 -23.30
CA HIS A 2072 -14.28 -30.66 -24.68
C HIS A 2072 -13.10 -30.69 -25.63
N VAL A 2073 -13.28 -31.35 -26.77
CA VAL A 2073 -12.24 -31.46 -27.78
C VAL A 2073 -12.70 -30.71 -29.02
N ALA A 2074 -11.82 -29.84 -29.55
CA ALA A 2074 -12.17 -29.04 -30.71
C ALA A 2074 -10.92 -28.65 -31.45
N CYS A 2075 -11.11 -27.99 -32.60
CA CYS A 2075 -10.00 -27.60 -33.45
C CYS A 2075 -9.29 -26.38 -32.87
N HIS A 2076 -7.95 -26.40 -32.95
CA HIS A 2076 -7.15 -25.38 -32.27
C HIS A 2076 -7.52 -23.98 -32.72
N LYS A 2077 -7.86 -23.81 -33.99
CA LYS A 2077 -8.28 -22.50 -34.48
C LYS A 2077 -9.58 -22.07 -33.81
N CYS A 2078 -10.59 -22.94 -33.84
CA CYS A 2078 -11.83 -22.66 -33.12
C CYS A 2078 -11.57 -22.53 -31.63
N MET A 2079 -10.63 -23.32 -31.10
CA MET A 2079 -10.30 -23.25 -29.68
C MET A 2079 -9.81 -21.86 -29.29
N ARG A 2080 -8.81 -21.35 -30.01
CA ARG A 2080 -8.30 -20.01 -29.72
C ARG A 2080 -9.37 -18.96 -29.92
N LYS A 2081 -10.07 -19.02 -31.06
CA LYS A 2081 -11.09 -18.01 -31.33
C LYS A 2081 -12.16 -18.00 -30.26
N ALA A 2082 -12.48 -19.16 -29.67
CA ALA A 2082 -13.50 -19.19 -28.64
C ALA A 2082 -12.96 -18.72 -27.30
N ALA A 2083 -11.78 -19.22 -26.91
CA ALA A 2083 -11.22 -18.88 -25.61
C ALA A 2083 -10.90 -17.41 -25.48
N ALA A 2084 -10.46 -16.78 -26.58
CA ALA A 2084 -10.18 -15.36 -26.52
C ALA A 2084 -11.43 -14.56 -26.15
N SER A 2085 -12.59 -14.99 -26.60
CA SER A 2085 -13.85 -14.32 -26.30
C SER A 2085 -14.48 -14.79 -24.99
N GLN A 2086 -13.79 -15.65 -24.23
CA GLN A 2086 -14.21 -16.08 -22.91
C GLN A 2086 -15.53 -16.85 -22.96
N ARG A 2087 -15.57 -17.88 -23.79
CA ARG A 2087 -16.72 -18.77 -23.90
C ARG A 2087 -16.28 -20.06 -24.56
N CYS A 2088 -16.72 -21.18 -24.01
CA CYS A 2088 -16.25 -22.48 -24.45
C CYS A 2088 -16.67 -22.76 -25.89
N VAL A 2089 -16.21 -23.90 -26.41
CA VAL A 2089 -16.50 -24.24 -27.80
C VAL A 2089 -17.98 -24.57 -27.95
N LYS A 2090 -18.52 -25.40 -27.05
CA LYS A 2090 -19.96 -25.54 -26.97
C LYS A 2090 -20.57 -24.20 -26.63
N SER A 2091 -21.48 -23.73 -27.50
CA SER A 2091 -21.87 -22.33 -27.51
C SER A 2091 -22.47 -21.90 -26.17
N GLY A 2092 -23.62 -22.47 -25.81
CA GLY A 2092 -24.30 -22.03 -24.62
C GLY A 2092 -24.68 -23.18 -23.70
N GLU A 2093 -23.95 -24.29 -23.76
CA GLU A 2093 -24.26 -25.46 -22.96
C GLU A 2093 -23.13 -25.96 -22.09
N CYS A 2094 -21.89 -25.49 -22.30
CA CYS A 2094 -20.82 -25.87 -21.40
C CYS A 2094 -20.75 -24.93 -20.21
N GLN A 2095 -21.15 -23.67 -20.40
CA GLN A 2095 -21.38 -22.71 -19.30
C GLN A 2095 -20.16 -22.58 -18.38
N ALA A 2096 -18.97 -22.90 -18.88
CA ALA A 2096 -17.75 -22.86 -18.11
C ALA A 2096 -16.91 -21.65 -18.49
N ALA A 2097 -16.24 -21.08 -17.51
CA ALA A 2097 -15.40 -19.91 -17.74
C ALA A 2097 -14.05 -20.34 -18.31
N VAL A 2098 -13.73 -19.87 -19.51
CA VAL A 2098 -12.58 -20.34 -20.25
C VAL A 2098 -11.56 -19.22 -20.36
N ARG A 2099 -10.31 -19.53 -20.03
CA ARG A 2099 -9.16 -18.68 -20.22
C ARG A 2099 -8.40 -19.10 -21.47
N PRO A 2100 -7.69 -18.19 -22.13
CA PRO A 2100 -6.87 -18.60 -23.26
C PRO A 2100 -5.71 -19.47 -22.87
N THR A 2101 -5.44 -19.61 -21.57
CA THR A 2101 -4.25 -20.30 -21.12
C THR A 2101 -4.41 -21.81 -21.15
N ASN A 2102 -5.50 -22.32 -20.60
CA ASN A 2102 -5.69 -23.76 -20.47
C ASN A 2102 -6.27 -24.34 -21.77
N ILE A 2103 -5.39 -24.46 -22.76
CA ILE A 2103 -5.70 -25.05 -24.06
C ILE A 2103 -4.59 -26.04 -24.35
N VAL A 2104 -4.83 -27.31 -24.08
CA VAL A 2104 -3.82 -28.35 -24.24
C VAL A 2104 -3.91 -28.89 -25.66
N LYS A 2105 -2.83 -28.74 -26.42
CA LYS A 2105 -2.77 -29.33 -27.74
C LYS A 2105 -2.67 -30.85 -27.63
N VAL A 2106 -3.41 -31.56 -28.47
CA VAL A 2106 -3.29 -33.01 -28.48
C VAL A 2106 -1.89 -33.37 -28.97
N SER A 2107 -1.46 -34.59 -28.63
CA SER A 2107 -0.15 -35.10 -29.01
C SER A 2107 0.98 -34.20 -28.52
N SER A 2108 0.70 -33.35 -27.53
CA SER A 2108 1.76 -32.61 -26.87
C SER A 2108 2.20 -33.31 -25.60
N LEU A 2109 1.49 -34.35 -25.20
CA LEU A 2109 1.90 -35.24 -24.12
C LEU A 2109 2.19 -36.62 -24.69
N GLY A 2110 3.14 -37.30 -24.07
CA GLY A 2110 3.79 -38.45 -24.69
C GLY A 2110 3.26 -39.81 -24.26
N VAL A 2111 3.36 -40.76 -25.19
CA VAL A 2111 3.13 -42.17 -24.95
C VAL A 2111 4.25 -42.95 -25.61
N GLU A 2112 5.01 -42.27 -26.46
CA GLU A 2112 5.86 -42.94 -27.43
C GLU A 2112 6.92 -43.80 -26.76
N GLY A 2113 7.84 -43.18 -26.03
CA GLY A 2113 9.01 -43.88 -25.54
C GLY A 2113 8.77 -44.84 -24.40
N GLU A 2114 7.54 -45.35 -24.29
CA GLU A 2114 7.10 -46.26 -23.24
C GLU A 2114 7.69 -45.87 -21.89
N LEU A 2115 7.60 -44.58 -21.56
CA LEU A 2115 8.21 -44.05 -20.35
C LEU A 2115 7.41 -44.41 -19.11
N SER A 2116 7.19 -45.70 -18.91
CA SER A 2116 6.45 -46.30 -17.81
C SER A 2116 7.13 -46.18 -16.48
N SER A 2117 8.22 -45.44 -16.38
CA SER A 2117 9.03 -45.44 -15.17
C SER A 2117 8.52 -44.38 -14.17
N GLY A 2118 7.23 -44.47 -13.89
CA GLY A 2118 6.59 -43.56 -12.97
C GLY A 2118 6.69 -43.94 -11.51
N ARG A 2119 7.62 -44.82 -11.15
CA ARG A 2119 7.84 -45.12 -9.75
C ARG A 2119 8.59 -43.97 -9.09
N TYR A 2120 8.09 -43.50 -7.94
CA TYR A 2120 8.72 -42.40 -7.22
C TYR A 2120 8.97 -41.20 -8.13
N GLY A 2121 8.00 -40.86 -8.95
CA GLY A 2121 8.20 -39.73 -9.84
C GLY A 2121 9.03 -40.10 -11.05
N ALA A 2122 8.77 -39.39 -12.15
CA ALA A 2122 9.48 -39.66 -13.40
C ALA A 2122 10.75 -38.85 -13.55
N LYS A 2123 11.03 -37.94 -12.62
CA LYS A 2123 12.34 -37.29 -12.57
C LYS A 2123 13.34 -38.14 -11.81
N LEU A 2124 13.05 -38.41 -10.54
CA LEU A 2124 13.97 -39.16 -9.70
C LEU A 2124 14.25 -40.55 -10.24
N GLU A 2125 13.41 -41.07 -11.13
CA GLU A 2125 13.71 -42.37 -11.71
C GLU A 2125 14.77 -42.24 -12.78
N HIS A 2126 14.72 -41.15 -13.55
CA HIS A 2126 15.73 -40.93 -14.57
C HIS A 2126 17.07 -40.56 -13.96
N LEU A 2127 17.08 -40.20 -12.66
CA LEU A 2127 18.34 -39.90 -11.98
C LEU A 2127 19.10 -41.17 -11.65
N VAL A 2128 18.40 -42.22 -11.22
CA VAL A 2128 19.10 -43.39 -10.68
C VAL A 2128 19.85 -44.13 -11.77
N ASN A 2129 19.20 -44.33 -12.92
CA ASN A 2129 19.88 -44.99 -14.03
C ASN A 2129 21.16 -44.25 -14.41
N LEU A 2130 21.09 -42.92 -14.43
CA LEU A 2130 22.30 -42.12 -14.66
C LEU A 2130 23.40 -42.51 -13.69
N ILE A 2131 23.09 -42.48 -12.39
CA ILE A 2131 24.10 -42.75 -11.38
C ILE A 2131 24.69 -44.14 -11.57
N HIS A 2132 23.87 -45.11 -11.98
CA HIS A 2132 24.43 -46.43 -12.29
C HIS A 2132 25.36 -46.37 -13.49
N SER A 2133 25.01 -45.54 -14.48
CA SER A 2133 25.83 -45.43 -15.67
C SER A 2133 27.21 -44.84 -15.37
N ILE A 2134 27.33 -44.07 -14.31
CA ILE A 2134 28.64 -43.54 -13.90
C ILE A 2134 29.53 -44.70 -13.48
N PRO A 2135 30.81 -44.69 -13.82
CA PRO A 2135 31.70 -45.78 -13.40
C PRO A 2135 31.73 -45.93 -11.89
N LYS A 2136 32.34 -47.03 -11.44
CA LYS A 2136 32.37 -47.36 -10.03
C LYS A 2136 33.43 -46.59 -9.26
N ASN A 2137 34.43 -46.05 -9.94
CA ASN A 2137 35.46 -45.29 -9.24
C ASN A 2137 34.97 -43.90 -8.87
N GLU A 2138 34.51 -43.14 -9.86
CA GLU A 2138 34.18 -41.74 -9.66
C GLU A 2138 33.11 -41.60 -8.58
N ARG A 2139 33.20 -40.50 -7.83
CA ARG A 2139 32.19 -40.15 -6.85
C ARG A 2139 31.26 -39.09 -7.43
N VAL A 2140 30.06 -39.00 -6.88
CA VAL A 2140 29.02 -38.14 -7.39
C VAL A 2140 28.49 -37.29 -6.24
N LEU A 2141 28.11 -36.05 -6.53
CA LEU A 2141 27.51 -35.22 -5.50
C LEU A 2141 26.33 -34.44 -6.07
N VAL A 2142 25.12 -34.83 -5.65
CA VAL A 2142 23.86 -34.28 -6.14
C VAL A 2142 23.57 -32.97 -5.45
N PHE A 2143 22.95 -32.04 -6.17
CA PHE A 2143 22.69 -30.70 -5.67
C PHE A 2143 21.19 -30.41 -5.77
N LEU A 2144 20.42 -30.79 -4.76
CA LEU A 2144 19.02 -30.43 -4.67
C LEU A 2144 18.90 -29.09 -3.94
N GLN A 2145 17.79 -28.39 -4.20
CA GLN A 2145 17.60 -27.07 -3.62
C GLN A 2145 16.57 -27.04 -2.51
N TRP A 2146 15.41 -27.63 -2.71
CA TRP A 2146 14.32 -27.59 -1.74
C TRP A 2146 14.57 -28.67 -0.69
N GLU A 2147 14.70 -28.26 0.57
CA GLU A 2147 14.97 -29.24 1.61
C GLU A 2147 13.84 -30.25 1.72
N ASP A 2148 12.60 -29.84 1.49
CA ASP A 2148 11.46 -30.73 1.63
C ASP A 2148 11.50 -31.92 0.67
N LEU A 2149 12.51 -32.00 -0.18
CA LEU A 2149 12.66 -33.13 -1.08
C LEU A 2149 13.82 -34.02 -0.69
N ALA A 2150 14.54 -33.70 0.38
CA ALA A 2150 15.63 -34.57 0.80
C ALA A 2150 15.11 -35.93 1.22
N GLY A 2151 13.94 -35.97 1.84
CA GLY A 2151 13.33 -37.24 2.19
C GLY A 2151 13.03 -38.08 0.96
N LYS A 2152 12.40 -37.48 -0.04
CA LYS A 2152 12.05 -38.25 -1.23
C LYS A 2152 13.27 -38.67 -2.01
N VAL A 2153 14.29 -37.82 -2.10
CA VAL A 2153 15.48 -38.20 -2.84
C VAL A 2153 16.23 -39.30 -2.11
N SER A 2154 16.30 -39.23 -0.79
CA SER A 2154 16.97 -40.30 -0.05
C SER A 2154 16.10 -41.55 0.11
N GLU A 2155 14.83 -41.48 -0.25
CA GLU A 2155 14.02 -42.68 -0.38
C GLU A 2155 14.10 -43.27 -1.77
N ALA A 2156 14.46 -42.46 -2.76
CA ALA A 2156 14.67 -42.98 -4.10
C ALA A 2156 16.04 -43.62 -4.23
N LEU A 2157 17.10 -42.89 -3.86
CA LEU A 2157 18.44 -43.45 -3.94
C LEU A 2157 18.55 -44.73 -3.12
N SER A 2158 18.20 -44.58 -1.83
CA SER A 2158 18.09 -45.74 -0.90
C SER A 2158 16.96 -46.62 -1.45
N ALA A 2159 17.11 -47.94 -1.33
CA ALA A 2159 16.18 -48.87 -1.95
C ALA A 2159 16.19 -48.78 -3.47
N GLY A 2160 17.15 -48.07 -4.04
CA GLY A 2160 17.41 -48.08 -5.47
C GLY A 2160 18.82 -48.55 -5.72
N ARG A 2161 19.36 -49.33 -4.78
CA ARG A 2161 20.66 -49.99 -4.79
C ARG A 2161 21.81 -49.03 -4.50
N ILE A 2162 21.60 -47.72 -4.47
CA ILE A 2162 22.67 -46.75 -4.27
C ILE A 2162 22.69 -46.35 -2.80
N PRO A 2163 23.82 -46.46 -2.11
CA PRO A 2163 23.96 -45.84 -0.80
C PRO A 2163 24.63 -44.48 -0.89
N HIS A 2164 24.28 -43.61 0.06
CA HIS A 2164 24.80 -42.25 0.04
C HIS A 2164 25.08 -41.79 1.46
N VAL A 2165 25.51 -40.53 1.57
CA VAL A 2165 25.72 -39.88 2.86
C VAL A 2165 25.17 -38.47 2.77
N THR A 2166 24.20 -38.16 3.61
CA THR A 2166 23.71 -36.81 3.76
C THR A 2166 24.57 -36.05 4.76
N LEU A 2167 24.70 -34.74 4.54
CA LEU A 2167 25.52 -33.92 5.41
C LEU A 2167 24.75 -33.39 6.61
N SER A 2168 23.73 -34.11 7.07
CA SER A 2168 22.95 -33.67 8.23
C SER A 2168 23.48 -34.31 9.49
N GLY A 2169 23.04 -33.77 10.62
CA GLY A 2169 23.45 -34.26 11.92
C GLY A 2169 23.70 -33.10 12.85
N SER A 2170 24.76 -33.23 13.65
CA SER A 2170 25.18 -32.19 14.57
C SER A 2170 26.55 -31.67 14.16
N ALA A 2171 27.03 -30.66 14.90
CA ALA A 2171 28.30 -30.03 14.56
C ALA A 2171 29.47 -30.99 14.64
N LYS A 2172 29.31 -32.12 15.32
CA LYS A 2172 30.38 -33.09 15.44
C LYS A 2172 30.36 -34.12 14.32
N SER A 2173 29.17 -34.55 13.90
CA SER A 2173 29.07 -35.62 12.93
C SER A 2173 29.32 -35.15 11.50
N ARG A 2174 28.86 -33.96 11.16
CA ARG A 2174 29.05 -33.46 9.80
C ARG A 2174 30.52 -33.41 9.43
N ALA A 2175 31.36 -32.96 10.36
CA ALA A 2175 32.80 -32.93 10.10
C ALA A 2175 33.34 -34.32 9.81
N ASN A 2176 32.87 -35.33 10.53
CA ASN A 2176 33.40 -36.67 10.35
C ASN A 2176 32.96 -37.27 9.01
N THR A 2177 31.68 -37.14 8.68
CA THR A 2177 31.23 -37.69 7.39
C THR A 2177 31.91 -36.96 6.23
N LEU A 2178 32.03 -35.64 6.32
CA LEU A 2178 32.73 -34.92 5.27
C LEU A 2178 34.19 -35.37 5.18
N ASP A 2179 34.82 -35.63 6.33
CA ASP A 2179 36.21 -36.05 6.31
C ASP A 2179 36.37 -37.40 5.64
N ARG A 2180 35.50 -38.35 5.98
CA ARG A 2180 35.61 -39.66 5.33
C ARG A 2180 35.26 -39.58 3.85
N PHE A 2181 34.43 -38.62 3.44
CA PHE A 2181 34.17 -38.49 2.01
C PHE A 2181 35.33 -37.81 1.29
N GLN A 2182 36.06 -36.93 1.96
CA GLN A 2182 37.28 -36.38 1.37
C GLN A 2182 38.44 -37.35 1.42
N SER A 2183 38.37 -38.36 2.29
CA SER A 2183 39.54 -39.15 2.62
C SER A 2183 39.98 -40.01 1.45
N THR A 2184 41.12 -40.66 1.63
CA THR A 2184 41.73 -41.47 0.57
C THR A 2184 41.33 -42.93 0.67
N ASN A 2185 40.85 -43.39 1.83
CA ASN A 2185 40.45 -44.78 1.99
C ASN A 2185 39.26 -45.10 1.10
N ALA A 2186 39.29 -46.27 0.49
CA ALA A 2186 38.28 -46.67 -0.48
C ALA A 2186 37.04 -47.21 0.23
N ASP A 2187 35.99 -47.39 -0.58
CA ASP A 2187 34.70 -47.94 -0.13
C ASP A 2187 34.06 -47.08 0.97
N SER A 2188 33.89 -45.80 0.66
CA SER A 2188 32.97 -44.95 1.40
C SER A 2188 31.64 -44.95 0.65
N ALA A 2189 30.73 -44.05 1.01
CA ALA A 2189 29.55 -43.86 0.19
C ALA A 2189 29.95 -43.18 -1.10
N ARG A 2190 29.47 -43.71 -2.23
CA ARG A 2190 29.94 -43.21 -3.51
C ARG A 2190 29.35 -41.85 -3.82
N VAL A 2191 28.06 -41.65 -3.57
CA VAL A 2191 27.37 -40.41 -3.87
C VAL A 2191 27.13 -39.67 -2.57
N LEU A 2192 27.28 -38.34 -2.61
CA LEU A 2192 27.09 -37.49 -1.44
C LEU A 2192 26.11 -36.39 -1.80
N LEU A 2193 25.03 -36.30 -1.05
CA LEU A 2193 23.91 -35.45 -1.43
C LEU A 2193 23.97 -34.12 -0.71
N LEU A 2194 24.17 -33.05 -1.46
CA LEU A 2194 24.36 -31.72 -0.89
C LEU A 2194 23.10 -30.90 -1.02
N LYS A 2195 22.78 -30.15 0.01
CA LYS A 2195 21.70 -29.19 -0.05
C LYS A 2195 22.26 -27.86 -0.52
N MET A 2196 21.66 -27.30 -1.55
CA MET A 2196 22.05 -25.98 -2.01
C MET A 2196 21.37 -24.92 -1.16
N ASN A 2197 21.93 -23.71 -1.16
CA ASN A 2197 21.42 -22.61 -0.34
C ASN A 2197 21.52 -22.91 1.16
N ASP A 2198 22.39 -23.85 1.52
CA ASP A 2198 22.50 -24.28 2.91
C ASP A 2198 23.97 -24.28 3.31
N ALA A 2199 24.21 -24.14 4.62
CA ALA A 2199 25.57 -24.08 5.11
C ALA A 2199 26.33 -25.37 4.83
N SER A 2200 25.66 -26.42 4.36
CA SER A 2200 26.37 -27.65 4.03
C SER A 2200 27.19 -27.51 2.75
N ALA A 2201 26.71 -26.75 1.78
CA ALA A 2201 27.49 -26.41 0.61
C ALA A 2201 28.22 -25.08 0.78
N ALA A 2202 28.95 -24.92 1.88
CA ALA A 2202 29.60 -23.64 2.14
C ALA A 2202 30.92 -23.54 1.41
N GLY A 2203 31.88 -24.38 1.76
CA GLY A 2203 33.05 -24.62 0.95
C GLY A 2203 33.74 -25.81 1.57
N SER A 2204 34.01 -26.84 0.80
CA SER A 2204 34.31 -28.12 1.42
C SER A 2204 35.64 -28.70 1.00
N ASN A 2205 36.23 -28.25 -0.11
CA ASN A 2205 37.53 -28.73 -0.55
C ASN A 2205 37.48 -30.23 -0.84
N LEU A 2206 36.31 -30.73 -1.25
CA LEU A 2206 36.16 -32.11 -1.66
C LEU A 2206 36.42 -32.22 -3.15
N THR A 2207 37.50 -32.89 -3.51
CA THR A 2207 37.83 -33.15 -4.91
C THR A 2207 37.96 -34.63 -5.19
N THR A 2208 37.54 -35.48 -4.25
CA THR A 2208 37.49 -36.90 -4.53
C THR A 2208 36.54 -37.18 -5.69
N ALA A 2209 35.40 -36.49 -5.72
CA ALA A 2209 34.47 -36.65 -6.81
C ALA A 2209 34.94 -35.85 -8.02
N ASN A 2210 34.25 -36.03 -9.14
CA ASN A 2210 34.56 -35.24 -10.31
C ASN A 2210 33.37 -34.76 -11.11
N HIS A 2211 32.14 -35.13 -10.77
CA HIS A 2211 31.01 -34.58 -11.49
C HIS A 2211 29.76 -34.55 -10.64
N ALA A 2212 29.00 -33.47 -10.81
CA ALA A 2212 27.79 -33.19 -10.09
C ALA A 2212 26.60 -33.78 -10.84
N VAL A 2213 25.41 -33.57 -10.29
CA VAL A 2213 24.18 -33.95 -10.98
C VAL A 2213 23.25 -32.77 -11.13
N PHE A 2214 23.02 -32.02 -10.05
CA PHE A 2214 22.50 -30.66 -10.15
C PHE A 2214 21.10 -30.66 -10.77
N LEU A 2215 20.18 -31.36 -10.10
CA LEU A 2215 18.94 -31.77 -10.74
C LEU A 2215 18.05 -30.59 -11.15
N GLY A 2216 17.55 -29.83 -10.19
CA GLY A 2216 16.59 -28.79 -10.51
C GLY A 2216 17.24 -27.46 -10.78
N PRO A 2217 16.87 -26.81 -11.89
CA PRO A 2217 17.48 -25.53 -12.24
C PRO A 2217 17.25 -24.50 -11.15
N LEU A 2218 18.28 -23.70 -10.88
CA LEU A 2218 18.22 -22.74 -9.79
C LEU A 2218 17.16 -21.69 -10.06
N PHE A 2219 16.45 -21.30 -9.01
CA PHE A 2219 15.30 -20.42 -9.16
C PHE A 2219 15.56 -18.97 -8.79
N THR A 2220 16.57 -18.68 -7.99
CA THR A 2220 16.67 -17.38 -7.32
C THR A 2220 16.51 -16.22 -8.29
N ASN A 2221 16.05 -15.09 -7.76
CA ASN A 2221 15.62 -13.98 -8.60
C ASN A 2221 16.79 -13.29 -9.29
N SER A 2222 17.74 -12.76 -8.51
CA SER A 2222 18.78 -11.93 -9.08
C SER A 2222 19.69 -12.71 -10.00
N LEU A 2223 19.94 -12.15 -11.19
CA LEU A 2223 20.87 -12.78 -12.12
C LEU A 2223 22.28 -12.83 -11.56
N PHE A 2224 22.71 -11.76 -10.91
CA PHE A 2224 24.02 -11.75 -10.27
C PHE A 2224 24.09 -12.78 -9.16
N ASN A 2225 23.03 -12.89 -8.37
CA ASN A 2225 22.98 -13.89 -7.30
C ASN A 2225 22.93 -15.29 -7.86
N TYR A 2226 22.09 -15.52 -8.87
CA TYR A 2226 22.06 -16.80 -9.57
C TYR A 2226 23.45 -17.19 -10.03
N ARG A 2227 24.12 -16.31 -10.76
CA ARG A 2227 25.46 -16.59 -11.25
C ARG A 2227 26.40 -16.93 -10.11
N ALA A 2228 26.36 -16.15 -9.03
CA ALA A 2228 27.30 -16.38 -7.94
C ALA A 2228 27.09 -17.75 -7.31
N VAL A 2229 25.85 -18.11 -7.02
CA VAL A 2229 25.65 -19.37 -6.32
C VAL A 2229 25.86 -20.55 -7.27
N GLU A 2230 25.56 -20.39 -8.56
CA GLU A 2230 25.83 -21.49 -9.47
C GLU A 2230 27.32 -21.71 -9.64
N THR A 2231 28.12 -20.64 -9.75
CA THR A 2231 29.56 -20.83 -9.83
C THR A 2231 30.12 -21.40 -8.53
N GLN A 2232 29.53 -21.07 -7.40
CA GLN A 2232 29.97 -21.70 -6.15
C GLN A 2232 29.69 -23.20 -6.18
N ALA A 2233 28.47 -23.58 -6.56
CA ALA A 2233 28.12 -24.98 -6.63
C ALA A 2233 29.03 -25.75 -7.57
N ILE A 2234 29.29 -25.19 -8.75
CA ILE A 2234 30.22 -25.81 -9.69
C ILE A 2234 31.59 -25.95 -9.06
N GLY A 2235 32.16 -24.83 -8.60
CA GLY A 2235 33.49 -24.82 -8.05
C GLY A 2235 33.69 -25.73 -6.86
N ARG A 2236 32.61 -26.32 -6.34
CA ARG A 2236 32.76 -27.26 -5.19
C ARG A 2236 33.64 -28.44 -5.62
N VAL A 2237 33.69 -28.72 -6.92
CA VAL A 2237 34.48 -29.83 -7.45
C VAL A 2237 35.57 -29.35 -8.42
N ARG A 2238 35.30 -28.29 -9.19
CA ARG A 2238 36.32 -27.68 -10.03
C ARG A 2238 37.21 -26.83 -9.11
N ARG A 2239 38.26 -27.45 -8.58
CA ARG A 2239 39.13 -26.82 -7.61
C ARG A 2239 40.59 -26.94 -8.06
N TYR A 2240 41.50 -26.60 -7.15
CA TYR A 2240 42.91 -26.66 -7.48
C TYR A 2240 43.39 -28.08 -7.62
N GLY A 2241 43.35 -28.86 -6.54
CA GLY A 2241 43.87 -30.21 -6.57
C GLY A 2241 42.92 -31.21 -7.20
N GLN A 2242 42.60 -31.02 -8.47
CA GLN A 2242 41.54 -31.80 -9.10
C GLN A 2242 42.08 -33.06 -9.76
N GLN A 2243 43.08 -32.91 -10.63
CA GLN A 2243 43.77 -34.05 -11.25
C GLN A 2243 42.83 -34.91 -12.09
N LYS A 2244 41.83 -34.31 -12.72
CA LYS A 2244 40.81 -35.11 -13.41
C LYS A 2244 39.94 -34.18 -14.24
N LYS A 2245 39.11 -34.79 -15.08
CA LYS A 2245 38.15 -34.05 -15.89
C LYS A 2245 36.78 -34.09 -15.24
N VAL A 2246 36.08 -32.97 -15.27
CA VAL A 2246 34.84 -32.81 -14.52
C VAL A 2246 33.66 -32.71 -15.48
N HIS A 2247 32.55 -33.31 -15.08
CA HIS A 2247 31.32 -33.26 -15.86
C HIS A 2247 30.25 -32.57 -15.04
N ILE A 2248 29.23 -32.06 -15.72
CA ILE A 2248 28.08 -31.47 -15.05
C ILE A 2248 26.83 -31.90 -15.79
N HIS A 2249 25.92 -32.56 -15.09
CA HIS A 2249 24.68 -33.04 -15.66
C HIS A 2249 23.55 -32.10 -15.26
N ARG A 2250 22.39 -32.31 -15.87
CA ARG A 2250 21.19 -31.54 -15.55
C ARG A 2250 19.98 -32.39 -15.93
N LEU A 2251 18.99 -32.41 -15.07
CA LEU A 2251 17.79 -33.22 -15.28
C LEU A 2251 16.62 -32.25 -15.46
N LEU A 2252 16.29 -31.94 -16.71
CA LEU A 2252 15.30 -30.94 -17.01
C LEU A 2252 14.12 -31.58 -17.73
N ALA A 2253 12.91 -31.08 -17.46
CA ALA A 2253 11.71 -31.64 -18.04
C ALA A 2253 11.30 -30.84 -19.27
N LEU A 2254 10.86 -31.56 -20.31
CA LEU A 2254 10.51 -30.90 -21.56
C LEU A 2254 9.22 -30.08 -21.43
N ASP A 2255 8.28 -30.55 -20.62
CA ASP A 2255 7.00 -29.87 -20.53
C ASP A 2255 7.05 -28.72 -19.51
N THR A 2256 7.74 -28.93 -18.41
CA THR A 2256 7.52 -28.15 -17.20
C THR A 2256 8.14 -26.76 -17.34
N ILE A 2257 8.22 -26.05 -16.21
CA ILE A 2257 8.87 -24.74 -16.16
C ILE A 2257 10.38 -24.83 -16.11
N ASP A 2258 10.92 -26.03 -15.87
CA ASP A 2258 12.37 -26.17 -15.76
C ASP A 2258 13.08 -25.68 -17.01
N MET A 2259 12.68 -26.18 -18.17
CA MET A 2259 13.31 -25.76 -19.40
C MET A 2259 13.09 -24.27 -19.66
N THR A 2260 11.97 -23.71 -19.19
CA THR A 2260 11.72 -22.30 -19.39
C THR A 2260 12.70 -21.44 -18.61
N ILE A 2261 12.81 -21.66 -17.30
CA ILE A 2261 13.72 -20.82 -16.54
C ILE A 2261 15.16 -21.13 -16.91
N PHE A 2262 15.45 -22.35 -17.35
CA PHE A 2262 16.80 -22.66 -17.80
C PHE A 2262 17.15 -21.86 -19.04
N ASN A 2263 16.26 -21.83 -20.03
CA ASN A 2263 16.50 -21.05 -21.23
C ASN A 2263 16.65 -19.57 -20.90
N ALA A 2264 15.73 -19.03 -20.09
CA ALA A 2264 15.83 -17.62 -19.73
C ALA A 2264 17.18 -17.29 -19.10
N ARG A 2265 17.55 -18.02 -18.04
CA ARG A 2265 18.79 -17.71 -17.35
C ARG A 2265 20.01 -17.92 -18.23
N ARG A 2266 20.06 -19.03 -18.97
CA ARG A 2266 21.23 -19.31 -19.78
C ARG A 2266 21.39 -18.27 -20.89
N THR A 2267 20.30 -17.90 -21.56
CA THR A 2267 20.42 -16.89 -22.60
C THR A 2267 20.83 -15.54 -22.03
N GLU A 2268 20.17 -15.12 -20.94
CA GLU A 2268 20.51 -13.83 -20.36
C GLU A 2268 21.96 -13.78 -19.92
N LEU A 2269 22.50 -14.90 -19.44
CA LEU A 2269 23.92 -14.95 -19.14
C LEU A 2269 24.75 -14.84 -20.40
N LYS A 2270 24.41 -15.64 -21.42
CA LYS A 2270 25.21 -15.67 -22.64
C LYS A 2270 25.26 -14.31 -23.31
N GLU A 2271 24.24 -13.48 -23.11
CA GLU A 2271 24.32 -12.12 -23.63
C GLU A 2271 25.15 -11.23 -22.74
N LYS A 2272 25.10 -11.42 -21.42
CA LYS A 2272 25.73 -10.52 -20.46
C LYS A 2272 27.23 -10.76 -20.35
N THR A 2273 27.82 -10.31 -19.26
CA THR A 2273 29.25 -10.36 -18.99
C THR A 2273 29.81 -11.76 -19.22
N ASP A 2274 31.14 -11.86 -19.29
CA ASP A 2274 31.83 -12.97 -19.94
C ASP A 2274 31.21 -14.33 -19.65
N TRP A 2275 31.27 -14.79 -18.40
CA TRP A 2275 30.66 -16.05 -17.98
C TRP A 2275 30.81 -17.09 -19.10
N GLU A 2276 32.06 -17.37 -19.43
CA GLU A 2276 32.35 -18.20 -20.59
C GLU A 2276 31.60 -19.52 -20.49
N GLU A 2277 30.74 -19.78 -21.47
CA GLU A 2277 29.93 -20.98 -21.47
C GLU A 2277 30.80 -22.23 -21.42
N ILE A 2278 30.20 -23.33 -20.99
CA ILE A 2278 30.88 -24.60 -20.81
C ILE A 2278 30.71 -25.39 -22.10
N PRO A 2279 31.71 -26.16 -22.54
CA PRO A 2279 31.67 -26.79 -23.87
C PRO A 2279 30.36 -27.48 -24.26
N GLN A 2280 29.65 -28.13 -23.33
CA GLN A 2280 28.37 -28.78 -23.60
C GLN A 2280 28.47 -29.90 -24.64
N GLU A 2281 29.17 -30.97 -24.26
CA GLU A 2281 29.16 -32.22 -25.01
C GLU A 2281 27.88 -33.00 -24.69
N GLU A 2282 27.88 -34.29 -25.04
CA GLU A 2282 26.80 -35.19 -24.65
C GLU A 2282 27.38 -36.44 -24.00
N TYR A 2283 26.63 -37.03 -23.07
CA TYR A 2283 27.15 -38.10 -22.23
C TYR A 2283 26.93 -39.45 -22.88
N LYS A 2284 28.02 -40.24 -22.98
CA LYS A 2284 27.96 -41.63 -23.40
C LYS A 2284 28.87 -42.46 -22.50
N GLY A 2285 28.76 -42.25 -21.20
CA GLY A 2285 29.67 -42.89 -20.26
C GLY A 2285 29.48 -44.38 -20.12
N ARG A 2286 28.36 -44.80 -19.54
CA ARG A 2286 28.04 -46.20 -19.34
C ARG A 2286 29.19 -46.94 -18.67
N GLY A 2287 29.47 -46.55 -17.43
CA GLY A 2287 30.56 -47.16 -16.69
C GLY A 2287 30.21 -48.49 -16.08
N SER A 2288 28.91 -48.77 -15.94
CA SER A 2288 28.46 -50.02 -15.34
C SER A 2288 27.02 -50.31 -15.73
#